data_5IHZ
#
_entry.id   5IHZ
#
_cell.length_a   74.270
_cell.length_b   147.810
_cell.length_c   95.230
_cell.angle_alpha   90.00
_cell.angle_beta   103.50
_cell.angle_gamma   90.00
#
_symmetry.space_group_name_H-M   'P 1 21 1'
#
loop_
_entity.id
_entity.type
_entity.pdbx_description
1 polymer '1E01 Fab fragment heavy chain'
2 polymer '1E01 Fab fragment light chain'
3 water water
#
loop_
_entity_poly.entity_id
_entity_poly.type
_entity_poly.pdbx_seq_one_letter_code
_entity_poly.pdbx_strand_id
1 'polypeptide(L)'
;EVQLLESGGGLVQPGGSLRLSCAASGFTFSTYAMSWVRQAPGKGLEWVSGISGSGGSTYYADSVKGRFTTSRDNSKNTLY
LQMNSLRAEDTAVYYCAKFSGKDCSGTSCRDYWGQGTLVTVSSASTKGPSVFPLAPSSKSTSGGTAALGCLVKDYFPEPV
TVSWNSGALTSGVHTFPAVLQSSGLYSLSSVVTVPSSSLGTQTYICNVNHKPSNTKVDKKVEPKSCD
;
A,C,E,H
2 'polypeptide(L)'
;QLVLTQSPSASASLGASVRLTCTLSSGHSSYVIAWHQQQSEKGPRYLMKVNSDGSHSKGDGIPDRFSGSSSGAERYLTIS
SLQSEDEADYYCQTWGAGILVFGGGTKLTVLSQPKAAPSVTLFPPSSEELQANKATLVCLISDFYPGAVTVAWKADSSPV
KAGVETTTPSKQSNNKYAASSYLSLTPEQWKSHRSYSCQVTHEGSTVEKTVAPTEC
;
B,D,F,L
#
# COMPACT_ATOMS: atom_id res chain seq x y z
N VAL A 2 -24.72 5.73 2.43
CA VAL A 2 -24.13 4.45 2.01
C VAL A 2 -23.29 4.62 0.75
N GLN A 3 -22.08 4.04 0.77
CA GLN A 3 -21.26 3.97 -0.42
C GLN A 3 -20.68 2.58 -0.51
N LEU A 4 -20.62 2.08 -1.75
CA LEU A 4 -19.98 0.82 -2.12
C LEU A 4 -19.01 1.15 -3.23
N LEU A 5 -17.73 0.83 -3.03
CA LEU A 5 -16.69 1.21 -3.98
C LEU A 5 -15.86 -0.02 -4.33
N GLU A 6 -16.00 -0.49 -5.57
CA GLU A 6 -15.26 -1.64 -6.06
C GLU A 6 -13.86 -1.25 -6.50
N SER A 7 -12.94 -2.20 -6.37
CA SER A 7 -11.62 -2.05 -6.98
C SER A 7 -11.09 -3.42 -7.38
N GLY A 8 -10.02 -3.39 -8.15
CA GLY A 8 -9.33 -4.61 -8.49
C GLY A 8 -9.55 -5.13 -9.89
N GLY A 9 -10.45 -4.55 -10.67
CA GLY A 9 -10.61 -5.01 -12.03
C GLY A 9 -9.39 -4.72 -12.90
N GLY A 10 -9.24 -5.51 -13.94
CA GLY A 10 -8.12 -5.35 -14.87
C GLY A 10 -8.12 -6.49 -15.86
N LEU A 11 -7.01 -6.60 -16.59
CA LEU A 11 -6.87 -7.57 -17.66
C LEU A 11 -6.18 -8.81 -17.12
N VAL A 12 -6.70 -9.98 -17.47
CA VAL A 12 -6.15 -11.25 -17.00
C VAL A 12 -6.14 -12.24 -18.16
N GLN A 13 -5.09 -13.05 -18.25
CA GLN A 13 -5.08 -14.06 -19.29
C GLN A 13 -6.08 -15.16 -18.96
N PRO A 14 -6.61 -15.82 -19.99
CA PRO A 14 -7.47 -16.98 -19.75
C PRO A 14 -6.74 -17.98 -18.88
N GLY A 15 -7.46 -18.51 -17.88
CA GLY A 15 -6.85 -19.39 -16.89
C GLY A 15 -6.27 -18.66 -15.69
N GLY A 16 -6.16 -17.33 -15.75
CA GLY A 16 -5.58 -16.56 -14.68
C GLY A 16 -6.54 -16.25 -13.54
N SER A 17 -6.03 -15.47 -12.60
CA SER A 17 -6.69 -15.18 -11.34
C SER A 17 -6.72 -13.69 -11.08
N LEU A 18 -7.74 -13.27 -10.34
CA LEU A 18 -7.92 -11.87 -9.99
C LEU A 18 -8.81 -11.81 -8.77
N ARG A 19 -8.56 -10.82 -7.90
CA ARG A 19 -9.40 -10.61 -6.74
C ARG A 19 -10.00 -9.22 -6.80
N LEU A 20 -11.32 -9.14 -6.66
CA LEU A 20 -12.01 -7.86 -6.52
C LEU A 20 -12.27 -7.55 -5.06
N SER A 21 -12.31 -6.25 -4.73
CA SER A 21 -12.66 -5.80 -3.40
C SER A 21 -13.79 -4.79 -3.48
N CYS A 22 -14.61 -4.70 -2.44
CA CYS A 22 -15.67 -3.71 -2.40
C CYS A 22 -15.67 -3.10 -1.01
N ALA A 23 -15.34 -1.80 -0.94
CA ALA A 23 -15.29 -1.09 0.33
C ALA A 23 -16.66 -0.50 0.62
N ALA A 24 -17.25 -0.92 1.73
CA ALA A 24 -18.57 -0.47 2.14
C ALA A 24 -18.48 0.56 3.25
N SER A 25 -19.38 1.54 3.23
CA SER A 25 -19.40 2.51 4.31
C SER A 25 -20.83 3.01 4.48
N GLY A 26 -21.13 3.55 5.66
CA GLY A 26 -22.41 4.17 5.92
C GLY A 26 -23.49 3.27 6.49
N PHE A 27 -23.17 2.04 6.85
CA PHE A 27 -24.15 1.12 7.44
C PHE A 27 -23.38 0.01 8.14
N THR A 28 -24.05 -0.67 9.06
CA THR A 28 -23.42 -1.77 9.80
C THR A 28 -23.30 -2.95 8.85
N PHE A 29 -22.10 -3.08 8.27
CA PHE A 29 -21.83 -4.03 7.21
C PHE A 29 -22.25 -5.45 7.60
N SER A 30 -21.85 -5.91 8.79
CA SER A 30 -22.05 -7.30 9.16
C SER A 30 -23.52 -7.68 9.34
N THR A 31 -24.44 -6.70 9.40
CA THR A 31 -25.86 -7.03 9.51
C THR A 31 -26.45 -7.53 8.19
N TYR A 32 -25.81 -7.25 7.05
CA TYR A 32 -26.46 -7.45 5.76
C TYR A 32 -25.75 -8.46 4.90
N ALA A 33 -26.53 -9.33 4.26
CA ALA A 33 -26.02 -10.11 3.15
C ALA A 33 -25.56 -9.19 2.02
N MET A 34 -24.45 -9.57 1.40
CA MET A 34 -23.83 -8.79 0.32
C MET A 34 -23.77 -9.64 -0.94
N SER A 35 -23.80 -8.98 -2.09
CA SER A 35 -23.86 -9.70 -3.36
C SER A 35 -22.84 -9.18 -4.37
N TRP A 36 -22.49 -10.04 -5.30
CA TRP A 36 -21.77 -9.66 -6.51
C TRP A 36 -22.68 -9.92 -7.71
N VAL A 37 -22.72 -8.95 -8.64
CA VAL A 37 -23.52 -9.01 -9.86
C VAL A 37 -22.59 -8.61 -10.99
N ARG A 38 -22.78 -9.18 -12.18
CA ARG A 38 -21.94 -8.77 -13.29
C ARG A 38 -22.78 -8.48 -14.51
N GLN A 39 -22.18 -7.77 -15.46
CA GLN A 39 -22.86 -7.39 -16.70
C GLN A 39 -21.86 -7.44 -17.84
N ALA A 40 -22.03 -8.44 -18.71
CA ALA A 40 -21.21 -8.56 -19.92
C ALA A 40 -21.64 -7.50 -20.93
N PRO A 41 -20.75 -7.11 -21.84
CA PRO A 41 -21.08 -6.03 -22.77
C PRO A 41 -22.35 -6.31 -23.57
N GLY A 42 -23.25 -5.33 -23.57
CA GLY A 42 -24.51 -5.47 -24.28
C GLY A 42 -25.47 -6.51 -23.73
N LYS A 43 -25.26 -7.02 -22.52
CA LYS A 43 -26.16 -8.02 -21.95
C LYS A 43 -26.81 -7.49 -20.66
N GLY A 44 -27.59 -8.37 -20.04
CA GLY A 44 -28.32 -8.05 -18.83
C GLY A 44 -27.50 -8.24 -17.56
N LEU A 45 -28.12 -7.87 -16.44
CA LEU A 45 -27.52 -8.10 -15.11
C LEU A 45 -27.58 -9.59 -14.77
N GLU A 46 -26.47 -10.15 -14.26
CA GLU A 46 -26.39 -11.56 -13.96
C GLU A 46 -25.88 -11.70 -12.52
N TRP A 47 -26.63 -12.40 -11.67
CA TRP A 47 -26.14 -12.65 -10.32
C TRP A 47 -24.91 -13.56 -10.34
N VAL A 48 -23.91 -13.21 -9.52
CA VAL A 48 -22.68 -14.00 -9.41
C VAL A 48 -22.64 -14.74 -8.07
N SER A 49 -22.80 -14.02 -6.96
CA SER A 49 -22.62 -14.66 -5.66
C SER A 49 -23.27 -13.83 -4.58
N GLY A 50 -23.64 -14.48 -3.47
CA GLY A 50 -24.11 -13.76 -2.31
C GLY A 50 -23.51 -14.37 -1.06
N ILE A 51 -23.34 -13.55 -0.04
CA ILE A 51 -22.73 -14.03 1.21
C ILE A 51 -23.51 -13.44 2.39
N SER A 52 -23.83 -14.27 3.39
CA SER A 52 -24.60 -13.76 4.52
C SER A 52 -23.77 -12.76 5.34
N GLY A 53 -24.49 -11.96 6.12
CA GLY A 53 -23.88 -10.96 6.99
C GLY A 53 -22.85 -11.73 7.79
N SER A 54 -21.63 -11.25 7.93
CA SER A 54 -20.76 -12.14 8.75
C SER A 54 -20.33 -13.53 8.24
N GLY A 55 -20.82 -14.01 7.08
CA GLY A 55 -20.03 -14.90 6.25
C GLY A 55 -20.26 -16.40 6.34
N GLY A 56 -21.18 -16.86 7.18
CA GLY A 56 -21.34 -18.29 7.38
C GLY A 56 -22.01 -19.03 6.23
N SER A 57 -22.70 -18.34 5.33
CA SER A 57 -23.39 -18.97 4.21
C SER A 57 -23.08 -18.21 2.94
N THR A 58 -22.72 -18.94 1.90
CA THR A 58 -22.32 -18.36 0.62
C THR A 58 -22.99 -19.13 -0.51
N TYR A 59 -23.44 -18.40 -1.54
CA TYR A 59 -24.16 -18.98 -2.67
C TYR A 59 -23.53 -18.48 -3.96
N TYR A 60 -23.58 -19.31 -4.99
CA TYR A 60 -22.92 -18.99 -6.26
C TYR A 60 -23.81 -19.34 -7.44
N ALA A 61 -23.75 -18.51 -8.48
CA ALA A 61 -24.34 -18.92 -9.75
C ALA A 61 -23.63 -20.15 -10.27
N ASP A 62 -24.38 -21.02 -10.96
CA ASP A 62 -23.78 -22.26 -11.49
C ASP A 62 -22.58 -21.98 -12.41
N SER A 63 -22.60 -20.86 -13.14
CA SER A 63 -21.56 -20.53 -14.11
C SER A 63 -20.19 -20.24 -13.49
N VAL A 64 -20.13 -19.98 -12.18
CA VAL A 64 -18.87 -19.64 -11.53
C VAL A 64 -18.52 -20.60 -10.40
N LYS A 65 -19.36 -21.58 -10.12
CA LYS A 65 -19.12 -22.50 -9.01
C LYS A 65 -17.77 -23.20 -9.14
N GLY A 66 -17.01 -23.24 -8.03
CA GLY A 66 -15.72 -23.90 -7.99
C GLY A 66 -14.55 -23.06 -8.44
N ARG A 67 -14.81 -21.93 -9.10
CA ARG A 67 -13.78 -21.03 -9.61
C ARG A 67 -13.76 -19.69 -8.89
N PHE A 68 -14.90 -19.24 -8.41
CA PHE A 68 -15.03 -17.98 -7.69
C PHE A 68 -15.29 -18.26 -6.23
N THR A 69 -14.68 -17.47 -5.35
CA THR A 69 -14.86 -17.58 -3.90
C THR A 69 -15.11 -16.21 -3.31
N THR A 70 -16.26 -16.05 -2.67
CA THR A 70 -16.62 -14.79 -2.04
C THR A 70 -16.22 -14.85 -0.58
N SER A 71 -15.77 -13.71 -0.04
CA SER A 71 -15.50 -13.61 1.38
C SER A 71 -15.71 -12.18 1.84
N ARG A 72 -15.61 -11.96 3.14
CA ARG A 72 -15.84 -10.60 3.62
C ARG A 72 -15.07 -10.38 4.91
N ASP A 73 -14.74 -9.12 5.18
CA ASP A 73 -14.06 -8.72 6.42
C ASP A 73 -14.97 -7.74 7.15
N ASN A 74 -15.54 -8.17 8.26
CA ASN A 74 -16.53 -7.39 8.96
C ASN A 74 -15.93 -6.38 9.92
N SER A 75 -14.62 -6.25 9.94
CA SER A 75 -14.03 -5.11 10.65
C SER A 75 -13.59 -4.03 9.69
N LYS A 76 -13.00 -4.43 8.55
CA LYS A 76 -12.63 -3.52 7.49
C LYS A 76 -13.81 -3.16 6.60
N ASN A 77 -14.95 -3.81 6.80
CA ASN A 77 -16.18 -3.58 6.02
C ASN A 77 -15.91 -3.71 4.54
N THR A 78 -15.31 -4.83 4.16
CA THR A 78 -14.91 -5.08 2.78
C THR A 78 -15.43 -6.42 2.30
N LEU A 79 -15.96 -6.42 1.10
CA LEU A 79 -16.40 -7.62 0.42
C LEU A 79 -15.40 -7.99 -0.66
N TYR A 80 -15.12 -9.29 -0.81
CA TYR A 80 -14.14 -9.78 -1.76
C TYR A 80 -14.73 -10.81 -2.71
N LEU A 81 -14.16 -10.85 -3.90
CA LEU A 81 -14.46 -11.91 -4.86
C LEU A 81 -13.14 -12.40 -5.43
N GLN A 82 -12.75 -13.63 -5.08
CA GLN A 82 -11.51 -14.22 -5.58
C GLN A 82 -11.84 -15.07 -6.78
N MET A 83 -11.28 -14.73 -7.93
CA MET A 83 -11.52 -15.48 -9.16
C MET A 83 -10.27 -16.25 -9.53
N ASN A 84 -10.45 -17.53 -9.81
CA ASN A 84 -9.38 -18.36 -10.37
C ASN A 84 -9.91 -19.04 -11.63
N SER A 85 -9.00 -19.54 -12.45
CA SER A 85 -9.38 -20.25 -13.69
C SER A 85 -10.37 -19.41 -14.52
N LEU A 86 -10.03 -18.14 -14.70
CA LEU A 86 -10.93 -17.22 -15.41
C LEU A 86 -11.08 -17.62 -16.88
N ARG A 87 -12.25 -17.33 -17.43
CA ARG A 87 -12.60 -17.67 -18.79
C ARG A 87 -12.97 -16.40 -19.55
N ALA A 88 -12.80 -16.42 -20.87
CA ALA A 88 -13.16 -15.26 -21.66
C ALA A 88 -14.59 -14.80 -21.36
N GLU A 89 -15.51 -15.75 -21.16
CA GLU A 89 -16.89 -15.37 -20.93
C GLU A 89 -17.14 -14.81 -19.54
N ASP A 90 -16.13 -14.79 -18.67
CA ASP A 90 -16.25 -14.04 -17.42
C ASP A 90 -16.00 -12.55 -17.60
N THR A 91 -15.64 -12.08 -18.81
CA THR A 91 -15.43 -10.66 -19.01
C THR A 91 -16.73 -9.90 -18.78
N ALA A 92 -16.69 -8.87 -17.93
CA ALA A 92 -17.90 -8.14 -17.54
C ALA A 92 -17.52 -7.00 -16.61
N VAL A 93 -18.45 -6.07 -16.43
CA VAL A 93 -18.38 -5.15 -15.30
C VAL A 93 -18.96 -5.85 -14.08
N TYR A 94 -18.20 -5.85 -12.97
CA TYR A 94 -18.62 -6.51 -11.74
C TYR A 94 -19.06 -5.45 -10.75
N TYR A 95 -20.24 -5.63 -10.17
CA TYR A 95 -20.83 -4.72 -9.21
C TYR A 95 -20.95 -5.38 -7.86
N CYS A 96 -20.57 -4.68 -6.80
CA CYS A 96 -21.05 -5.14 -5.49
C CYS A 96 -22.39 -4.48 -5.21
N ALA A 97 -23.21 -5.17 -4.43
CA ALA A 97 -24.51 -4.59 -4.14
C ALA A 97 -25.00 -5.11 -2.80
N LYS A 98 -25.88 -4.33 -2.18
CA LYS A 98 -26.53 -4.72 -0.94
C LYS A 98 -28.03 -4.73 -1.21
N PHE A 99 -28.61 -5.93 -1.29
CA PHE A 99 -30.05 -6.08 -1.49
C PHE A 99 -30.64 -6.52 -0.16
N SER A 100 -31.59 -5.75 0.36
CA SER A 100 -32.27 -6.13 1.59
C SER A 100 -33.24 -7.28 1.31
N ARG A 110 -33.94 -0.33 1.64
CA ARG A 110 -33.23 0.24 0.49
C ARG A 110 -32.09 -0.66 0.02
N ASP A 111 -32.01 -0.86 -1.28
CA ASP A 111 -30.88 -1.53 -1.92
C ASP A 111 -29.86 -0.50 -2.38
N TYR A 112 -28.60 -0.95 -2.49
CA TYR A 112 -27.50 -0.12 -2.92
C TYR A 112 -26.64 -0.87 -3.92
N TRP A 113 -26.11 -0.14 -4.90
CA TRP A 113 -25.21 -0.66 -5.92
C TRP A 113 -23.90 0.09 -5.83
N GLY A 114 -22.79 -0.61 -6.07
CA GLY A 114 -21.53 0.04 -6.32
C GLY A 114 -21.49 0.65 -7.72
N GLN A 115 -20.29 1.10 -8.09
CA GLN A 115 -20.13 1.75 -9.38
C GLN A 115 -19.59 0.83 -10.46
N GLY A 116 -19.14 -0.37 -10.10
CA GLY A 116 -18.66 -1.34 -11.05
C GLY A 116 -17.16 -1.30 -11.23
N THR A 117 -16.58 -2.48 -11.52
CA THR A 117 -15.18 -2.55 -11.94
C THR A 117 -15.08 -3.55 -13.08
N LEU A 118 -14.32 -3.20 -14.13
CA LEU A 118 -14.26 -4.01 -15.33
C LEU A 118 -13.21 -5.12 -15.21
N VAL A 119 -13.63 -6.34 -15.51
CA VAL A 119 -12.75 -7.50 -15.58
C VAL A 119 -12.71 -7.95 -17.03
N THR A 120 -11.52 -7.93 -17.63
CA THR A 120 -11.34 -8.34 -19.02
C THR A 120 -10.48 -9.59 -19.04
N VAL A 121 -11.01 -10.67 -19.58
CA VAL A 121 -10.27 -11.92 -19.70
C VAL A 121 -9.97 -12.10 -21.17
N SER A 122 -8.70 -11.98 -21.53
CA SER A 122 -8.31 -11.94 -22.93
C SER A 122 -6.86 -12.35 -23.03
N SER A 123 -6.51 -12.97 -24.16
CA SER A 123 -5.12 -13.26 -24.48
C SER A 123 -4.38 -12.08 -25.09
N ALA A 124 -5.07 -10.98 -25.38
CA ALA A 124 -4.41 -9.78 -25.88
C ALA A 124 -3.64 -9.07 -24.79
N SER A 125 -2.60 -8.35 -25.20
CA SER A 125 -1.70 -7.67 -24.29
C SER A 125 -2.20 -6.26 -23.96
N THR A 126 -1.74 -5.75 -22.82
CA THR A 126 -2.00 -4.37 -22.44
C THR A 126 -1.26 -3.44 -23.40
N LYS A 127 -1.90 -2.34 -23.77
CA LYS A 127 -1.23 -1.32 -24.59
C LYS A 127 -1.72 0.05 -24.15
N GLY A 128 -0.81 0.96 -23.82
CA GLY A 128 -1.18 2.32 -23.47
C GLY A 128 -1.48 3.14 -24.72
N PRO A 129 -2.29 4.19 -24.57
CA PRO A 129 -2.70 4.98 -25.74
C PRO A 129 -1.62 5.96 -26.17
N SER A 130 -1.69 6.33 -27.45
CA SER A 130 -1.06 7.57 -27.92
C SER A 130 -2.11 8.65 -27.83
N VAL A 131 -1.70 9.85 -27.43
CA VAL A 131 -2.64 10.95 -27.25
C VAL A 131 -2.27 12.04 -28.23
N PHE A 132 -3.23 12.45 -29.05
CA PHE A 132 -2.96 13.51 -29.98
C PHE A 132 -3.90 14.69 -29.73
N PRO A 133 -3.40 15.92 -29.85
CA PRO A 133 -4.28 17.08 -29.70
C PRO A 133 -5.16 17.23 -30.94
N LEU A 134 -6.39 17.71 -30.69
CA LEU A 134 -7.36 18.05 -31.73
C LEU A 134 -7.58 19.56 -31.76
N ALA A 135 -6.90 20.25 -32.69
CA ALA A 135 -7.27 21.63 -33.08
C ALA A 135 -7.24 22.62 -31.96
N PRO A 136 -8.19 23.61 -31.94
CA PRO A 136 -9.39 24.30 -32.49
C PRO A 136 -9.18 24.95 -33.86
N SER A 137 -10.26 25.12 -34.63
CA SER A 137 -10.24 25.90 -35.86
C SER A 137 -9.75 27.31 -35.60
N GLY A 144 -19.59 32.36 -31.02
CA GLY A 144 -18.29 32.73 -30.49
C GLY A 144 -17.57 31.59 -29.76
N THR A 145 -17.85 30.35 -30.15
CA THR A 145 -17.23 29.22 -29.48
C THR A 145 -16.45 28.36 -30.48
N ALA A 146 -15.49 27.61 -29.94
CA ALA A 146 -14.59 26.75 -30.69
C ALA A 146 -14.55 25.40 -30.00
N ALA A 147 -14.46 24.33 -30.79
CA ALA A 147 -14.33 22.97 -30.27
C ALA A 147 -12.87 22.54 -30.39
N LEU A 148 -12.32 21.98 -29.31
CA LEU A 148 -10.97 21.43 -29.34
C LEU A 148 -11.01 20.16 -28.50
N GLY A 149 -10.00 19.32 -28.66
CA GLY A 149 -10.12 18.05 -27.97
C GLY A 149 -8.83 17.28 -27.95
N CYS A 150 -8.95 16.01 -27.55
CA CYS A 150 -7.82 15.09 -27.53
C CYS A 150 -8.30 13.75 -28.06
N LEU A 151 -7.49 13.15 -28.91
CA LEU A 151 -7.72 11.82 -29.45
C LEU A 151 -6.87 10.84 -28.63
N VAL A 152 -7.51 9.84 -28.04
CA VAL A 152 -6.83 8.84 -27.21
C VAL A 152 -6.84 7.56 -28.04
N LYS A 153 -5.73 7.26 -28.71
CA LYS A 153 -5.70 6.28 -29.81
C LYS A 153 -5.04 4.97 -29.39
N ASP A 154 -5.70 3.84 -29.71
CA ASP A 154 -5.12 2.49 -29.73
C ASP A 154 -4.67 2.03 -28.34
N TYR A 155 -5.64 1.76 -27.48
CA TYR A 155 -5.30 1.27 -26.15
C TYR A 155 -6.08 -0.01 -25.84
N PHE A 156 -5.59 -0.75 -24.85
CA PHE A 156 -6.31 -1.96 -24.43
C PHE A 156 -5.80 -2.32 -23.03
N PRO A 157 -6.71 -2.72 -22.13
CA PRO A 157 -8.17 -2.77 -22.21
C PRO A 157 -8.83 -1.45 -21.81
N GLU A 158 -10.16 -1.40 -21.82
CA GLU A 158 -10.86 -0.32 -21.13
C GLU A 158 -10.54 -0.34 -19.64
N PRO A 159 -10.72 0.77 -18.92
CA PRO A 159 -11.18 2.11 -19.33
C PRO A 159 -10.07 3.15 -19.36
N VAL A 160 -10.41 4.31 -19.92
CA VAL A 160 -9.59 5.50 -19.92
C VAL A 160 -10.41 6.61 -19.28
N THR A 161 -9.78 7.45 -18.48
CA THR A 161 -10.46 8.64 -18.01
C THR A 161 -9.81 9.87 -18.62
N VAL A 162 -10.62 10.91 -18.83
CA VAL A 162 -10.10 12.16 -19.34
C VAL A 162 -10.64 13.29 -18.49
N SER A 163 -9.75 14.16 -18.02
CA SER A 163 -10.19 15.43 -17.44
C SER A 163 -9.57 16.58 -18.23
N TRP A 164 -10.00 17.80 -17.96
CA TRP A 164 -9.47 18.97 -18.62
C TRP A 164 -8.98 19.95 -17.56
N ASN A 165 -7.78 20.47 -17.76
CA ASN A 165 -7.15 21.41 -16.82
C ASN A 165 -7.23 20.89 -15.38
N SER A 166 -6.95 19.59 -15.23
CA SER A 166 -6.89 18.92 -13.94
C SER A 166 -8.20 19.01 -13.18
N GLY A 167 -9.31 19.10 -13.90
CA GLY A 167 -10.61 19.16 -13.27
C GLY A 167 -11.16 20.57 -13.12
N ALA A 168 -10.34 21.59 -13.38
CA ALA A 168 -10.82 22.97 -13.29
C ALA A 168 -11.80 23.31 -14.40
N LEU A 169 -11.80 22.53 -15.49
CA LEU A 169 -12.66 22.80 -16.66
C LEU A 169 -13.59 21.61 -16.81
N THR A 170 -14.89 21.85 -16.61
CA THR A 170 -15.87 20.77 -16.72
C THR A 170 -17.02 21.21 -17.61
N SER A 171 -17.31 22.50 -17.63
CA SER A 171 -18.38 23.01 -18.49
C SER A 171 -18.02 22.84 -19.96
N GLY A 172 -18.96 22.30 -20.75
CA GLY A 172 -18.73 22.11 -22.18
C GLY A 172 -17.88 20.91 -22.56
N VAL A 173 -17.52 20.06 -21.59
CA VAL A 173 -16.72 18.86 -21.85
C VAL A 173 -17.63 17.72 -22.27
N HIS A 174 -17.24 17.03 -23.33
CA HIS A 174 -17.96 15.82 -23.73
C HIS A 174 -16.92 14.75 -24.11
N THR A 175 -16.77 13.76 -23.23
CA THR A 175 -15.90 12.63 -23.51
C THR A 175 -16.76 11.51 -24.09
N PHE A 176 -16.41 11.04 -25.28
CA PHE A 176 -17.22 10.11 -26.02
C PHE A 176 -16.91 8.67 -25.62
N PRO A 177 -17.91 7.79 -25.66
CA PRO A 177 -17.63 6.35 -25.53
C PRO A 177 -16.64 5.87 -26.59
N ALA A 178 -15.81 4.92 -26.20
CA ALA A 178 -14.75 4.41 -27.08
C ALA A 178 -15.32 3.58 -28.23
N VAL A 179 -14.62 3.61 -29.35
CA VAL A 179 -14.81 2.66 -30.45
C VAL A 179 -13.89 1.48 -30.25
N LEU A 180 -14.40 0.27 -30.50
CA LEU A 180 -13.56 -0.92 -30.52
C LEU A 180 -13.23 -1.21 -31.98
N GLN A 181 -11.96 -1.05 -32.33
CA GLN A 181 -11.50 -1.22 -33.71
C GLN A 181 -11.23 -2.70 -34.03
N SER A 182 -11.14 -3.00 -35.32
CA SER A 182 -10.94 -4.38 -35.76
C SER A 182 -9.61 -4.94 -35.28
N SER A 183 -8.63 -4.06 -35.04
CA SER A 183 -7.36 -4.47 -34.47
C SER A 183 -7.52 -5.06 -33.08
N GLY A 184 -8.69 -4.89 -32.47
CA GLY A 184 -8.90 -5.23 -31.07
C GLY A 184 -8.51 -4.13 -30.11
N LEU A 185 -8.06 -2.98 -30.60
CA LEU A 185 -7.70 -1.85 -29.75
C LEU A 185 -8.82 -0.81 -29.73
N TYR A 186 -8.92 -0.10 -28.61
CA TYR A 186 -9.90 0.97 -28.45
C TYR A 186 -9.31 2.32 -28.84
N SER A 187 -10.20 3.24 -29.24
CA SER A 187 -9.88 4.66 -29.30
C SER A 187 -11.06 5.46 -28.77
N LEU A 188 -10.78 6.61 -28.15
CA LEU A 188 -11.86 7.51 -27.76
C LEU A 188 -11.40 8.94 -27.97
N SER A 189 -12.35 9.86 -27.94
CA SER A 189 -12.04 11.29 -28.02
C SER A 189 -12.80 12.04 -26.94
N SER A 190 -12.19 13.15 -26.53
CA SER A 190 -12.83 14.08 -25.60
C SER A 190 -12.75 15.46 -26.23
N VAL A 191 -13.87 16.19 -26.24
CA VAL A 191 -13.94 17.49 -26.87
C VAL A 191 -14.47 18.48 -25.84
N VAL A 192 -13.97 19.71 -25.89
CA VAL A 192 -14.51 20.75 -25.03
C VAL A 192 -14.81 21.96 -25.91
N THR A 193 -15.96 22.60 -25.67
CA THR A 193 -16.36 23.80 -26.37
C THR A 193 -16.03 24.99 -25.47
N VAL A 194 -15.24 25.93 -25.98
CA VAL A 194 -14.73 27.05 -25.20
C VAL A 194 -14.96 28.34 -25.99
N PRO A 195 -14.85 29.50 -25.34
CA PRO A 195 -14.98 30.76 -26.10
C PRO A 195 -13.84 30.87 -27.10
N SER A 196 -14.19 31.20 -28.35
CA SER A 196 -13.14 31.47 -29.32
C SER A 196 -12.21 32.57 -28.84
N SER A 197 -12.71 33.50 -28.03
CA SER A 197 -11.87 34.60 -27.59
C SER A 197 -10.80 34.16 -26.61
N SER A 198 -10.93 32.99 -26.00
CA SER A 198 -9.91 32.45 -25.10
C SER A 198 -8.78 31.71 -25.81
N LEU A 199 -8.86 31.44 -27.11
CA LEU A 199 -7.89 30.50 -27.69
C LEU A 199 -6.45 30.98 -27.57
N GLY A 200 -6.15 32.24 -27.86
CA GLY A 200 -4.74 32.60 -27.76
C GLY A 200 -4.12 32.34 -26.38
N THR A 201 -4.88 32.67 -25.36
CA THR A 201 -4.35 32.97 -24.04
C THR A 201 -4.62 31.94 -22.96
N GLN A 202 -5.78 31.28 -22.98
CA GLN A 202 -6.10 30.26 -22.00
C GLN A 202 -5.48 28.93 -22.40
N THR A 203 -4.78 28.30 -21.48
CA THR A 203 -4.19 27.01 -21.77
C THR A 203 -5.22 25.91 -21.51
N TYR A 204 -5.30 24.96 -22.44
CA TYR A 204 -6.19 23.82 -22.33
C TYR A 204 -5.34 22.55 -22.40
N ILE A 205 -5.41 21.74 -21.34
CA ILE A 205 -4.66 20.50 -21.24
C ILE A 205 -5.63 19.37 -20.98
N CYS A 206 -5.57 18.33 -21.79
CA CYS A 206 -6.36 17.15 -21.45
C CYS A 206 -5.50 16.20 -20.64
N ASN A 207 -6.04 15.75 -19.52
CA ASN A 207 -5.33 14.81 -18.64
C ASN A 207 -5.91 13.43 -18.89
N VAL A 208 -5.12 12.58 -19.53
CA VAL A 208 -5.57 11.25 -19.92
C VAL A 208 -4.96 10.22 -18.98
N ASN A 209 -5.78 9.35 -18.44
CA ASN A 209 -5.26 8.28 -17.59
C ASN A 209 -5.75 6.93 -18.08
N HIS A 210 -4.81 6.02 -18.32
CA HIS A 210 -5.11 4.63 -18.65
C HIS A 210 -4.41 3.80 -17.58
N LYS A 211 -5.13 3.55 -16.48
CA LYS A 211 -4.55 2.84 -15.34
C LYS A 211 -4.06 1.44 -15.68
N PRO A 212 -4.71 0.66 -16.54
CA PRO A 212 -4.18 -0.69 -16.82
C PRO A 212 -2.74 -0.69 -17.32
N SER A 213 -2.29 0.38 -17.97
CA SER A 213 -0.92 0.46 -18.47
C SER A 213 -0.08 1.49 -17.72
N ASN A 214 -0.56 2.00 -16.59
CA ASN A 214 0.16 3.05 -15.87
C ASN A 214 0.47 4.26 -16.76
N THR A 215 -0.40 4.58 -17.73
CA THR A 215 -0.17 5.67 -18.66
C THR A 215 -0.85 6.93 -18.15
N LYS A 216 -0.10 8.01 -18.00
CA LYS A 216 -0.66 9.30 -17.62
C LYS A 216 -0.09 10.33 -18.59
N VAL A 217 -0.96 10.95 -19.38
CA VAL A 217 -0.50 11.89 -20.38
C VAL A 217 -1.25 13.19 -20.17
N ASP A 218 -0.51 14.29 -20.14
CA ASP A 218 -1.12 15.62 -20.10
C ASP A 218 -0.79 16.27 -21.43
N LYS A 219 -1.80 16.51 -22.26
CA LYS A 219 -1.54 17.02 -23.60
C LYS A 219 -2.07 18.44 -23.71
N LYS A 220 -1.18 19.37 -23.99
CA LYS A 220 -1.59 20.74 -24.24
C LYS A 220 -2.12 20.81 -25.67
N VAL A 221 -3.29 21.43 -25.83
CA VAL A 221 -3.96 21.51 -27.11
C VAL A 221 -3.87 22.96 -27.55
N GLU A 222 -3.07 23.21 -28.60
CA GLU A 222 -2.77 24.56 -29.08
C GLU A 222 -3.60 24.89 -30.31
N PRO A 223 -3.92 26.17 -30.48
CA PRO A 223 -4.43 26.62 -31.76
C PRO A 223 -3.37 26.41 -32.83
N LYS A 224 -3.83 26.37 -34.08
CA LYS A 224 -2.90 26.14 -35.18
C LYS A 224 -2.53 27.45 -35.87
N GLN B 1 -36.87 -24.01 -11.07
CA GLN B 1 -36.83 -23.02 -10.00
C GLN B 1 -37.24 -21.64 -10.51
N LEU B 2 -37.14 -20.65 -9.63
CA LEU B 2 -37.72 -19.32 -9.86
C LEU B 2 -37.10 -18.59 -11.04
N VAL B 3 -37.95 -18.13 -11.96
CA VAL B 3 -37.53 -17.38 -13.14
C VAL B 3 -38.39 -16.12 -13.23
N LEU B 4 -37.77 -15.00 -13.60
CA LEU B 4 -38.48 -13.75 -13.87
C LEU B 4 -38.33 -13.43 -15.35
N THR B 5 -39.45 -13.14 -16.02
CA THR B 5 -39.39 -12.79 -17.44
C THR B 5 -39.97 -11.40 -17.65
N GLN B 6 -39.38 -10.67 -18.60
CA GLN B 6 -39.80 -9.32 -18.94
C GLN B 6 -39.90 -9.21 -20.45
N SER B 7 -40.83 -8.39 -20.92
CA SER B 7 -40.83 -8.10 -22.34
C SER B 7 -39.64 -7.22 -22.68
N PRO B 8 -39.00 -7.44 -23.82
CA PRO B 8 -37.73 -6.73 -24.08
C PRO B 8 -37.86 -5.22 -24.24
N SER B 9 -39.03 -4.72 -24.67
CA SER B 9 -39.18 -3.28 -24.92
C SER B 9 -40.55 -2.77 -24.51
N ALA B 10 -40.63 -1.47 -24.20
CA ALA B 10 -41.87 -0.78 -23.88
C ALA B 10 -41.78 0.68 -24.32
N SER B 11 -42.93 1.31 -24.56
CA SER B 11 -42.93 2.73 -24.91
C SER B 11 -44.20 3.42 -24.42
N ALA B 12 -44.08 4.72 -24.19
CA ALA B 12 -45.19 5.59 -23.85
C ALA B 12 -44.75 7.03 -24.11
N SER B 13 -45.74 7.92 -24.14
CA SER B 13 -45.49 9.28 -24.61
C SER B 13 -45.03 10.19 -23.48
N LEU B 14 -44.23 11.19 -23.85
CA LEU B 14 -43.82 12.22 -22.92
C LEU B 14 -45.03 12.78 -22.17
N GLY B 15 -44.90 12.86 -20.85
CA GLY B 15 -45.95 13.37 -19.98
C GLY B 15 -47.04 12.38 -19.63
N ALA B 16 -47.14 11.25 -20.32
CA ALA B 16 -48.13 10.22 -20.04
C ALA B 16 -47.58 9.23 -19.01
N SER B 17 -48.28 8.13 -18.79
CA SER B 17 -47.84 7.09 -17.87
C SER B 17 -47.54 5.79 -18.59
N VAL B 18 -46.68 4.97 -17.97
CA VAL B 18 -46.37 3.66 -18.50
C VAL B 18 -46.31 2.69 -17.34
N ARG B 19 -46.67 1.43 -17.60
CA ARG B 19 -46.55 0.34 -16.63
C ARG B 19 -45.69 -0.78 -17.21
N LEU B 20 -44.64 -1.16 -16.47
CA LEU B 20 -43.76 -2.25 -16.85
C LEU B 20 -44.13 -3.50 -16.06
N THR B 21 -44.04 -4.66 -16.69
CA THR B 21 -44.47 -5.90 -16.07
C THR B 21 -43.30 -6.85 -15.87
N CYS B 22 -43.25 -7.45 -14.69
CA CYS B 22 -42.33 -8.53 -14.37
C CYS B 22 -43.14 -9.75 -13.97
N THR B 23 -42.95 -10.87 -14.65
CA THR B 23 -43.74 -12.07 -14.38
C THR B 23 -42.90 -13.11 -13.64
N LEU B 24 -43.40 -13.52 -12.48
CA LEU B 24 -42.83 -14.64 -11.73
C LEU B 24 -43.20 -15.97 -12.34
N SER B 25 -42.22 -16.86 -12.42
CA SER B 25 -42.56 -18.24 -12.70
C SER B 25 -43.37 -18.80 -11.52
N SER B 26 -44.14 -19.82 -11.83
CA SER B 26 -44.88 -20.59 -10.85
C SER B 26 -44.03 -21.20 -9.73
N GLY B 27 -44.63 -21.25 -8.52
CA GLY B 27 -43.98 -21.78 -7.34
C GLY B 27 -43.46 -20.77 -6.36
N HIS B 28 -43.48 -19.48 -6.68
CA HIS B 28 -42.91 -18.46 -5.80
C HIS B 28 -43.86 -17.29 -5.59
N SER B 29 -45.16 -17.50 -5.77
CA SER B 29 -46.14 -16.42 -5.71
C SER B 29 -46.27 -15.88 -4.30
N SER B 30 -45.20 -15.24 -3.79
CA SER B 30 -45.15 -14.62 -2.47
C SER B 30 -43.77 -14.03 -2.18
N TYR B 31 -43.07 -13.57 -3.22
CA TYR B 31 -41.71 -13.06 -3.08
C TYR B 31 -41.70 -11.57 -3.37
N VAL B 32 -40.77 -10.85 -2.72
CA VAL B 32 -40.57 -9.43 -3.00
C VAL B 32 -39.80 -9.25 -4.29
N ILE B 33 -40.18 -8.25 -5.08
CA ILE B 33 -39.49 -7.93 -6.32
C ILE B 33 -39.01 -6.49 -6.22
N ALA B 34 -37.77 -6.24 -6.68
CA ALA B 34 -37.23 -4.89 -6.72
C ALA B 34 -37.02 -4.50 -8.18
N TRP B 35 -37.18 -3.21 -8.45
CA TRP B 35 -36.95 -2.63 -9.76
C TRP B 35 -35.66 -1.82 -9.74
N HIS B 36 -34.81 -2.02 -10.75
CA HIS B 36 -33.58 -1.24 -10.88
C HIS B 36 -33.57 -0.60 -12.25
N GLN B 37 -33.13 0.64 -12.28
CA GLN B 37 -32.99 1.39 -13.53
C GLN B 37 -31.52 1.43 -13.96
N GLN B 38 -31.27 1.36 -15.25
CA GLN B 38 -29.92 1.53 -15.79
C GLN B 38 -29.93 2.46 -17.01
N GLN B 39 -29.34 3.65 -16.85
CA GLN B 39 -29.12 4.57 -17.96
C GLN B 39 -27.95 4.11 -18.82
N SER B 40 -27.94 4.53 -20.09
CA SER B 40 -26.83 4.20 -20.99
C SER B 40 -25.52 4.60 -20.33
N GLU B 41 -24.56 3.68 -20.36
CA GLU B 41 -23.19 3.87 -19.89
C GLU B 41 -23.08 4.09 -18.38
N LYS B 42 -24.15 3.86 -17.61
CA LYS B 42 -24.08 4.00 -16.16
C LYS B 42 -24.34 2.65 -15.49
N GLY B 43 -24.02 2.59 -14.20
CA GLY B 43 -24.39 1.46 -13.38
C GLY B 43 -25.86 1.51 -13.00
N PRO B 44 -26.37 0.38 -12.50
CA PRO B 44 -27.79 0.34 -12.09
C PRO B 44 -28.04 1.25 -10.91
N ARG B 45 -29.30 1.67 -10.79
CA ARG B 45 -29.78 2.46 -9.66
C ARG B 45 -31.03 1.79 -9.12
N TYR B 46 -31.08 1.58 -7.81
CA TYR B 46 -32.27 0.97 -7.20
C TYR B 46 -33.43 1.96 -7.18
N LEU B 47 -34.61 1.51 -7.63
CA LEU B 47 -35.80 2.35 -7.61
C LEU B 47 -36.67 2.10 -6.39
N MET B 48 -37.15 0.87 -6.20
CA MET B 48 -38.13 0.59 -5.16
C MET B 48 -38.33 -0.92 -5.05
N LYS B 49 -38.95 -1.36 -3.95
CA LYS B 49 -39.44 -2.72 -3.81
C LYS B 49 -40.96 -2.83 -3.85
N VAL B 50 -41.42 -4.00 -4.29
CA VAL B 50 -42.83 -4.39 -4.39
C VAL B 50 -42.97 -5.83 -3.88
N ASN B 51 -43.79 -6.00 -2.87
CA ASN B 51 -44.11 -7.33 -2.37
C ASN B 51 -45.46 -7.77 -2.92
N SER B 52 -45.69 -9.07 -2.91
CA SER B 52 -46.98 -9.59 -3.36
C SER B 52 -48.03 -9.24 -2.30
N ASP B 53 -48.43 -7.96 -2.37
CA ASP B 53 -49.30 -7.23 -1.44
C ASP B 53 -49.75 -5.95 -2.13
N GLY B 54 -48.95 -5.47 -3.08
CA GLY B 54 -49.17 -4.21 -3.75
C GLY B 54 -48.49 -3.02 -3.13
N SER B 55 -48.14 -3.11 -1.85
CA SER B 55 -47.38 -2.05 -1.19
C SER B 55 -45.98 -1.96 -1.77
N HIS B 56 -45.33 -0.82 -1.51
CA HIS B 56 -44.00 -0.55 -2.04
C HIS B 56 -43.31 0.45 -1.12
N SER B 57 -41.97 0.43 -1.18
CA SER B 57 -41.19 1.30 -0.30
C SER B 57 -40.63 2.50 -1.07
N LYS B 58 -39.55 2.31 -1.85
CA LYS B 58 -38.83 3.34 -2.63
C LYS B 58 -37.40 3.56 -2.12
N GLY B 59 -36.49 3.89 -3.05
CA GLY B 59 -35.14 4.34 -2.76
C GLY B 59 -34.99 5.84 -2.56
N ASP B 60 -33.77 6.23 -2.18
CA ASP B 60 -33.45 7.62 -1.88
C ASP B 60 -33.44 8.47 -3.14
N GLY B 61 -34.19 9.57 -3.12
CA GLY B 61 -34.24 10.48 -4.23
C GLY B 61 -35.12 10.07 -5.38
N ILE B 62 -35.81 8.94 -5.28
CA ILE B 62 -36.69 8.50 -6.37
C ILE B 62 -37.98 9.33 -6.34
N PRO B 63 -38.38 9.96 -7.43
CA PRO B 63 -39.56 10.83 -7.39
C PRO B 63 -40.86 10.06 -7.17
N ASP B 64 -41.87 10.79 -6.69
CA ASP B 64 -43.15 10.17 -6.37
C ASP B 64 -43.86 9.63 -7.60
N ARG B 65 -43.49 10.08 -8.80
CA ARG B 65 -44.11 9.59 -10.01
C ARG B 65 -43.73 8.15 -10.35
N PHE B 66 -42.80 7.56 -9.59
CA PHE B 66 -42.53 6.12 -9.65
C PHE B 66 -43.35 5.44 -8.56
N SER B 67 -44.05 4.36 -8.91
CA SER B 67 -44.79 3.55 -7.93
C SER B 67 -44.83 2.10 -8.40
N GLY B 68 -45.27 1.20 -7.50
CA GLY B 68 -45.33 -0.22 -7.80
C GLY B 68 -46.62 -0.87 -7.36
N SER B 69 -46.90 -2.05 -7.95
CA SER B 69 -48.11 -2.80 -7.64
C SER B 69 -47.96 -4.24 -8.09
N SER B 70 -49.00 -5.05 -7.84
CA SER B 70 -48.95 -6.48 -8.16
C SER B 70 -50.33 -7.01 -8.52
N SER B 71 -50.35 -8.12 -9.26
CA SER B 71 -51.59 -8.84 -9.56
C SER B 71 -51.22 -10.25 -9.98
N GLY B 72 -51.59 -11.23 -9.16
CA GLY B 72 -51.22 -12.61 -9.46
C GLY B 72 -49.72 -12.78 -9.48
N ALA B 73 -49.22 -13.45 -10.52
CA ALA B 73 -47.79 -13.66 -10.70
C ALA B 73 -47.08 -12.47 -11.34
N GLU B 74 -47.79 -11.38 -11.58
CA GLU B 74 -47.25 -10.18 -12.22
C GLU B 74 -46.93 -9.10 -11.19
N ARG B 75 -45.77 -8.42 -11.38
CA ARG B 75 -45.37 -7.29 -10.56
C ARG B 75 -45.11 -6.11 -11.48
N TYR B 76 -45.50 -4.92 -11.04
CA TYR B 76 -45.57 -3.74 -11.90
C TYR B 76 -44.77 -2.56 -11.36
N LEU B 77 -44.18 -1.82 -12.28
CA LEU B 77 -43.61 -0.51 -12.02
C LEU B 77 -44.36 0.46 -12.91
N THR B 78 -44.94 1.50 -12.30
CA THR B 78 -45.67 2.54 -13.03
C THR B 78 -44.90 3.86 -12.93
N ILE B 79 -44.61 4.46 -14.07
CA ILE B 79 -43.96 5.75 -14.12
C ILE B 79 -44.95 6.71 -14.74
N SER B 80 -45.30 7.76 -14.00
CA SER B 80 -46.21 8.79 -14.49
C SER B 80 -45.42 10.04 -14.87
N SER B 81 -46.09 10.94 -15.58
CA SER B 81 -45.46 12.16 -16.09
C SER B 81 -44.09 11.86 -16.71
N LEU B 82 -44.10 10.97 -17.71
CA LEU B 82 -42.84 10.53 -18.31
C LEU B 82 -41.99 11.68 -18.81
N GLN B 83 -40.68 11.59 -18.55
CA GLN B 83 -39.68 12.57 -18.95
C GLN B 83 -38.62 11.89 -19.83
N SER B 84 -37.85 12.71 -20.53
CA SER B 84 -36.79 12.17 -21.41
C SER B 84 -35.78 11.36 -20.60
N GLU B 85 -35.60 11.70 -19.33
CA GLU B 85 -34.65 10.97 -18.49
C GLU B 85 -35.08 9.52 -18.27
N ASP B 86 -36.36 9.23 -18.43
CA ASP B 86 -36.86 7.88 -18.16
C ASP B 86 -36.56 6.88 -19.27
N GLU B 87 -36.06 7.34 -20.44
CA GLU B 87 -35.64 6.46 -21.52
C GLU B 87 -34.40 5.69 -21.08
N ALA B 88 -34.58 4.40 -20.77
CA ALA B 88 -33.56 3.66 -20.03
C ALA B 88 -34.02 2.21 -19.93
N ASP B 89 -33.16 1.35 -19.38
CA ASP B 89 -33.50 -0.05 -19.11
C ASP B 89 -33.98 -0.25 -17.68
N TYR B 90 -34.91 -1.19 -17.53
CA TYR B 90 -35.53 -1.51 -16.24
C TYR B 90 -35.44 -2.99 -15.98
N TYR B 91 -34.78 -3.39 -14.88
CA TYR B 91 -34.63 -4.79 -14.51
C TYR B 91 -35.42 -5.08 -13.24
N CYS B 92 -36.13 -6.21 -13.22
CA CYS B 92 -36.73 -6.69 -12.00
C CYS B 92 -35.80 -7.73 -11.38
N GLN B 93 -35.95 -7.91 -10.08
CA GLN B 93 -35.00 -8.70 -9.30
C GLN B 93 -35.70 -9.19 -8.05
N THR B 94 -35.37 -10.40 -7.62
CA THR B 94 -35.88 -10.94 -6.39
C THR B 94 -34.81 -11.82 -5.77
N TRP B 95 -35.15 -12.42 -4.62
CA TRP B 95 -34.21 -13.23 -3.86
C TRP B 95 -34.97 -14.40 -3.27
N GLY B 96 -34.34 -15.58 -3.27
CA GLY B 96 -35.01 -16.79 -2.83
C GLY B 96 -34.02 -17.86 -2.41
N ALA B 97 -33.84 -18.05 -1.10
CA ALA B 97 -32.99 -19.11 -0.55
C ALA B 97 -31.53 -18.90 -0.99
N GLY B 98 -30.98 -17.76 -0.58
CA GLY B 98 -29.63 -17.41 -0.91
C GLY B 98 -29.39 -17.08 -2.37
N ILE B 99 -30.38 -17.30 -3.26
CA ILE B 99 -30.21 -17.13 -4.70
C ILE B 99 -30.85 -15.82 -5.09
N LEU B 100 -30.16 -15.05 -5.92
CA LEU B 100 -30.70 -13.83 -6.50
C LEU B 100 -31.11 -14.13 -7.93
N VAL B 101 -32.19 -13.49 -8.38
CA VAL B 101 -32.76 -13.71 -9.71
C VAL B 101 -33.02 -12.37 -10.38
N PHE B 102 -32.64 -12.25 -11.64
CA PHE B 102 -32.94 -11.06 -12.44
C PHE B 102 -33.85 -11.39 -13.63
N GLY B 103 -34.80 -10.50 -13.91
CA GLY B 103 -35.42 -10.49 -15.23
C GLY B 103 -34.43 -10.02 -16.29
N GLY B 104 -34.79 -10.23 -17.55
CA GLY B 104 -33.94 -9.87 -18.67
C GLY B 104 -33.87 -8.41 -19.02
N GLY B 105 -34.70 -7.58 -18.40
CA GLY B 105 -34.70 -6.14 -18.64
C GLY B 105 -35.68 -5.70 -19.72
N THR B 106 -36.26 -4.52 -19.50
CA THR B 106 -37.15 -3.87 -20.46
C THR B 106 -36.56 -2.53 -20.87
N LYS B 107 -36.40 -2.32 -22.18
CA LYS B 107 -35.91 -1.05 -22.68
C LYS B 107 -37.12 -0.14 -22.94
N LEU B 108 -37.19 0.96 -22.24
CA LEU B 108 -38.29 1.93 -22.35
C LEU B 108 -37.90 3.07 -23.28
N THR B 109 -38.73 3.31 -24.30
CA THR B 109 -38.56 4.45 -25.18
C THR B 109 -39.63 5.47 -24.82
N VAL B 110 -39.24 6.72 -24.71
CA VAL B 110 -40.20 7.77 -24.39
C VAL B 110 -40.52 8.47 -25.70
N LEU B 111 -41.76 8.28 -26.14
CA LEU B 111 -42.24 8.80 -27.41
C LEU B 111 -42.66 10.24 -27.25
N SER B 112 -42.80 10.91 -28.41
CA SER B 112 -43.32 12.27 -28.53
C SER B 112 -42.30 13.32 -28.15
N GLN B 113 -41.02 12.96 -28.09
CA GLN B 113 -40.02 14.00 -27.93
C GLN B 113 -39.70 14.65 -29.27
N PRO B 114 -39.25 15.90 -29.25
CA PRO B 114 -38.93 16.56 -30.52
C PRO B 114 -37.72 15.93 -31.18
N LYS B 115 -37.75 15.85 -32.50
CA LYS B 115 -36.53 15.48 -33.20
C LYS B 115 -35.43 16.49 -32.89
N ALA B 116 -34.22 15.99 -32.68
CA ALA B 116 -33.07 16.83 -32.40
C ALA B 116 -31.97 16.42 -33.37
N ALA B 117 -31.51 17.38 -34.18
CA ALA B 117 -30.58 17.07 -35.24
C ALA B 117 -29.17 16.96 -34.66
N PRO B 118 -28.32 16.13 -35.24
CA PRO B 118 -26.98 15.96 -34.66
C PRO B 118 -26.12 17.19 -34.86
N SER B 119 -25.29 17.48 -33.85
CA SER B 119 -24.18 18.42 -33.98
C SER B 119 -22.96 17.61 -34.38
N VAL B 120 -22.29 18.00 -35.47
CA VAL B 120 -21.17 17.22 -36.00
C VAL B 120 -19.94 18.09 -35.96
N THR B 121 -18.84 17.54 -35.44
CA THR B 121 -17.54 18.20 -35.46
C THR B 121 -16.57 17.21 -36.06
N LEU B 122 -15.82 17.65 -37.05
CA LEU B 122 -14.87 16.78 -37.73
C LEU B 122 -13.48 17.36 -37.58
N PHE B 123 -12.54 16.52 -37.07
CA PHE B 123 -11.16 16.96 -36.93
C PHE B 123 -10.28 16.26 -37.94
N PRO B 124 -9.34 16.99 -38.53
CA PRO B 124 -8.36 16.36 -39.41
C PRO B 124 -7.27 15.69 -38.58
N PRO B 125 -6.35 14.95 -39.22
CA PRO B 125 -5.21 14.41 -38.48
C PRO B 125 -4.39 15.54 -37.89
N SER B 126 -3.89 15.31 -36.68
CA SER B 126 -3.03 16.28 -36.03
C SER B 126 -1.66 16.25 -36.68
N SER B 127 -0.93 17.37 -36.54
CA SER B 127 0.48 17.42 -36.95
C SER B 127 1.27 16.32 -36.30
N GLU B 128 1.04 16.10 -35.00
CA GLU B 128 1.78 15.10 -34.25
C GLU B 128 1.55 13.69 -34.79
N GLU B 129 0.29 13.35 -35.13
CA GLU B 129 0.04 12.01 -35.65
C GLU B 129 0.68 11.82 -37.02
N LEU B 130 0.65 12.86 -37.85
CA LEU B 130 1.25 12.77 -39.18
C LEU B 130 2.76 12.56 -39.08
N GLN B 131 3.41 13.25 -38.14
CA GLN B 131 4.84 13.01 -37.93
C GLN B 131 5.12 11.60 -37.46
N ALA B 132 4.12 10.93 -36.86
CA ALA B 132 4.25 9.52 -36.52
C ALA B 132 3.82 8.61 -37.66
N ASN B 133 3.65 9.17 -38.85
CA ASN B 133 3.36 8.43 -40.07
C ASN B 133 2.01 7.71 -39.98
N LYS B 134 1.05 8.36 -39.33
CA LYS B 134 -0.31 7.84 -39.26
C LYS B 134 -1.28 8.99 -39.51
N ALA B 135 -2.55 8.65 -39.72
CA ALA B 135 -3.55 9.71 -39.93
C ALA B 135 -4.92 9.20 -39.53
N THR B 136 -5.60 9.94 -38.68
CA THR B 136 -6.95 9.59 -38.26
C THR B 136 -7.85 10.81 -38.37
N LEU B 137 -8.94 10.67 -39.10
CA LEU B 137 -10.02 11.65 -39.09
C LEU B 137 -11.03 11.27 -38.02
N VAL B 138 -11.50 12.27 -37.28
CA VAL B 138 -12.33 12.05 -36.07
C VAL B 138 -13.64 12.80 -36.27
N CYS B 139 -14.73 12.05 -36.36
CA CYS B 139 -16.05 12.64 -36.59
C CYS B 139 -16.88 12.43 -35.34
N LEU B 140 -17.19 13.52 -34.61
CA LEU B 140 -17.90 13.48 -33.34
C LEU B 140 -19.33 13.95 -33.54
N ILE B 141 -20.30 13.15 -33.08
CA ILE B 141 -21.71 13.37 -33.41
C ILE B 141 -22.50 13.39 -32.11
N SER B 142 -23.17 14.50 -31.80
CA SER B 142 -23.78 14.61 -30.48
C SER B 142 -25.15 15.23 -30.58
N ASP B 143 -25.87 15.15 -29.45
CA ASP B 143 -27.13 15.87 -29.21
C ASP B 143 -28.23 15.47 -30.19
N PHE B 144 -28.27 14.22 -30.67
CA PHE B 144 -29.33 13.85 -31.61
C PHE B 144 -30.39 12.98 -30.94
N TYR B 145 -31.61 13.11 -31.46
CA TYR B 145 -32.72 12.32 -30.95
C TYR B 145 -33.72 12.18 -32.12
N PRO B 146 -34.22 10.97 -32.38
CA PRO B 146 -33.96 9.69 -31.69
C PRO B 146 -32.55 9.19 -31.87
N GLY B 147 -32.20 8.16 -31.08
CA GLY B 147 -30.81 7.72 -31.05
C GLY B 147 -30.38 6.73 -32.09
N ALA B 148 -30.44 7.10 -33.37
CA ALA B 148 -29.96 6.26 -34.46
C ALA B 148 -29.45 7.16 -35.56
N VAL B 149 -28.23 6.88 -36.05
CA VAL B 149 -27.64 7.59 -37.18
C VAL B 149 -26.92 6.59 -38.06
N THR B 150 -26.69 6.99 -39.31
CA THR B 150 -25.81 6.29 -40.21
C THR B 150 -24.67 7.22 -40.62
N VAL B 151 -23.45 6.72 -40.66
CA VAL B 151 -22.30 7.54 -40.98
C VAL B 151 -21.64 7.01 -42.24
N ALA B 152 -21.36 7.90 -43.17
CA ALA B 152 -20.67 7.59 -44.41
C ALA B 152 -19.53 8.58 -44.61
N TRP B 153 -18.39 8.10 -45.13
CA TRP B 153 -17.23 8.92 -45.41
C TRP B 153 -17.04 9.06 -46.91
N LYS B 154 -16.52 10.21 -47.32
CA LYS B 154 -16.18 10.50 -48.72
C LYS B 154 -14.73 10.93 -48.81
N ALA B 155 -14.01 10.37 -49.79
CA ALA B 155 -12.73 10.90 -50.24
C ALA B 155 -13.01 11.67 -51.51
N ASP B 156 -12.82 12.99 -51.46
CA ASP B 156 -13.41 13.87 -52.46
C ASP B 156 -14.91 13.57 -52.55
N SER B 157 -15.37 13.00 -53.66
CA SER B 157 -16.79 12.68 -53.78
C SER B 157 -17.08 11.18 -53.84
N SER B 158 -16.09 10.35 -53.70
CA SER B 158 -16.23 8.89 -53.75
C SER B 158 -16.37 8.30 -52.35
N PRO B 159 -17.23 7.30 -52.20
CA PRO B 159 -17.38 6.66 -50.88
C PRO B 159 -16.09 5.96 -50.45
N VAL B 160 -15.82 6.03 -49.15
CA VAL B 160 -14.75 5.29 -48.50
C VAL B 160 -15.39 4.28 -47.58
N LYS B 161 -14.93 3.03 -47.64
CA LYS B 161 -15.38 1.99 -46.73
C LYS B 161 -14.25 1.44 -45.88
N ALA B 162 -13.06 1.27 -46.46
CA ALA B 162 -11.95 0.74 -45.72
C ALA B 162 -11.49 1.74 -44.67
N GLY B 163 -11.13 1.24 -43.49
CA GLY B 163 -10.57 2.09 -42.46
C GLY B 163 -11.56 2.87 -41.65
N VAL B 164 -12.86 2.57 -41.75
CA VAL B 164 -13.93 3.24 -41.03
C VAL B 164 -14.31 2.42 -39.81
N GLU B 165 -14.34 3.06 -38.64
CA GLU B 165 -14.85 2.45 -37.41
C GLU B 165 -15.83 3.41 -36.77
N THR B 166 -17.07 2.97 -36.52
CA THR B 166 -18.12 3.85 -36.03
C THR B 166 -18.75 3.22 -34.79
N THR B 167 -18.99 4.03 -33.77
CA THR B 167 -19.60 3.50 -32.55
C THR B 167 -21.11 3.38 -32.69
N THR B 168 -21.69 2.58 -31.78
CA THR B 168 -23.11 2.60 -31.53
C THR B 168 -23.55 3.85 -30.80
N PRO B 169 -24.77 4.32 -31.03
CA PRO B 169 -25.25 5.48 -30.28
C PRO B 169 -25.36 5.16 -28.81
N SER B 170 -25.07 6.16 -27.98
CA SER B 170 -25.21 6.08 -26.52
C SER B 170 -25.91 7.31 -26.00
N LYS B 171 -26.75 7.15 -24.97
CA LYS B 171 -27.48 8.31 -24.48
C LYS B 171 -26.57 9.17 -23.61
N GLN B 172 -26.58 10.47 -23.87
CA GLN B 172 -25.89 11.47 -23.06
C GLN B 172 -26.68 11.74 -21.78
N SER B 173 -26.03 12.45 -20.85
CA SER B 173 -26.72 12.89 -19.65
C SER B 173 -27.85 13.88 -19.94
N ASN B 174 -27.84 14.57 -21.09
CA ASN B 174 -28.94 15.49 -21.42
C ASN B 174 -30.06 14.79 -22.18
N ASN B 175 -30.03 13.47 -22.26
CA ASN B 175 -31.07 12.58 -22.80
C ASN B 175 -31.19 12.64 -24.32
N LYS B 176 -30.23 13.27 -24.99
CA LYS B 176 -30.00 13.12 -26.41
C LYS B 176 -28.83 12.13 -26.55
N TYR B 177 -28.49 11.76 -27.79
CA TYR B 177 -27.55 10.69 -28.07
C TYR B 177 -26.25 11.18 -28.71
N ALA B 178 -25.22 10.36 -28.56
CA ALA B 178 -23.91 10.64 -29.14
C ALA B 178 -23.36 9.39 -29.82
N ALA B 179 -22.49 9.61 -30.83
CA ALA B 179 -21.80 8.54 -31.54
C ALA B 179 -20.53 9.16 -32.09
N SER B 180 -19.57 8.33 -32.50
CA SER B 180 -18.35 8.85 -33.12
C SER B 180 -17.91 7.91 -34.24
N SER B 181 -17.18 8.46 -35.21
CA SER B 181 -16.71 7.65 -36.31
C SER B 181 -15.27 8.06 -36.62
N TYR B 182 -14.42 7.08 -36.89
CA TYR B 182 -13.00 7.30 -37.14
C TYR B 182 -12.63 6.75 -38.50
N LEU B 183 -11.93 7.55 -39.31
CA LEU B 183 -11.40 7.08 -40.57
C LEU B 183 -9.89 7.08 -40.50
N SER B 184 -9.28 5.90 -40.66
CA SER B 184 -7.83 5.71 -40.64
C SER B 184 -7.31 5.75 -42.07
N LEU B 185 -6.27 6.57 -42.30
CA LEU B 185 -5.65 6.77 -43.60
C LEU B 185 -4.14 6.76 -43.47
N THR B 186 -3.45 6.52 -44.56
CA THR B 186 -2.03 6.85 -44.54
C THR B 186 -1.86 8.35 -44.74
N PRO B 187 -0.74 8.92 -44.30
CA PRO B 187 -0.50 10.34 -44.59
C PRO B 187 -0.54 10.66 -46.08
N GLU B 188 -0.10 9.71 -46.91
CA GLU B 188 -0.16 9.88 -48.36
C GLU B 188 -1.59 9.99 -48.85
N GLN B 189 -2.46 9.07 -48.42
CA GLN B 189 -3.88 9.13 -48.81
C GLN B 189 -4.50 10.46 -48.39
N TRP B 190 -4.19 10.90 -47.17
CA TRP B 190 -4.73 12.16 -46.68
C TRP B 190 -4.33 13.33 -47.58
N LYS B 191 -3.05 13.38 -47.96
CA LYS B 191 -2.55 14.53 -48.70
C LYS B 191 -2.90 14.49 -50.18
N SER B 192 -3.37 13.36 -50.69
CA SER B 192 -3.61 13.14 -52.10
C SER B 192 -5.03 13.48 -52.55
N HIS B 193 -5.92 13.86 -51.64
CA HIS B 193 -7.27 14.27 -52.01
C HIS B 193 -7.47 15.74 -51.67
N ARG B 194 -8.44 16.36 -52.33
CA ARG B 194 -8.75 17.75 -52.02
C ARG B 194 -9.43 17.86 -50.67
N SER B 195 -10.25 16.87 -50.32
CA SER B 195 -11.01 16.96 -49.09
C SER B 195 -11.47 15.56 -48.71
N TYR B 196 -11.86 15.41 -47.45
CA TYR B 196 -12.58 14.24 -46.98
C TYR B 196 -13.83 14.71 -46.25
N SER B 197 -14.88 13.90 -46.25
CA SER B 197 -16.10 14.34 -45.61
C SER B 197 -16.70 13.24 -44.73
N CYS B 198 -17.30 13.68 -43.62
CA CYS B 198 -18.06 12.82 -42.73
C CYS B 198 -19.52 13.21 -42.90
N GLN B 199 -20.34 12.26 -43.34
CA GLN B 199 -21.76 12.50 -43.64
C GLN B 199 -22.63 11.72 -42.66
N VAL B 200 -23.41 12.45 -41.88
CA VAL B 200 -24.26 11.87 -40.84
C VAL B 200 -25.71 11.95 -41.26
N THR B 201 -26.35 10.79 -41.41
CA THR B 201 -27.75 10.71 -41.78
C THR B 201 -28.56 10.42 -40.53
N HIS B 202 -29.57 11.26 -40.30
CA HIS B 202 -30.43 11.17 -39.12
C HIS B 202 -31.84 11.44 -39.57
N GLU B 203 -32.73 10.46 -39.37
CA GLU B 203 -34.16 10.65 -39.63
C GLU B 203 -34.42 11.22 -41.04
N GLY B 204 -33.75 10.65 -42.04
CA GLY B 204 -34.01 11.00 -43.42
C GLY B 204 -33.29 12.23 -43.97
N SER B 205 -32.43 12.87 -43.18
CA SER B 205 -31.67 14.05 -43.59
C SER B 205 -30.20 13.84 -43.34
N THR B 206 -29.33 14.22 -44.28
CA THR B 206 -27.90 14.02 -44.12
C THR B 206 -27.19 15.36 -43.97
N VAL B 207 -26.37 15.49 -42.92
CA VAL B 207 -25.50 16.66 -42.74
C VAL B 207 -24.06 16.21 -42.90
N GLU B 208 -23.22 17.17 -43.30
CA GLU B 208 -21.85 16.89 -43.69
C GLU B 208 -20.89 17.90 -43.06
N LYS B 209 -19.71 17.44 -42.69
CA LYS B 209 -18.59 18.29 -42.37
C LYS B 209 -17.43 17.85 -43.24
N THR B 210 -16.56 18.80 -43.60
CA THR B 210 -15.48 18.52 -44.53
C THR B 210 -14.18 19.11 -44.00
N VAL B 211 -13.07 18.39 -44.23
CA VAL B 211 -11.75 18.89 -43.90
C VAL B 211 -10.83 18.65 -45.10
N ALA B 212 -9.77 19.45 -45.17
CA ALA B 212 -8.83 19.40 -46.28
C ALA B 212 -7.42 19.59 -45.77
N PRO B 213 -6.45 18.87 -46.34
CA PRO B 213 -5.03 19.03 -46.01
C PRO B 213 -4.53 20.42 -46.35
N GLU C 1 14.58 -23.48 -1.15
CA GLU C 1 14.14 -22.48 -2.11
C GLU C 1 12.62 -22.34 -2.17
N VAL C 2 11.87 -23.32 -1.65
CA VAL C 2 10.48 -23.05 -1.30
C VAL C 2 10.46 -22.06 -0.15
N GLN C 3 9.60 -21.07 -0.26
CA GLN C 3 9.36 -20.12 0.80
C GLN C 3 7.88 -19.88 0.96
N LEU C 4 7.46 -19.84 2.23
CA LEU C 4 6.10 -19.50 2.64
C LEU C 4 6.23 -18.43 3.71
N LEU C 5 5.64 -17.27 3.47
CA LEU C 5 5.83 -16.12 4.34
C LEU C 5 4.48 -15.55 4.71
N GLU C 6 4.10 -15.70 5.98
CA GLU C 6 2.84 -15.20 6.49
C GLU C 6 2.90 -13.71 6.83
N SER C 7 1.76 -13.04 6.68
CA SER C 7 1.61 -11.68 7.17
C SER C 7 0.16 -11.47 7.60
N GLY C 8 -0.07 -10.37 8.34
CA GLY C 8 -1.40 -9.96 8.71
C GLY C 8 -1.76 -10.21 10.16
N GLY C 9 -0.89 -10.86 10.91
CA GLY C 9 -1.14 -11.09 12.31
C GLY C 9 -1.20 -9.80 13.09
N GLY C 10 -1.89 -9.86 14.21
CA GLY C 10 -1.99 -8.70 15.07
C GLY C 10 -3.04 -8.90 16.14
N LEU C 11 -3.38 -7.81 16.79
CA LEU C 11 -4.28 -7.79 17.91
C LEU C 11 -5.68 -7.42 17.44
N VAL C 12 -6.67 -8.17 17.89
CA VAL C 12 -8.06 -7.97 17.48
C VAL C 12 -8.99 -8.14 18.68
N GLN C 13 -10.04 -7.33 18.73
CA GLN C 13 -11.02 -7.51 19.79
C GLN C 13 -11.86 -8.76 19.57
N PRO C 14 -12.34 -9.38 20.65
CA PRO C 14 -13.30 -10.47 20.48
C PRO C 14 -14.49 -10.00 19.65
N GLY C 15 -14.88 -10.86 18.72
CA GLY C 15 -15.90 -10.53 17.76
C GLY C 15 -15.37 -9.90 16.50
N GLY C 16 -14.10 -9.48 16.49
CA GLY C 16 -13.54 -8.79 15.35
C GLY C 16 -13.09 -9.73 14.25
N SER C 17 -12.50 -9.13 13.22
CA SER C 17 -12.08 -9.82 12.01
C SER C 17 -10.63 -9.51 11.69
N LEU C 18 -9.98 -10.44 11.02
CA LEU C 18 -8.60 -10.27 10.61
C LEU C 18 -8.36 -11.19 9.43
N ARG C 19 -7.52 -10.75 8.48
CA ARG C 19 -7.19 -11.59 7.33
C ARG C 19 -5.68 -11.84 7.32
N LEU C 20 -5.31 -13.10 7.26
CA LEU C 20 -3.92 -13.49 7.06
C LEU C 20 -3.63 -13.78 5.59
N SER C 21 -2.38 -13.53 5.19
CA SER C 21 -1.92 -13.87 3.85
C SER C 21 -0.66 -14.69 3.96
N CYS C 22 -0.42 -15.54 2.98
CA CYS C 22 0.82 -16.32 2.91
C CYS C 22 1.33 -16.25 1.48
N ALA C 23 2.49 -15.61 1.30
CA ALA C 23 3.13 -15.44 0.01
C ALA C 23 4.02 -16.66 -0.25
N ALA C 24 3.73 -17.38 -1.32
CA ALA C 24 4.44 -18.59 -1.68
C ALA C 24 5.40 -18.31 -2.82
N SER C 25 6.57 -18.93 -2.77
CA SER C 25 7.51 -18.81 -3.87
C SER C 25 8.33 -20.09 -3.95
N GLY C 26 8.92 -20.33 -5.11
CA GLY C 26 9.82 -21.46 -5.28
C GLY C 26 9.21 -22.75 -5.75
N PHE C 27 7.93 -22.75 -6.14
CA PHE C 27 7.25 -23.92 -6.63
C PHE C 27 6.00 -23.45 -7.35
N THR C 28 5.47 -24.28 -8.24
CA THR C 28 4.25 -23.92 -8.97
C THR C 28 3.07 -24.05 -8.02
N PHE C 29 2.67 -22.91 -7.46
CA PHE C 29 1.69 -22.82 -6.37
C PHE C 29 0.40 -23.58 -6.68
N SER C 30 -0.18 -23.34 -7.86
CA SER C 30 -1.50 -23.88 -8.15
C SER C 30 -1.52 -25.40 -8.27
N THR C 31 -0.36 -26.06 -8.34
CA THR C 31 -0.33 -27.51 -8.39
C THR C 31 -0.66 -28.15 -7.04
N TYR C 32 -0.50 -27.43 -5.93
CA TYR C 32 -0.51 -28.02 -4.60
C TYR C 32 -1.65 -27.54 -3.72
N ALA C 33 -2.29 -28.49 -3.02
CA ALA C 33 -3.17 -28.13 -1.92
C ALA C 33 -2.36 -27.42 -0.83
N MET C 34 -2.96 -26.39 -0.24
CA MET C 34 -2.30 -25.57 0.78
C MET C 34 -3.08 -25.65 2.09
N SER C 35 -2.38 -25.45 3.22
CA SER C 35 -3.02 -25.61 4.51
C SER C 35 -2.71 -24.46 5.46
N TRP C 36 -3.65 -24.26 6.40
CA TRP C 36 -3.43 -23.40 7.56
C TRP C 36 -3.42 -24.26 8.82
N VAL C 37 -2.45 -24.01 9.71
CA VAL C 37 -2.27 -24.72 10.97
C VAL C 37 -2.09 -23.66 12.06
N ARG C 38 -2.57 -23.92 13.28
CA ARG C 38 -2.34 -22.95 14.32
C ARG C 38 -1.86 -23.63 15.60
N GLN C 39 -1.30 -22.82 16.49
CA GLN C 39 -0.77 -23.36 17.74
C GLN C 39 -1.02 -22.34 18.85
N ALA C 40 -1.93 -22.68 19.77
CA ALA C 40 -2.17 -21.84 20.92
C ALA C 40 -0.96 -21.91 21.85
N PRO C 41 -0.73 -20.89 22.66
CA PRO C 41 0.48 -20.88 23.50
C PRO C 41 0.57 -22.12 24.39
N GLY C 42 1.70 -22.80 24.33
CA GLY C 42 1.94 -24.02 25.09
C GLY C 42 1.12 -25.24 24.73
N LYS C 43 0.41 -25.22 23.59
CA LYS C 43 -0.42 -26.34 23.18
C LYS C 43 0.13 -26.97 21.89
N GLY C 44 -0.62 -27.93 21.32
CA GLY C 44 -0.15 -28.63 20.15
C GLY C 44 -0.51 -27.94 18.82
N LEU C 45 0.05 -28.50 17.74
CA LEU C 45 -0.29 -28.06 16.40
C LEU C 45 -1.71 -28.51 16.10
N GLU C 46 -2.54 -27.61 15.57
CA GLU C 46 -3.94 -27.91 15.32
C GLU C 46 -4.25 -27.52 13.88
N TRP C 47 -4.80 -28.46 13.10
CA TRP C 47 -5.23 -28.11 11.75
C TRP C 47 -6.38 -27.11 11.77
N VAL C 48 -6.31 -26.10 10.87
CA VAL C 48 -7.37 -25.11 10.70
C VAL C 48 -8.14 -25.34 9.41
N SER C 49 -7.44 -25.44 8.30
CA SER C 49 -8.11 -25.50 7.00
C SER C 49 -7.15 -25.98 5.92
N GLY C 50 -7.72 -26.54 4.85
CA GLY C 50 -6.95 -26.84 3.65
C GLY C 50 -7.77 -26.51 2.42
N ILE C 51 -7.08 -26.21 1.33
CA ILE C 51 -7.72 -25.81 0.07
C ILE C 51 -6.98 -26.48 -1.11
N SER C 52 -7.74 -27.02 -2.05
CA SER C 52 -7.15 -27.69 -3.21
C SER C 52 -6.40 -26.68 -4.09
N GLY C 53 -5.49 -27.22 -4.92
CA GLY C 53 -4.67 -26.38 -5.80
C GLY C 53 -5.49 -25.39 -6.62
N SER C 54 -6.63 -25.84 -7.13
CA SER C 54 -7.54 -25.00 -7.94
C SER C 54 -8.43 -24.08 -7.11
N GLY C 55 -8.55 -24.32 -5.83
CA GLY C 55 -9.49 -23.60 -5.01
C GLY C 55 -10.86 -24.22 -4.99
N GLY C 56 -11.07 -25.30 -5.75
CA GLY C 56 -12.39 -25.89 -5.90
C GLY C 56 -12.91 -26.65 -4.69
N SER C 57 -12.01 -27.10 -3.80
CA SER C 57 -12.43 -27.85 -2.63
C SER C 57 -11.74 -27.25 -1.42
N THR C 58 -12.50 -27.01 -0.36
CA THR C 58 -11.98 -26.39 0.85
C THR C 58 -12.54 -27.13 2.05
N TYR C 59 -11.68 -27.32 3.05
CA TYR C 59 -12.03 -28.07 4.25
C TYR C 59 -11.68 -27.27 5.49
N TYR C 60 -12.48 -27.43 6.56
CA TYR C 60 -12.30 -26.64 7.77
C TYR C 60 -12.42 -27.49 9.03
N ALA C 61 -11.63 -27.14 10.03
CA ALA C 61 -11.85 -27.67 11.37
C ALA C 61 -13.21 -27.24 11.89
N ASP C 62 -13.87 -28.11 12.68
CA ASP C 62 -15.20 -27.75 13.15
C ASP C 62 -15.22 -26.47 13.98
N SER C 63 -14.16 -26.21 14.75
CA SER C 63 -14.13 -25.05 15.63
C SER C 63 -14.07 -23.72 14.88
N VAL C 64 -13.81 -23.74 13.57
CA VAL C 64 -13.72 -22.50 12.81
C VAL C 64 -14.73 -22.42 11.68
N LYS C 65 -15.55 -23.46 11.51
CA LYS C 65 -16.52 -23.46 10.41
C LYS C 65 -17.51 -22.33 10.57
N GLY C 66 -17.79 -21.65 9.46
CA GLY C 66 -18.70 -20.54 9.48
C GLY C 66 -18.08 -19.23 9.88
N ARG C 67 -16.85 -19.25 10.40
CA ARG C 67 -16.17 -18.03 10.82
C ARG C 67 -14.91 -17.75 10.04
N PHE C 68 -14.21 -18.79 9.59
CA PHE C 68 -12.98 -18.68 8.82
C PHE C 68 -13.24 -19.09 7.38
N THR C 69 -12.64 -18.35 6.45
CA THR C 69 -12.80 -18.69 5.04
C THR C 69 -11.43 -18.66 4.38
N THR C 70 -11.04 -19.77 3.78
CA THR C 70 -9.77 -19.86 3.09
C THR C 70 -9.98 -19.58 1.60
N SER C 71 -9.01 -18.90 1.00
CA SER C 71 -9.06 -18.68 -0.45
C SER C 71 -7.63 -18.61 -0.95
N ARG C 72 -7.46 -18.55 -2.27
CA ARG C 72 -6.11 -18.47 -2.83
C ARG C 72 -6.13 -17.73 -4.15
N ASP C 73 -4.99 -17.14 -4.49
CA ASP C 73 -4.83 -16.44 -5.78
C ASP C 73 -3.70 -17.12 -6.53
N ASN C 74 -4.04 -17.86 -7.58
CA ASN C 74 -3.05 -18.69 -8.26
C ASN C 74 -2.25 -17.91 -9.31
N SER C 75 -2.45 -16.60 -9.40
CA SER C 75 -1.56 -15.78 -10.19
C SER C 75 -0.56 -15.02 -9.33
N LYS C 76 -1.01 -14.51 -8.19
CA LYS C 76 -0.15 -13.89 -7.19
C LYS C 76 0.51 -14.91 -6.27
N ASN C 77 0.15 -16.17 -6.38
CA ASN C 77 0.72 -17.24 -5.54
C ASN C 77 0.58 -16.90 -4.04
N THR C 78 -0.65 -16.54 -3.66
CA THR C 78 -0.94 -16.14 -2.28
C THR C 78 -2.11 -16.96 -1.73
N LEU C 79 -1.95 -17.42 -0.49
CA LEU C 79 -2.98 -18.10 0.28
C LEU C 79 -3.54 -17.15 1.31
N TYR C 80 -4.86 -17.18 1.53
CA TYR C 80 -5.50 -16.26 2.47
C TYR C 80 -6.28 -17.03 3.50
N LEU C 81 -6.39 -16.44 4.70
CA LEU C 81 -7.32 -16.91 5.73
C LEU C 81 -8.08 -15.71 6.24
N GLN C 82 -9.37 -15.63 5.94
CA GLN C 82 -10.21 -14.55 6.42
C GLN C 82 -10.91 -15.02 7.68
N MET C 83 -10.69 -14.33 8.79
CA MET C 83 -11.31 -14.70 10.06
C MET C 83 -12.35 -13.64 10.44
N ASN C 84 -13.56 -14.07 10.80
CA ASN C 84 -14.58 -13.19 11.34
C ASN C 84 -15.05 -13.79 12.66
N SER C 85 -15.72 -12.97 13.48
CA SER C 85 -16.26 -13.42 14.76
C SER C 85 -15.19 -14.10 15.61
N LEU C 86 -14.04 -13.44 15.71
CA LEU C 86 -12.91 -14.06 16.40
C LEU C 86 -13.18 -14.15 17.91
N ARG C 87 -12.58 -15.18 18.52
CA ARG C 87 -12.75 -15.47 19.93
C ARG C 87 -11.39 -15.49 20.61
N ALA C 88 -11.37 -15.22 21.92
CA ALA C 88 -10.09 -15.29 22.64
C ALA C 88 -9.39 -16.64 22.39
N GLU C 89 -10.15 -17.73 22.30
CA GLU C 89 -9.58 -19.05 22.09
C GLU C 89 -8.93 -19.22 20.72
N ASP C 90 -9.17 -18.30 19.78
CA ASP C 90 -8.46 -18.32 18.51
C ASP C 90 -7.06 -17.73 18.60
N THR C 91 -6.66 -17.22 19.76
CA THR C 91 -5.31 -16.68 19.93
C THR C 91 -4.30 -17.79 19.69
N ALA C 92 -3.35 -17.55 18.78
CA ALA C 92 -2.43 -18.59 18.36
C ALA C 92 -1.42 -18.02 17.38
N VAL C 93 -0.31 -18.73 17.21
CA VAL C 93 0.51 -18.53 16.03
C VAL C 93 -0.10 -19.32 14.87
N TYR C 94 -0.31 -18.66 13.75
CA TYR C 94 -0.88 -19.29 12.57
C TYR C 94 0.20 -19.53 11.54
N TYR C 95 0.25 -20.75 11.01
CA TYR C 95 1.23 -21.18 10.04
C TYR C 95 0.56 -21.54 8.73
N CYS C 96 1.10 -21.07 7.63
CA CYS C 96 0.72 -21.70 6.37
C CYS C 96 1.68 -22.85 6.12
N ALA C 97 1.20 -23.85 5.40
CA ALA C 97 2.02 -25.01 5.16
C ALA C 97 1.58 -25.67 3.88
N LYS C 98 2.49 -26.43 3.32
CA LYS C 98 2.24 -27.24 2.13
C LYS C 98 2.55 -28.68 2.48
N PHE C 99 1.51 -29.51 2.65
CA PHE C 99 1.70 -30.93 2.93
C PHE C 99 1.41 -31.70 1.65
N SER C 100 2.40 -32.44 1.17
CA SER C 100 2.25 -33.22 -0.06
C SER C 100 1.29 -34.39 0.11
N ARG C 110 8.14 -33.79 -0.17
CA ARG C 110 8.53 -33.02 1.02
C ARG C 110 7.43 -32.04 1.41
N ASP C 111 7.22 -31.87 2.72
CA ASP C 111 6.33 -30.85 3.26
C ASP C 111 7.11 -29.58 3.61
N TYR C 112 6.41 -28.44 3.63
CA TYR C 112 7.04 -27.15 3.92
C TYR C 112 6.19 -26.35 4.91
N TRP C 113 6.86 -25.63 5.80
CA TRP C 113 6.17 -24.79 6.79
C TRP C 113 6.56 -23.33 6.60
N GLY C 114 5.61 -22.44 6.85
CA GLY C 114 5.94 -21.04 7.00
C GLY C 114 6.61 -20.75 8.35
N GLN C 115 6.80 -19.46 8.61
CA GLN C 115 7.43 -19.00 9.84
C GLN C 115 6.43 -18.69 10.94
N GLY C 116 5.15 -18.54 10.62
CA GLY C 116 4.14 -18.23 11.61
C GLY C 116 3.91 -16.74 11.75
N THR C 117 2.67 -16.38 12.07
CA THR C 117 2.29 -15.02 12.42
C THR C 117 1.34 -15.07 13.60
N LEU C 118 1.56 -14.17 14.57
CA LEU C 118 0.82 -14.22 15.83
C LEU C 118 -0.49 -13.49 15.69
N VAL C 119 -1.59 -14.14 16.05
CA VAL C 119 -2.90 -13.52 16.16
C VAL C 119 -3.30 -13.52 17.62
N THR C 120 -3.58 -12.34 18.16
CA THR C 120 -3.99 -12.19 19.55
C THR C 120 -5.41 -11.66 19.59
N VAL C 121 -6.33 -12.40 20.20
CA VAL C 121 -7.71 -11.95 20.33
C VAL C 121 -7.93 -11.64 21.80
N SER C 122 -8.12 -10.36 22.10
CA SER C 122 -8.15 -9.92 23.49
C SER C 122 -8.89 -8.59 23.55
N SER C 123 -9.54 -8.36 24.69
CA SER C 123 -10.11 -7.06 24.95
C SER C 123 -9.09 -6.05 25.47
N ALA C 124 -7.85 -6.49 25.74
CA ALA C 124 -6.82 -5.56 26.15
C ALA C 124 -6.38 -4.72 24.96
N SER C 125 -6.04 -3.46 25.25
CA SER C 125 -5.63 -2.51 24.21
C SER C 125 -4.13 -2.58 23.95
N THR C 126 -3.72 -2.12 22.77
CA THR C 126 -2.30 -2.04 22.46
C THR C 126 -1.65 -0.94 23.31
N LYS C 127 -0.39 -1.18 23.69
CA LYS C 127 0.42 -0.18 24.37
C LYS C 127 1.86 -0.29 23.88
N GLY C 128 2.45 0.82 23.43
CA GLY C 128 3.83 0.80 23.01
C GLY C 128 4.78 0.90 24.19
N PRO C 129 6.01 0.40 24.02
CA PRO C 129 6.94 0.38 25.14
C PRO C 129 7.59 1.74 25.33
N SER C 130 8.03 1.97 26.57
CA SER C 130 9.07 2.97 26.86
C SER C 130 10.43 2.29 26.82
N VAL C 131 11.43 2.98 26.26
CA VAL C 131 12.77 2.40 26.07
C VAL C 131 13.78 3.18 26.90
N PHE C 132 14.55 2.46 27.72
CA PHE C 132 15.54 3.09 28.58
C PHE C 132 16.92 2.49 28.31
N PRO C 133 17.94 3.32 28.25
CA PRO C 133 19.29 2.78 28.04
C PRO C 133 19.82 2.16 29.32
N LEU C 134 20.61 1.10 29.16
CA LEU C 134 21.28 0.44 30.27
C LEU C 134 22.78 0.69 30.07
N ALA C 135 23.30 1.71 30.75
CA ALA C 135 24.73 2.10 30.65
C ALA C 135 25.69 1.04 31.18
N PRO C 136 26.96 1.05 30.74
CA PRO C 136 27.73 1.89 29.81
C PRO C 136 28.19 1.14 28.57
N GLY C 144 38.75 -5.68 29.92
CA GLY C 144 38.23 -6.68 28.99
C GLY C 144 37.04 -6.17 28.21
N THR C 145 35.86 -6.68 28.57
CA THR C 145 34.63 -6.38 27.85
C THR C 145 33.63 -5.70 28.79
N ALA C 146 32.66 -5.03 28.19
CA ALA C 146 31.65 -4.29 28.93
C ALA C 146 30.27 -4.65 28.39
N ALA C 147 29.30 -4.72 29.30
CA ALA C 147 27.91 -4.99 28.93
C ALA C 147 27.11 -3.71 28.94
N LEU C 148 26.34 -3.48 27.87
CA LEU C 148 25.43 -2.35 27.81
C LEU C 148 24.13 -2.84 27.17
N GLY C 149 23.05 -2.11 27.36
CA GLY C 149 21.82 -2.66 26.84
C GLY C 149 20.69 -1.66 26.74
N CYS C 150 19.50 -2.19 26.49
CA CYS C 150 18.29 -1.38 26.43
C CYS C 150 17.17 -2.15 27.10
N LEU C 151 16.42 -1.45 27.94
CA LEU C 151 15.22 -1.95 28.60
C LEU C 151 14.00 -1.50 27.81
N VAL C 152 13.17 -2.47 27.41
CA VAL C 152 11.96 -2.21 26.61
C VAL C 152 10.78 -2.48 27.54
N LYS C 153 10.17 -1.43 28.08
CA LYS C 153 9.30 -1.54 29.24
C LYS C 153 7.83 -1.38 28.87
N ASP C 154 6.99 -2.30 29.35
CA ASP C 154 5.52 -2.15 29.44
C ASP C 154 4.87 -2.02 28.06
N TYR C 155 4.86 -3.12 27.31
CA TYR C 155 4.19 -3.10 26.02
C TYR C 155 3.19 -4.26 25.92
N PHE C 156 2.29 -4.14 24.95
CA PHE C 156 1.32 -5.22 24.67
C PHE C 156 0.82 -5.03 23.25
N PRO C 157 0.66 -6.11 22.48
CA PRO C 157 1.03 -7.51 22.68
C PRO C 157 2.44 -7.75 22.20
N GLU C 158 2.87 -9.00 22.27
CA GLU C 158 4.08 -9.39 21.56
C GLU C 158 3.84 -9.20 20.05
N PRO C 159 4.90 -9.08 19.24
CA PRO C 159 6.32 -9.10 19.55
C PRO C 159 6.98 -7.72 19.46
N VAL C 160 8.22 -7.68 19.95
CA VAL C 160 9.12 -6.55 19.80
C VAL C 160 10.38 -7.05 19.10
N THR C 161 10.95 -6.26 18.19
CA THR C 161 12.29 -6.56 17.68
C THR C 161 13.29 -5.53 18.18
N VAL C 162 14.54 -5.97 18.36
CA VAL C 162 15.61 -5.07 18.77
C VAL C 162 16.80 -5.33 17.88
N SER C 163 17.32 -4.29 17.27
CA SER C 163 18.60 -4.37 16.60
C SER C 163 19.55 -3.36 17.24
N TRP C 164 20.83 -3.46 16.86
CA TRP C 164 21.85 -2.54 17.37
C TRP C 164 22.54 -1.93 16.17
N ASN C 165 22.68 -0.61 16.19
CA ASN C 165 23.27 0.12 15.06
C ASN C 165 22.63 -0.30 13.73
N SER C 166 21.29 -0.45 13.74
CA SER C 166 20.51 -0.77 12.53
C SER C 166 20.99 -2.05 11.86
N GLY C 167 21.50 -2.99 12.64
CA GLY C 167 21.91 -4.27 12.11
C GLY C 167 23.38 -4.40 11.88
N ALA C 168 24.15 -3.32 12.01
CA ALA C 168 25.61 -3.39 11.83
C ALA C 168 26.29 -4.14 12.96
N LEU C 169 25.63 -4.26 14.11
CA LEU C 169 26.22 -4.90 15.29
C LEU C 169 25.36 -6.09 15.66
N THR C 170 25.92 -7.30 15.56
CA THR C 170 25.18 -8.50 15.89
C THR C 170 25.99 -9.39 16.82
N SER C 171 27.32 -9.33 16.70
CA SER C 171 28.16 -10.17 17.53
C SER C 171 28.06 -9.73 18.98
N GLY C 172 27.84 -10.69 19.88
CA GLY C 172 27.70 -10.36 21.28
C GLY C 172 26.34 -9.82 21.68
N VAL C 173 25.34 -9.78 20.77
CA VAL C 173 24.00 -9.29 21.11
C VAL C 173 23.17 -10.44 21.69
N HIS C 174 22.50 -10.17 22.81
CA HIS C 174 21.57 -11.15 23.36
C HIS C 174 20.28 -10.44 23.78
N THR C 175 19.24 -10.65 23.01
CA THR C 175 17.92 -10.09 23.33
C THR C 175 17.14 -11.18 24.05
N PHE C 176 16.70 -10.87 25.25
CA PHE C 176 16.10 -11.83 26.16
C PHE C 176 14.61 -11.97 25.91
N PRO C 177 14.08 -13.17 26.15
CA PRO C 177 12.62 -13.35 26.15
C PRO C 177 11.94 -12.41 27.13
N ALA C 178 10.76 -11.94 26.75
CA ALA C 178 10.07 -10.96 27.57
C ALA C 178 9.53 -11.61 28.85
N VAL C 179 9.40 -10.81 29.89
CA VAL C 179 8.61 -11.19 31.04
C VAL C 179 7.20 -10.69 30.81
N LEU C 180 6.24 -11.51 31.17
CA LEU C 180 4.84 -11.10 31.20
C LEU C 180 4.52 -10.73 32.64
N GLN C 181 4.31 -9.44 32.89
CA GLN C 181 4.11 -8.99 34.26
C GLN C 181 2.68 -9.19 34.71
N SER C 182 2.47 -9.07 36.03
CA SER C 182 1.12 -9.21 36.59
C SER C 182 0.14 -8.19 36.01
N SER C 183 0.64 -7.03 35.58
CA SER C 183 -0.17 -6.00 34.95
C SER C 183 -0.78 -6.44 33.62
N GLY C 184 -0.33 -7.55 33.04
CA GLY C 184 -0.69 -7.90 31.68
C GLY C 184 0.19 -7.29 30.60
N LEU C 185 1.20 -6.51 30.97
CA LEU C 185 2.13 -5.90 30.03
C LEU C 185 3.45 -6.66 30.02
N TYR C 186 4.11 -6.67 28.87
CA TYR C 186 5.42 -7.31 28.72
C TYR C 186 6.54 -6.31 28.94
N SER C 187 7.70 -6.81 29.34
CA SER C 187 8.96 -6.05 29.26
C SER C 187 10.04 -7.00 28.80
N LEU C 188 11.03 -6.47 28.08
CA LEU C 188 12.20 -7.28 27.75
C LEU C 188 13.45 -6.41 27.78
N SER C 189 14.61 -7.07 27.72
CA SER C 189 15.88 -6.36 27.61
C SER C 189 16.76 -6.97 26.52
N SER C 190 17.61 -6.12 25.95
CA SER C 190 18.60 -6.55 24.99
C SER C 190 19.96 -6.06 25.47
N VAL C 191 20.96 -6.95 25.48
CA VAL C 191 22.28 -6.59 26.00
C VAL C 191 23.30 -6.93 24.93
N VAL C 192 24.33 -6.12 24.82
CA VAL C 192 25.43 -6.40 23.91
C VAL C 192 26.71 -6.26 24.72
N THR C 193 27.61 -7.19 24.51
CA THR C 193 28.91 -7.19 25.16
C THR C 193 29.92 -6.68 24.13
N VAL C 194 30.66 -5.65 24.50
CA VAL C 194 31.56 -5.00 23.56
C VAL C 194 32.91 -4.82 24.25
N PRO C 195 33.96 -4.58 23.47
CA PRO C 195 35.26 -4.31 24.10
C PRO C 195 35.21 -2.98 24.83
N SER C 196 35.70 -2.98 26.07
CA SER C 196 35.99 -1.70 26.70
C SER C 196 36.98 -0.94 25.80
N SER C 197 37.19 0.33 26.10
CA SER C 197 38.05 1.21 25.31
C SER C 197 37.38 1.58 23.98
N SER C 198 36.40 0.79 23.56
CA SER C 198 35.56 1.18 22.43
C SER C 198 34.45 2.12 22.87
N LEU C 199 34.26 2.26 24.20
CA LEU C 199 33.16 3.05 24.74
C LEU C 199 33.31 4.53 24.40
N GLY C 200 34.52 5.06 24.48
CA GLY C 200 34.72 6.46 24.14
C GLY C 200 34.48 6.79 22.69
N THR C 201 34.73 5.83 21.80
CA THR C 201 34.82 6.06 20.37
C THR C 201 33.63 5.56 19.57
N GLN C 202 33.14 4.35 19.88
CA GLN C 202 32.05 3.71 19.14
C GLN C 202 30.67 4.08 19.69
N THR C 203 29.76 4.47 18.80
CA THR C 203 28.38 4.78 19.15
C THR C 203 27.54 3.50 19.13
N TYR C 204 26.70 3.33 20.16
CA TYR C 204 25.82 2.17 20.27
C TYR C 204 24.39 2.67 20.39
N ILE C 205 23.53 2.25 19.45
CA ILE C 205 22.13 2.63 19.40
C ILE C 205 21.30 1.37 19.30
N CYS C 206 20.34 1.21 20.21
CA CYS C 206 19.40 0.11 20.06
C CYS C 206 18.17 0.61 19.32
N ASN C 207 17.75 -0.15 18.32
CA ASN C 207 16.59 0.15 17.50
C ASN C 207 15.47 -0.79 17.93
N VAL C 208 14.44 -0.23 18.55
CA VAL C 208 13.32 -1.02 19.09
C VAL C 208 12.12 -0.78 18.18
N ASN C 209 11.50 -1.84 17.72
CA ASN C 209 10.30 -1.74 16.90
C ASN C 209 9.18 -2.53 17.55
N HIS C 210 8.07 -1.86 17.84
CA HIS C 210 6.88 -2.56 18.31
C HIS C 210 5.83 -2.28 17.25
N LYS C 211 5.79 -3.13 16.23
CA LYS C 211 4.87 -2.89 15.13
C LYS C 211 3.40 -2.83 15.53
N PRO C 212 2.88 -3.61 16.50
CA PRO C 212 1.45 -3.48 16.84
C PRO C 212 1.02 -2.06 17.22
N SER C 213 1.91 -1.24 17.76
CA SER C 213 1.58 0.12 18.17
C SER C 213 2.26 1.19 17.31
N ASN C 214 2.85 0.83 16.18
CA ASN C 214 3.60 1.79 15.37
C ASN C 214 4.70 2.49 16.15
N THR C 215 5.33 1.82 17.13
CA THR C 215 6.35 2.43 17.96
C THR C 215 7.72 2.08 17.40
N LYS C 216 8.52 3.09 17.11
CA LYS C 216 9.91 2.90 16.70
C LYS C 216 10.76 3.85 17.52
N VAL C 217 11.67 3.30 18.32
CA VAL C 217 12.51 4.09 19.21
C VAL C 217 13.95 3.74 18.92
N ASP C 218 14.79 4.76 18.73
CA ASP C 218 16.23 4.57 18.58
C ASP C 218 16.86 5.21 19.80
N LYS C 219 17.48 4.40 20.64
CA LYS C 219 18.01 4.90 21.90
C LYS C 219 19.51 4.76 21.91
N LYS C 220 20.21 5.88 22.04
CA LYS C 220 21.67 5.85 22.14
C LYS C 220 22.05 5.52 23.58
N VAL C 221 22.99 4.59 23.75
CA VAL C 221 23.39 4.10 25.08
C VAL C 221 24.84 4.54 25.35
N GLU C 222 25.00 5.46 26.31
CA GLU C 222 26.28 6.09 26.63
C GLU C 222 26.84 5.60 27.97
N PRO C 223 28.17 5.61 28.12
CA PRO C 223 28.74 5.48 29.46
C PRO C 223 28.38 6.68 30.33
N LYS C 224 28.05 6.41 31.59
CA LYS C 224 27.60 7.46 32.50
C LYS C 224 28.75 8.41 32.89
N GLN D 1 -13.09 -42.68 13.39
CA GLN D 1 -12.46 -41.37 13.48
C GLN D 1 -10.94 -41.52 13.36
N LEU D 2 -10.35 -40.75 12.44
CA LEU D 2 -8.92 -40.81 12.24
C LEU D 2 -8.22 -40.08 13.39
N VAL D 3 -7.46 -40.85 14.16
CA VAL D 3 -6.85 -40.38 15.40
C VAL D 3 -5.39 -40.83 15.43
N LEU D 4 -4.49 -39.98 15.94
CA LEU D 4 -3.09 -40.36 16.14
C LEU D 4 -2.75 -40.32 17.62
N THR D 5 -2.16 -41.40 18.14
CA THR D 5 -1.79 -41.47 19.55
C THR D 5 -0.27 -41.36 19.66
N GLN D 6 0.17 -40.46 20.52
CA GLN D 6 1.58 -40.27 20.83
C GLN D 6 1.75 -40.15 22.34
N SER D 7 2.80 -40.76 22.86
CA SER D 7 3.13 -40.56 24.26
C SER D 7 3.61 -39.14 24.50
N PRO D 8 3.18 -38.49 25.57
CA PRO D 8 3.51 -37.08 25.77
C PRO D 8 4.98 -36.82 26.03
N SER D 9 5.75 -37.81 26.49
CA SER D 9 7.15 -37.59 26.83
C SER D 9 8.02 -38.77 26.43
N ALA D 10 9.31 -38.48 26.21
CA ALA D 10 10.33 -39.49 25.96
C ALA D 10 11.67 -38.94 26.46
N SER D 11 12.59 -39.84 26.79
CA SER D 11 13.89 -39.36 27.21
C SER D 11 14.92 -40.40 26.85
N ALA D 12 16.15 -39.93 26.65
CA ALA D 12 17.30 -40.79 26.43
C ALA D 12 18.55 -39.97 26.69
N SER D 13 19.69 -40.65 26.78
CA SER D 13 20.91 -39.91 27.10
C SER D 13 21.60 -39.38 25.87
N LEU D 14 22.35 -38.30 26.08
CA LEU D 14 23.23 -37.77 25.07
C LEU D 14 24.08 -38.88 24.45
N GLY D 15 24.16 -38.89 23.11
CA GLY D 15 24.92 -39.89 22.38
C GLY D 15 24.23 -41.23 22.17
N ALA D 16 23.11 -41.47 22.84
CA ALA D 16 22.38 -42.72 22.72
C ALA D 16 21.29 -42.62 21.64
N SER D 17 20.44 -43.62 21.55
CA SER D 17 19.32 -43.63 20.61
C SER D 17 18.00 -43.60 21.34
N VAL D 18 16.98 -43.11 20.64
CA VAL D 18 15.62 -43.12 21.14
C VAL D 18 14.69 -43.44 19.98
N ARG D 19 13.59 -44.11 20.27
CA ARG D 19 12.52 -44.36 19.30
C ARG D 19 11.21 -43.78 19.81
N LEU D 20 10.58 -42.93 19.00
CA LEU D 20 9.29 -42.33 19.27
C LEU D 20 8.25 -43.09 18.47
N THR D 21 7.06 -43.27 19.07
CA THR D 21 6.00 -44.05 18.44
C THR D 21 4.77 -43.19 18.18
N CYS D 22 4.22 -43.33 16.98
CA CYS D 22 2.92 -42.76 16.61
C CYS D 22 2.00 -43.90 16.21
N THR D 23 0.84 -44.01 16.83
CA THR D 23 -0.08 -45.09 16.49
C THR D 23 -1.31 -44.57 15.75
N LEU D 24 -1.58 -45.15 14.58
CA LEU D 24 -2.82 -44.85 13.86
C LEU D 24 -4.01 -45.55 14.51
N SER D 25 -5.15 -44.82 14.59
CA SER D 25 -6.36 -45.45 15.06
C SER D 25 -6.75 -46.59 14.14
N SER D 26 -7.46 -47.58 14.70
CA SER D 26 -7.90 -48.73 13.92
C SER D 26 -8.80 -48.26 12.78
N GLY D 27 -8.64 -48.91 11.64
CA GLY D 27 -9.32 -48.50 10.44
C GLY D 27 -8.48 -47.70 9.48
N HIS D 28 -7.24 -47.37 9.86
CA HIS D 28 -6.36 -46.56 9.02
C HIS D 28 -4.94 -47.09 8.99
N SER D 29 -4.74 -48.36 9.27
CA SER D 29 -3.37 -48.82 9.50
C SER D 29 -2.49 -48.83 8.24
N SER D 30 -2.96 -48.52 7.04
CA SER D 30 -2.08 -48.40 5.89
C SER D 30 -1.65 -46.96 5.65
N TYR D 31 -1.98 -46.03 6.54
CA TYR D 31 -1.77 -44.64 6.16
C TYR D 31 -0.33 -44.23 6.32
N VAL D 32 0.09 -43.27 5.47
CA VAL D 32 1.38 -42.59 5.62
C VAL D 32 1.22 -41.56 6.73
N ILE D 33 2.29 -41.36 7.51
CA ILE D 33 2.35 -40.26 8.46
C ILE D 33 3.62 -39.48 8.17
N ALA D 34 3.63 -38.24 8.62
CA ALA D 34 4.82 -37.40 8.57
C ALA D 34 5.21 -37.02 9.99
N TRP D 35 6.52 -36.87 10.21
CA TRP D 35 7.05 -36.40 11.48
C TRP D 35 7.48 -34.94 11.33
N HIS D 36 7.11 -34.11 12.32
CA HIS D 36 7.54 -32.73 12.34
C HIS D 36 8.20 -32.45 13.69
N GLN D 37 9.31 -31.73 13.65
CA GLN D 37 10.04 -31.33 14.85
C GLN D 37 9.74 -29.89 15.22
N GLN D 38 9.58 -29.61 16.52
CA GLN D 38 9.46 -28.22 16.95
C GLN D 38 10.34 -27.98 18.17
N GLN D 39 11.45 -27.28 17.95
CA GLN D 39 12.32 -26.86 19.04
C GLN D 39 11.68 -25.69 19.79
N SER D 40 12.18 -25.48 21.00
CA SER D 40 11.68 -24.43 21.90
C SER D 40 11.59 -23.08 21.19
N GLU D 41 10.38 -22.53 21.17
CA GLU D 41 10.11 -21.18 20.69
C GLU D 41 10.49 -20.99 19.23
N LYS D 42 10.46 -22.09 18.47
CA LYS D 42 10.66 -22.06 17.03
C LYS D 42 9.44 -22.65 16.32
N GLY D 43 9.38 -22.40 15.01
CA GLY D 43 8.35 -23.00 14.20
C GLY D 43 8.68 -24.44 13.84
N PRO D 44 7.69 -25.21 13.40
CA PRO D 44 7.95 -26.61 13.06
C PRO D 44 8.85 -26.78 11.86
N ARG D 45 9.52 -27.93 11.82
CA ARG D 45 10.35 -28.35 10.70
C ARG D 45 9.92 -29.74 10.27
N TYR D 46 9.66 -29.92 8.98
CA TYR D 46 9.32 -31.24 8.48
C TYR D 46 10.55 -32.13 8.49
N LEU D 47 10.40 -33.35 9.02
CA LEU D 47 11.50 -34.34 9.05
C LEU D 47 11.38 -35.35 7.92
N MET D 48 10.25 -36.05 7.85
CA MET D 48 10.14 -37.19 6.95
C MET D 48 8.71 -37.70 6.91
N LYS D 49 8.41 -38.50 5.90
CA LYS D 49 7.19 -39.30 5.91
C LYS D 49 7.56 -40.76 6.14
N VAL D 50 6.62 -41.51 6.70
CA VAL D 50 6.82 -42.93 6.96
C VAL D 50 5.55 -43.67 6.53
N ASN D 51 5.67 -44.59 5.59
CA ASN D 51 4.50 -45.37 5.18
C ASN D 51 4.59 -46.78 5.76
N SER D 52 3.61 -47.63 5.41
CA SER D 52 3.59 -48.98 5.95
C SER D 52 4.85 -49.75 5.59
N ASP D 53 5.46 -49.42 4.44
CA ASP D 53 6.64 -50.15 4.03
C ASP D 53 7.74 -50.10 5.07
N GLY D 54 7.75 -49.07 5.92
CA GLY D 54 8.88 -48.80 6.77
C GLY D 54 9.86 -47.88 6.11
N SER D 55 9.80 -47.77 4.79
CA SER D 55 10.62 -46.80 4.09
C SER D 55 10.18 -45.40 4.51
N HIS D 56 11.03 -44.44 4.23
CA HIS D 56 10.79 -43.07 4.63
C HIS D 56 11.54 -42.14 3.70
N SER D 57 10.94 -40.98 3.47
CA SER D 57 11.53 -39.93 2.65
C SER D 57 11.76 -38.70 3.53
N LYS D 58 12.99 -38.16 3.48
CA LYS D 58 13.43 -37.07 4.33
C LYS D 58 13.30 -35.72 3.64
N GLY D 59 13.12 -34.68 4.46
CA GLY D 59 13.20 -33.32 3.96
C GLY D 59 14.65 -32.84 3.83
N ASP D 60 14.78 -31.62 3.32
CA ASP D 60 16.11 -31.06 3.03
C ASP D 60 16.91 -30.88 4.31
N GLY D 61 18.17 -31.34 4.30
CA GLY D 61 19.07 -31.08 5.41
C GLY D 61 18.85 -31.94 6.63
N ILE D 62 17.94 -32.90 6.60
CA ILE D 62 17.70 -33.72 7.79
C ILE D 62 18.85 -34.70 7.96
N PRO D 63 19.46 -34.78 9.13
CA PRO D 63 20.67 -35.62 9.29
C PRO D 63 20.38 -37.11 9.13
N ASP D 64 21.45 -37.84 8.81
CA ASP D 64 21.35 -39.29 8.63
C ASP D 64 20.99 -40.00 9.94
N ARG D 65 21.23 -39.37 11.08
CA ARG D 65 20.90 -40.05 12.32
C ARG D 65 19.40 -40.09 12.61
N PHE D 66 18.57 -39.42 11.79
CA PHE D 66 17.12 -39.54 11.89
C PHE D 66 16.65 -40.60 10.90
N SER D 67 15.80 -41.52 11.36
CA SER D 67 15.22 -42.48 10.44
C SER D 67 13.82 -42.85 10.89
N GLY D 68 13.10 -43.52 9.98
CA GLY D 68 11.74 -43.91 10.25
C GLY D 68 11.54 -45.37 9.93
N SER D 69 10.51 -45.94 10.53
CA SER D 69 10.18 -47.34 10.32
C SER D 69 8.73 -47.53 10.78
N SER D 70 8.21 -48.73 10.53
CA SER D 70 6.80 -48.95 10.84
C SER D 70 6.55 -50.41 11.18
N SER D 71 5.45 -50.64 11.89
CA SER D 71 5.01 -52.00 12.20
C SER D 71 3.52 -51.94 12.47
N GLY D 72 2.72 -52.57 11.60
CA GLY D 72 1.29 -52.53 11.78
C GLY D 72 0.77 -51.11 11.71
N ALA D 73 -0.04 -50.74 12.70
CA ALA D 73 -0.56 -49.37 12.77
C ALA D 73 0.42 -48.40 13.43
N GLU D 74 1.61 -48.85 13.79
CA GLU D 74 2.60 -48.03 14.48
C GLU D 74 3.62 -47.50 13.51
N ARG D 75 4.00 -46.25 13.71
CA ARG D 75 4.99 -45.55 12.93
C ARG D 75 6.02 -44.99 13.89
N TYR D 76 7.29 -45.10 13.53
CA TYR D 76 8.39 -44.82 14.44
C TYR D 76 9.28 -43.74 13.88
N LEU D 77 9.82 -42.94 14.79
CA LEU D 77 10.94 -42.05 14.48
C LEU D 77 12.06 -42.47 15.41
N THR D 78 13.22 -42.79 14.83
CA THR D 78 14.40 -43.18 15.58
C THR D 78 15.49 -42.14 15.38
N ILE D 79 16.02 -41.63 16.48
CA ILE D 79 17.11 -40.67 16.46
C ILE D 79 18.27 -41.32 17.17
N SER D 80 19.40 -41.51 16.47
CA SER D 80 20.61 -42.06 17.07
C SER D 80 21.63 -40.96 17.31
N SER D 81 22.66 -41.27 18.08
CA SER D 81 23.70 -40.31 18.48
C SER D 81 23.07 -38.97 18.88
N LEU D 82 22.17 -39.05 19.85
CA LEU D 82 21.40 -37.88 20.28
C LEU D 82 22.31 -36.72 20.67
N GLN D 83 21.93 -35.51 20.23
CA GLN D 83 22.59 -34.26 20.56
C GLN D 83 21.61 -33.37 21.30
N SER D 84 22.14 -32.34 21.95
CA SER D 84 21.29 -31.41 22.69
C SER D 84 20.24 -30.76 21.81
N GLU D 85 20.57 -30.52 20.53
CA GLU D 85 19.61 -29.89 19.62
C GLU D 85 18.38 -30.76 19.35
N ASP D 86 18.45 -32.06 19.62
CA ASP D 86 17.33 -32.95 19.35
C ASP D 86 16.21 -32.83 20.39
N GLU D 87 16.46 -32.12 21.48
CA GLU D 87 15.46 -31.88 22.49
C GLU D 87 14.39 -30.98 21.89
N ALA D 88 13.16 -31.46 21.80
CA ALA D 88 12.12 -30.77 21.03
C ALA D 88 10.82 -31.54 21.22
N ASP D 89 9.74 -30.95 20.72
CA ASP D 89 8.50 -31.67 20.59
C ASP D 89 8.42 -32.28 19.19
N TYR D 90 7.92 -33.50 19.10
CA TYR D 90 7.81 -34.23 17.85
C TYR D 90 6.35 -34.56 17.65
N TYR D 91 5.79 -34.08 16.53
CA TYR D 91 4.41 -34.32 16.18
C TYR D 91 4.33 -35.28 15.01
N CYS D 92 3.45 -36.27 15.11
CA CYS D 92 3.10 -37.00 13.92
C CYS D 92 1.83 -36.41 13.31
N GLN D 93 1.65 -36.65 12.01
CA GLN D 93 0.62 -35.96 11.27
C GLN D 93 0.20 -36.85 10.10
N THR D 94 -1.09 -36.84 9.79
CA THR D 94 -1.53 -37.62 8.64
C THR D 94 -2.67 -36.86 7.98
N TRP D 95 -3.28 -37.50 6.98
CA TRP D 95 -4.24 -36.91 6.07
C TRP D 95 -5.47 -37.79 6.02
N GLY D 96 -6.65 -37.20 5.96
CA GLY D 96 -7.82 -38.03 5.74
C GLY D 96 -9.02 -37.31 5.16
N ALA D 97 -9.21 -37.40 3.84
CA ALA D 97 -10.37 -36.83 3.15
C ALA D 97 -10.42 -35.31 3.32
N GLY D 98 -9.41 -34.65 2.74
CA GLY D 98 -9.26 -33.21 2.78
C GLY D 98 -8.83 -32.61 4.10
N ILE D 99 -8.78 -33.38 5.17
CA ILE D 99 -8.43 -32.88 6.49
C ILE D 99 -7.07 -33.41 6.88
N LEU D 100 -6.36 -32.62 7.69
CA LEU D 100 -5.14 -33.04 8.36
C LEU D 100 -5.46 -33.42 9.81
N VAL D 101 -4.69 -34.37 10.35
CA VAL D 101 -4.83 -34.80 11.72
C VAL D 101 -3.43 -34.73 12.33
N PHE D 102 -3.32 -34.16 13.53
CA PHE D 102 -2.07 -34.14 14.27
C PHE D 102 -2.21 -34.97 15.53
N GLY D 103 -1.14 -35.70 15.86
CA GLY D 103 -1.01 -36.22 17.19
C GLY D 103 -0.74 -35.09 18.19
N GLY D 104 -0.83 -35.44 19.48
CA GLY D 104 -0.65 -34.43 20.51
C GLY D 104 0.78 -34.01 20.77
N GLY D 105 1.75 -34.67 20.15
CA GLY D 105 3.15 -34.34 20.38
C GLY D 105 3.83 -35.17 21.47
N THR D 106 5.11 -35.47 21.24
CA THR D 106 5.97 -36.12 22.23
C THR D 106 7.12 -35.18 22.52
N LYS D 107 7.29 -34.82 23.79
CA LYS D 107 8.40 -33.97 24.21
C LYS D 107 9.59 -34.86 24.53
N LEU D 108 10.70 -34.67 23.80
CA LEU D 108 11.93 -35.45 24.02
C LEU D 108 12.91 -34.66 24.88
N THR D 109 13.37 -35.28 25.98
CA THR D 109 14.40 -34.71 26.84
C THR D 109 15.68 -35.51 26.62
N VAL D 110 16.80 -34.81 26.47
CA VAL D 110 18.10 -35.46 26.29
C VAL D 110 18.89 -35.32 27.59
N LEU D 111 19.13 -36.45 28.26
CA LEU D 111 19.80 -36.46 29.55
C LEU D 111 21.31 -36.40 29.36
N SER D 112 22.01 -35.98 30.43
CA SER D 112 23.46 -36.06 30.55
C SER D 112 24.19 -34.96 29.76
N GLN D 113 23.52 -33.83 29.53
CA GLN D 113 24.21 -32.68 28.98
C GLN D 113 25.07 -32.04 30.06
N PRO D 114 26.16 -31.37 29.69
CA PRO D 114 27.08 -30.85 30.72
C PRO D 114 26.49 -29.68 31.50
N LYS D 115 26.77 -29.67 32.81
CA LYS D 115 26.42 -28.51 33.63
C LYS D 115 27.12 -27.24 33.16
N ALA D 116 26.39 -26.12 33.18
CA ALA D 116 26.94 -24.81 32.87
C ALA D 116 26.41 -23.81 33.89
N ALA D 117 27.30 -23.05 34.53
CA ALA D 117 26.89 -22.08 35.53
C ALA D 117 26.43 -20.78 34.86
N PRO D 118 25.47 -20.08 35.47
CA PRO D 118 24.92 -18.88 34.83
C PRO D 118 25.89 -17.70 34.89
N SER D 119 25.89 -16.92 33.80
CA SER D 119 26.46 -15.58 33.77
C SER D 119 25.34 -14.62 34.17
N VAL D 120 25.64 -13.71 35.08
CA VAL D 120 24.64 -12.78 35.60
C VAL D 120 25.12 -11.37 35.33
N THR D 121 24.24 -10.53 34.78
CA THR D 121 24.50 -9.11 34.61
C THR D 121 23.36 -8.34 35.26
N LEU D 122 23.71 -7.38 36.12
CA LEU D 122 22.68 -6.61 36.82
C LEU D 122 22.82 -5.14 36.48
N PHE D 123 21.70 -4.51 36.02
CA PHE D 123 21.71 -3.09 35.71
C PHE D 123 20.87 -2.32 36.72
N PRO D 124 21.36 -1.17 37.16
CA PRO D 124 20.56 -0.29 38.02
C PRO D 124 19.52 0.46 37.20
N PRO D 125 18.60 1.18 37.84
CA PRO D 125 17.69 2.03 37.08
C PRO D 125 18.47 3.08 36.31
N SER D 126 18.01 3.39 35.10
CA SER D 126 18.63 4.45 34.32
C SER D 126 18.23 5.81 34.88
N SER D 127 19.04 6.82 34.55
CA SER D 127 18.69 8.21 34.83
C SER D 127 17.36 8.59 34.22
N GLU D 128 17.11 8.16 32.97
CA GLU D 128 15.87 8.51 32.29
C GLU D 128 14.66 7.93 33.01
N GLU D 129 14.75 6.68 33.47
CA GLU D 129 13.62 6.12 34.20
C GLU D 129 13.44 6.80 35.56
N LEU D 130 14.53 7.11 36.26
CA LEU D 130 14.41 7.79 37.55
C LEU D 130 13.78 9.17 37.37
N GLN D 131 14.12 9.85 36.27
CA GLN D 131 13.51 11.15 35.98
C GLN D 131 12.02 11.02 35.70
N ALA D 132 11.58 9.87 35.20
CA ALA D 132 10.15 9.60 35.03
C ALA D 132 9.52 9.04 36.30
N ASN D 133 10.21 9.13 37.43
CA ASN D 133 9.70 8.74 38.75
C ASN D 133 9.43 7.23 38.84
N LYS D 134 10.26 6.44 38.19
CA LYS D 134 10.16 4.99 38.23
C LYS D 134 11.56 4.42 38.42
N ALA D 135 11.63 3.14 38.71
CA ALA D 135 12.93 2.51 38.87
C ALA D 135 12.78 1.02 38.64
N THR D 136 13.61 0.46 37.77
CA THR D 136 13.60 -0.98 37.51
C THR D 136 15.03 -1.47 37.56
N LEU D 137 15.29 -2.47 38.40
CA LEU D 137 16.54 -3.20 38.36
C LEU D 137 16.36 -4.41 37.46
N VAL D 138 17.37 -4.67 36.62
CA VAL D 138 17.28 -5.66 35.55
C VAL D 138 18.37 -6.68 35.74
N CYS D 139 17.99 -7.92 36.06
CA CYS D 139 18.94 -9.00 36.31
C CYS D 139 18.84 -10.00 35.15
N LEU D 140 19.91 -10.07 34.35
CA LEU D 140 19.94 -10.90 33.14
C LEU D 140 20.81 -12.12 33.38
N ILE D 141 20.26 -13.30 33.11
CA ILE D 141 20.87 -14.58 33.51
C ILE D 141 21.03 -15.42 32.27
N SER D 142 22.28 -15.81 31.94
CA SER D 142 22.45 -16.52 30.68
C SER D 142 23.41 -17.69 30.79
N ASP D 143 23.39 -18.52 29.73
CA ASP D 143 24.36 -19.59 29.49
C ASP D 143 24.36 -20.66 30.58
N PHE D 144 23.22 -20.97 31.19
CA PHE D 144 23.23 -21.98 32.24
C PHE D 144 22.55 -23.26 31.80
N TYR D 145 22.96 -24.37 32.40
CA TYR D 145 22.35 -25.67 32.12
C TYR D 145 22.55 -26.55 33.35
N PRO D 146 21.52 -27.26 33.82
CA PRO D 146 20.14 -27.39 33.35
C PRO D 146 19.35 -26.07 33.44
N GLY D 147 18.18 -26.04 32.83
CA GLY D 147 17.41 -24.82 32.70
C GLY D 147 16.50 -24.55 33.87
N ALA D 148 17.08 -24.40 35.06
CA ALA D 148 16.30 -24.05 36.23
C ALA D 148 17.14 -23.19 37.15
N VAL D 149 16.58 -22.08 37.60
CA VAL D 149 17.25 -21.18 38.53
C VAL D 149 16.20 -20.70 39.51
N THR D 150 16.66 -20.25 40.68
CA THR D 150 15.82 -19.44 41.56
C THR D 150 16.52 -18.09 41.77
N VAL D 151 15.73 -17.03 41.81
CA VAL D 151 16.27 -15.68 41.94
C VAL D 151 15.75 -15.12 43.24
N ALA D 152 16.64 -14.55 44.03
CA ALA D 152 16.27 -13.88 45.25
C ALA D 152 16.89 -12.50 45.19
N TRP D 153 16.12 -11.49 45.59
CA TRP D 153 16.58 -10.12 45.59
C TRP D 153 16.81 -9.67 47.03
N LYS D 154 17.83 -8.84 47.23
CA LYS D 154 18.19 -8.32 48.54
C LYS D 154 18.27 -6.80 48.49
N ALA D 155 17.70 -6.14 49.49
CA ALA D 155 17.94 -4.72 49.72
C ALA D 155 18.92 -4.63 50.87
N ASP D 156 20.12 -4.12 50.59
CA ASP D 156 21.26 -4.34 51.46
C ASP D 156 21.39 -5.84 51.69
N SER D 157 21.07 -6.33 52.89
CA SER D 157 21.16 -7.76 53.13
C SER D 157 19.82 -8.43 53.44
N SER D 158 18.69 -7.67 53.34
CA SER D 158 17.31 -8.07 53.65
C SER D 158 16.59 -8.58 52.40
N PRO D 159 15.80 -9.64 52.55
CA PRO D 159 15.05 -10.17 51.41
C PRO D 159 13.99 -9.19 50.93
N VAL D 160 13.83 -9.14 49.61
CA VAL D 160 12.77 -8.35 48.95
C VAL D 160 11.82 -9.33 48.28
N LYS D 161 10.53 -9.23 48.62
CA LYS D 161 9.48 -10.04 48.01
C LYS D 161 8.73 -9.26 46.92
N ALA D 162 8.40 -8.00 47.20
CA ALA D 162 7.45 -7.27 46.41
C ALA D 162 8.08 -6.73 45.14
N GLY D 163 7.31 -6.71 44.07
CA GLY D 163 7.80 -6.08 42.87
C GLY D 163 8.75 -6.91 42.03
N VAL D 164 8.85 -8.21 42.28
CA VAL D 164 9.75 -9.09 41.52
C VAL D 164 8.94 -9.83 40.45
N GLU D 165 9.42 -9.78 39.21
CA GLU D 165 8.85 -10.53 38.08
C GLU D 165 9.98 -11.28 37.40
N THR D 166 9.86 -12.61 37.31
CA THR D 166 10.96 -13.44 36.82
C THR D 166 10.43 -14.36 35.74
N THR D 167 11.19 -14.49 34.66
CA THR D 167 10.76 -15.33 33.54
C THR D 167 11.05 -16.79 33.85
N THR D 168 10.33 -17.65 33.15
CA THR D 168 10.77 -19.04 33.11
C THR D 168 11.96 -19.16 32.17
N PRO D 169 12.92 -20.04 32.45
CA PRO D 169 14.07 -20.16 31.56
C PRO D 169 13.68 -20.68 30.20
N SER D 170 14.40 -20.22 29.17
CA SER D 170 14.17 -20.67 27.80
C SER D 170 15.49 -20.98 27.12
N LYS D 171 15.48 -22.03 26.31
CA LYS D 171 16.71 -22.50 25.70
C LYS D 171 17.20 -21.52 24.63
N GLN D 172 18.49 -21.16 24.72
CA GLN D 172 19.18 -20.30 23.77
C GLN D 172 19.60 -21.10 22.54
N SER D 173 20.04 -20.39 21.49
CA SER D 173 20.54 -21.07 20.31
C SER D 173 21.82 -21.88 20.56
N ASN D 174 22.56 -21.60 21.63
CA ASN D 174 23.74 -22.40 21.97
C ASN D 174 23.42 -23.56 22.91
N ASN D 175 22.14 -23.87 23.09
CA ASN D 175 21.62 -24.99 23.87
C ASN D 175 21.77 -24.83 25.38
N LYS D 176 22.17 -23.65 25.84
CA LYS D 176 22.08 -23.28 27.24
C LYS D 176 20.84 -22.40 27.41
N TYR D 177 20.56 -22.01 28.66
CA TYR D 177 19.31 -21.34 28.98
C TYR D 177 19.55 -19.89 29.37
N ALA D 178 18.48 -19.09 29.24
CA ALA D 178 18.46 -17.70 29.64
C ALA D 178 17.19 -17.42 30.46
N ALA D 179 17.30 -16.45 31.36
CA ALA D 179 16.15 -15.99 32.12
C ALA D 179 16.43 -14.57 32.54
N SER D 180 15.37 -13.87 32.97
CA SER D 180 15.61 -12.54 33.48
C SER D 180 14.70 -12.29 34.66
N SER D 181 15.12 -11.36 35.51
CA SER D 181 14.30 -11.00 36.64
C SER D 181 14.31 -9.49 36.77
N TYR D 182 13.14 -8.92 37.06
CA TYR D 182 12.94 -7.49 37.13
C TYR D 182 12.43 -7.15 38.52
N LEU D 183 13.07 -6.18 39.17
CA LEU D 183 12.59 -5.68 40.46
C LEU D 183 12.13 -4.24 40.27
N SER D 184 10.84 -4.00 40.53
CA SER D 184 10.30 -2.65 40.44
C SER D 184 10.35 -1.98 41.81
N LEU D 185 10.89 -0.76 41.85
CA LEU D 185 11.02 0.00 43.09
C LEU D 185 10.56 1.43 42.83
N THR D 186 10.23 2.15 43.91
CA THR D 186 10.19 3.59 43.81
C THR D 186 11.60 4.15 43.88
N PRO D 187 11.83 5.35 43.34
CA PRO D 187 13.14 5.98 43.53
C PRO D 187 13.53 6.15 44.99
N GLU D 188 12.55 6.43 45.86
CA GLU D 188 12.84 6.55 47.28
C GLU D 188 13.34 5.24 47.86
N GLN D 189 12.68 4.13 47.53
CA GLN D 189 13.15 2.82 47.97
C GLN D 189 14.57 2.55 47.48
N TRP D 190 14.82 2.86 46.20
CA TRP D 190 16.14 2.64 45.61
C TRP D 190 17.23 3.36 46.39
N LYS D 191 16.98 4.62 46.74
CA LYS D 191 18.01 5.42 47.40
C LYS D 191 18.14 5.15 48.89
N SER D 192 17.23 4.39 49.50
CA SER D 192 17.23 4.23 50.94
C SER D 192 18.13 3.10 51.38
N HIS D 193 18.67 2.35 50.43
CA HIS D 193 19.58 1.26 50.72
C HIS D 193 20.90 1.57 50.07
N ARG D 194 21.97 1.07 50.70
CA ARG D 194 23.30 1.26 50.16
C ARG D 194 23.55 0.43 48.91
N SER D 195 22.80 -0.67 48.73
CA SER D 195 22.89 -1.47 47.51
C SER D 195 21.71 -2.44 47.44
N TYR D 196 21.50 -2.98 46.24
CA TYR D 196 20.60 -4.10 46.01
C TYR D 196 21.37 -5.20 45.32
N SER D 197 20.96 -6.46 45.54
CA SER D 197 21.67 -7.57 44.94
C SER D 197 20.67 -8.53 44.31
N CYS D 198 21.09 -9.10 43.20
CA CYS D 198 20.36 -10.18 42.52
C CYS D 198 21.16 -11.45 42.77
N GLN D 199 20.55 -12.41 43.45
CA GLN D 199 21.22 -13.67 43.79
C GLN D 199 20.58 -14.80 43.01
N VAL D 200 21.34 -15.40 42.09
CA VAL D 200 20.83 -16.45 41.22
C VAL D 200 21.38 -17.79 41.72
N THR D 201 20.50 -18.69 42.11
CA THR D 201 20.89 -20.03 42.56
C THR D 201 20.62 -21.03 41.46
N HIS D 202 21.67 -21.77 41.12
CA HIS D 202 21.63 -22.75 40.04
C HIS D 202 22.39 -23.98 40.51
N GLU D 203 21.69 -25.12 40.54
CA GLU D 203 22.32 -26.38 40.88
C GLU D 203 23.06 -26.25 42.22
N GLY D 204 22.40 -25.61 43.17
CA GLY D 204 22.86 -25.46 44.54
C GLY D 204 23.91 -24.38 44.79
N SER D 205 24.38 -23.69 43.77
CA SER D 205 25.41 -22.67 43.94
C SER D 205 24.83 -21.32 43.56
N THR D 206 25.18 -20.28 44.31
CA THR D 206 24.61 -18.96 44.13
C THR D 206 25.63 -18.01 43.50
N VAL D 207 25.21 -17.32 42.41
CA VAL D 207 25.98 -16.23 41.81
C VAL D 207 25.24 -14.95 42.19
N GLU D 208 26.00 -13.93 42.58
CA GLU D 208 25.41 -12.70 43.08
C GLU D 208 26.03 -11.52 42.35
N LYS D 209 25.18 -10.54 41.98
CA LYS D 209 25.63 -9.26 41.49
C LYS D 209 24.95 -8.18 42.31
N THR D 210 25.62 -7.04 42.44
CA THR D 210 25.13 -5.96 43.30
C THR D 210 25.25 -4.64 42.57
N VAL D 211 24.28 -3.76 42.78
CA VAL D 211 24.34 -2.40 42.23
C VAL D 211 23.93 -1.42 43.32
N ALA D 212 24.34 -0.16 43.16
CA ALA D 212 24.13 0.91 44.14
C ALA D 212 23.78 2.22 43.46
N PRO D 213 22.98 3.09 44.12
CA PRO D 213 22.63 4.41 43.51
C PRO D 213 23.83 5.28 43.17
N VAL E 2 -12.06 22.37 -6.00
CA VAL E 2 -10.70 22.25 -5.44
C VAL E 2 -10.71 21.50 -4.11
N GLN E 3 -9.79 20.56 -3.93
CA GLN E 3 -9.66 19.92 -2.64
C GLN E 3 -8.18 19.79 -2.33
N LEU E 4 -7.83 19.98 -1.05
CA LEU E 4 -6.50 19.73 -0.50
C LEU E 4 -6.69 18.80 0.68
N LEU E 5 -6.04 17.64 0.65
CA LEU E 5 -6.24 16.63 1.68
C LEU E 5 -4.88 16.16 2.21
N GLU E 6 -4.61 16.51 3.47
CA GLU E 6 -3.35 16.12 4.13
C GLU E 6 -3.42 14.68 4.63
N SER E 7 -2.26 14.03 4.66
CA SER E 7 -2.19 12.75 5.34
C SER E 7 -0.79 12.61 5.95
N GLY E 8 -0.66 11.64 6.86
CA GLY E 8 0.64 11.26 7.38
C GLY E 8 0.94 11.70 8.79
N GLY E 9 0.06 12.46 9.44
CA GLY E 9 0.30 12.84 10.81
C GLY E 9 0.30 11.65 11.75
N GLY E 10 0.93 11.84 12.89
CA GLY E 10 0.97 10.80 13.90
C GLY E 10 1.95 11.18 14.98
N LEU E 11 2.33 10.19 15.79
CA LEU E 11 3.18 10.37 16.95
C LEU E 11 4.62 10.01 16.59
N VAL E 12 5.55 10.85 17.02
CA VAL E 12 6.97 10.73 16.69
C VAL E 12 7.78 10.96 17.93
N GLN E 13 8.85 10.16 18.12
CA GLN E 13 9.77 10.45 19.21
C GLN E 13 10.59 11.71 18.93
N PRO E 14 11.04 12.41 19.98
CA PRO E 14 11.94 13.54 19.75
C PRO E 14 13.19 13.05 19.03
N GLY E 15 13.61 13.80 18.03
CA GLY E 15 14.71 13.41 17.19
C GLY E 15 14.31 12.59 16.00
N GLY E 16 13.06 12.12 15.93
CA GLY E 16 12.57 11.30 14.84
C GLY E 16 12.15 12.10 13.62
N SER E 17 11.65 11.37 12.62
CA SER E 17 11.29 11.87 11.29
C SER E 17 9.86 11.49 10.95
N LEU E 18 9.25 12.31 10.09
CA LEU E 18 7.90 12.06 9.60
C LEU E 18 7.71 12.82 8.30
N ARG E 19 7.00 12.22 7.35
CA ARG E 19 6.68 12.91 6.12
C ARG E 19 5.17 13.10 6.02
N LEU E 20 4.75 14.33 5.77
CA LEU E 20 3.36 14.62 5.45
C LEU E 20 3.17 14.74 3.95
N SER E 21 1.96 14.40 3.49
CA SER E 21 1.60 14.54 2.09
C SER E 21 0.31 15.34 2.01
N CYS E 22 0.13 16.01 0.88
CA CYS E 22 -1.10 16.76 0.63
C CYS E 22 -1.52 16.51 -0.80
N ALA E 23 -2.67 15.85 -0.97
CA ALA E 23 -3.19 15.52 -2.28
C ALA E 23 -4.06 16.66 -2.77
N ALA E 24 -3.68 17.25 -3.88
CA ALA E 24 -4.41 18.37 -4.46
C ALA E 24 -5.24 17.89 -5.65
N SER E 25 -6.44 18.46 -5.80
CA SER E 25 -7.25 18.13 -6.97
C SER E 25 -8.09 19.35 -7.34
N GLY E 26 -8.49 19.39 -8.61
CA GLY E 26 -9.39 20.41 -9.10
C GLY E 26 -8.77 21.65 -9.67
N PHE E 27 -7.45 21.69 -9.86
CA PHE E 27 -6.79 22.85 -10.43
C PHE E 27 -5.44 22.37 -10.95
N THR E 28 -4.83 23.16 -11.84
CA THR E 28 -3.56 22.77 -12.44
C THR E 28 -2.47 23.00 -11.40
N PHE E 29 -2.16 21.94 -10.66
CA PHE E 29 -1.28 21.99 -9.49
C PHE E 29 0.03 22.72 -9.80
N SER E 30 0.71 22.33 -10.89
CA SER E 30 2.05 22.81 -11.18
C SER E 30 2.10 24.31 -11.49
N THR E 31 0.97 24.95 -11.75
CA THR E 31 0.96 26.39 -11.99
C THR E 31 1.14 27.20 -10.71
N TYR E 32 0.86 26.63 -9.53
CA TYR E 32 0.73 27.42 -8.31
C TYR E 32 1.78 27.08 -7.26
N ALA E 33 2.31 28.11 -6.61
CA ALA E 33 3.05 27.91 -5.38
C ALA E 33 2.15 27.32 -4.31
N MET E 34 2.68 26.40 -3.52
CA MET E 34 1.95 25.71 -2.48
C MET E 34 2.64 25.95 -1.15
N SER E 35 1.88 25.89 -0.03
CA SER E 35 2.42 26.25 1.27
C SER E 35 2.06 25.22 2.33
N TRP E 36 2.88 25.20 3.38
CA TRP E 36 2.59 24.52 4.61
C TRP E 36 2.49 25.56 5.73
N VAL E 37 1.46 25.42 6.60
CA VAL E 37 1.21 26.28 7.73
C VAL E 37 0.94 25.38 8.92
N ARG E 38 1.37 25.77 10.12
CA ARG E 38 1.04 24.89 11.24
C ARG E 38 0.45 25.71 12.38
N GLN E 39 -0.14 24.98 13.34
CA GLN E 39 -0.75 25.63 14.51
C GLN E 39 -0.51 24.75 15.73
N ALA E 40 0.36 25.19 16.64
CA ALA E 40 0.56 24.44 17.89
C ALA E 40 -0.65 24.64 18.78
N PRO E 41 -0.88 23.71 19.71
CA PRO E 41 -2.11 23.76 20.51
C PRO E 41 -2.28 25.11 21.19
N GLY E 42 -3.48 25.67 21.01
CA GLY E 42 -3.87 26.95 21.58
C GLY E 42 -3.12 28.15 21.06
N LYS E 43 -2.34 28.02 19.98
CA LYS E 43 -1.50 29.10 19.51
C LYS E 43 -1.98 29.52 18.11
N GLY E 44 -1.31 30.52 17.51
CA GLY E 44 -1.71 31.07 16.23
C GLY E 44 -1.16 30.31 15.03
N LEU E 45 -1.61 30.72 13.84
CA LEU E 45 -1.12 30.11 12.61
C LEU E 45 0.30 30.55 12.37
N GLU E 46 1.17 29.60 11.98
CA GLU E 46 2.58 29.88 11.72
C GLU E 46 2.92 29.33 10.35
N TRP E 47 3.40 30.22 9.48
CA TRP E 47 3.87 29.78 8.18
C TRP E 47 5.12 28.92 8.36
N VAL E 48 5.17 27.80 7.65
CA VAL E 48 6.27 26.83 7.72
C VAL E 48 7.16 26.89 6.48
N SER E 49 6.56 26.78 5.30
CA SER E 49 7.32 26.68 4.06
C SER E 49 6.45 26.97 2.84
N GLY E 50 7.10 27.41 1.77
CA GLY E 50 6.42 27.59 0.51
C GLY E 50 7.32 27.06 -0.60
N ILE E 51 6.69 26.59 -1.66
CA ILE E 51 7.42 26.03 -2.80
C ILE E 51 6.79 26.51 -4.10
N SER E 52 7.62 26.92 -5.04
CA SER E 52 7.10 27.41 -6.31
C SER E 52 6.45 26.28 -7.12
N GLY E 53 5.61 26.67 -8.10
CA GLY E 53 4.92 25.68 -8.92
C GLY E 53 5.84 24.62 -9.52
N SER E 54 6.96 25.06 -10.10
CA SER E 54 7.91 24.11 -10.70
C SER E 54 8.71 23.34 -9.66
N GLY E 55 8.71 23.80 -8.41
CA GLY E 55 9.56 23.18 -7.41
C GLY E 55 10.95 23.82 -7.37
N GLY E 56 11.22 24.79 -8.24
CA GLY E 56 12.55 25.36 -8.34
C GLY E 56 12.94 26.34 -7.24
N SER E 57 11.98 26.86 -6.49
CA SER E 57 12.28 27.79 -5.42
C SER E 57 11.50 27.37 -4.19
N THR E 58 12.17 27.32 -3.05
CA THR E 58 11.58 26.87 -1.80
C THR E 58 12.05 27.78 -0.68
N TYR E 59 11.13 28.12 0.23
CA TYR E 59 11.40 29.02 1.34
C TYR E 59 10.93 28.35 2.62
N TYR E 60 11.59 28.69 3.73
CA TYR E 60 11.34 28.08 5.02
C TYR E 60 11.33 29.11 6.13
N ALA E 61 10.45 28.91 7.13
CA ALA E 61 10.56 29.65 8.37
C ALA E 61 11.88 29.34 9.06
N ASP E 62 12.41 30.35 9.78
CA ASP E 62 13.69 30.12 10.48
C ASP E 62 13.58 28.97 11.48
N SER E 63 12.40 28.79 12.07
CA SER E 63 12.17 27.80 13.11
C SER E 63 12.31 26.36 12.61
N VAL E 64 12.26 26.13 11.29
CA VAL E 64 12.35 24.78 10.75
C VAL E 64 13.48 24.61 9.76
N LYS E 65 14.23 25.67 9.47
CA LYS E 65 15.29 25.60 8.48
C LYS E 65 16.31 24.52 8.84
N GLY E 66 16.69 23.72 7.84
CA GLY E 66 17.65 22.65 8.00
C GLY E 66 17.08 21.34 8.48
N ARG E 67 15.85 21.34 8.97
CA ARG E 67 15.20 20.15 9.49
C ARG E 67 14.00 19.70 8.67
N PHE E 68 13.33 20.64 8.00
CA PHE E 68 12.16 20.38 7.20
C PHE E 68 12.50 20.59 5.73
N THR E 69 11.99 19.72 4.84
CA THR E 69 12.23 19.86 3.41
C THR E 69 10.93 19.67 2.66
N THR E 70 10.56 20.69 1.90
CA THR E 70 9.34 20.64 1.13
C THR E 70 9.67 20.15 -0.27
N SER E 71 8.77 19.36 -0.85
CA SER E 71 8.92 18.95 -2.23
C SER E 71 7.53 18.74 -2.81
N ARG E 72 7.48 18.50 -4.11
CA ARG E 72 6.21 18.30 -4.77
C ARG E 72 6.39 17.38 -5.97
N ASP E 73 5.31 16.66 -6.28
CA ASP E 73 5.25 15.80 -7.45
C ASP E 73 4.15 16.36 -8.34
N ASN E 74 4.54 16.92 -9.49
CA ASN E 74 3.60 17.62 -10.36
C ASN E 74 2.87 16.72 -11.36
N SER E 75 3.02 15.40 -11.26
CA SER E 75 2.20 14.42 -11.96
C SER E 75 1.15 13.81 -11.06
N LYS E 76 1.53 13.49 -9.83
CA LYS E 76 0.61 13.00 -8.81
C LYS E 76 -0.15 14.13 -8.12
N ASN E 77 0.21 15.38 -8.41
CA ASN E 77 -0.38 16.57 -7.81
C ASN E 77 -0.35 16.47 -6.29
N THR E 78 0.84 16.20 -5.76
CA THR E 78 1.02 15.97 -4.33
C THR E 78 2.12 16.88 -3.82
N LEU E 79 1.86 17.51 -2.68
CA LEU E 79 2.84 18.31 -1.93
C LEU E 79 3.34 17.51 -0.73
N TYR E 80 4.65 17.58 -0.44
CA TYR E 80 5.24 16.85 0.67
C TYR E 80 5.94 17.77 1.65
N LEU E 81 5.95 17.37 2.92
CA LEU E 81 6.79 18.01 3.93
C LEU E 81 7.55 16.92 4.66
N GLN E 82 8.87 16.86 4.45
CA GLN E 82 9.69 15.85 5.13
C GLN E 82 10.32 16.48 6.35
N MET E 83 10.03 15.94 7.51
CA MET E 83 10.55 16.47 8.77
C MET E 83 11.58 15.48 9.32
N ASN E 84 12.73 16.00 9.69
CA ASN E 84 13.74 15.23 10.41
C ASN E 84 14.10 16.01 11.65
N SER E 85 14.72 15.30 12.60
CA SER E 85 15.17 15.91 13.85
C SER E 85 14.03 16.67 14.53
N LEU E 86 12.90 16.02 14.65
CA LEU E 86 11.73 16.67 15.22
C LEU E 86 11.90 16.95 16.70
N ARG E 87 11.28 18.03 17.14
CA ARG E 87 11.35 18.53 18.51
C ARG E 87 9.94 18.64 19.08
N ALA E 88 9.85 18.58 20.42
CA ALA E 88 8.54 18.68 21.07
C ALA E 88 7.78 19.89 20.58
N GLU E 89 8.45 21.00 20.36
CA GLU E 89 7.77 22.23 19.95
C GLU E 89 7.36 22.24 18.49
N ASP E 90 7.67 21.17 17.72
CA ASP E 90 7.04 21.02 16.41
C ASP E 90 5.65 20.38 16.47
N THR E 91 5.18 20.01 17.66
CA THR E 91 3.85 19.47 17.80
C THR E 91 2.84 20.50 17.34
N ALA E 92 1.97 20.11 16.42
CA ALA E 92 1.04 21.09 15.84
C ALA E 92 0.11 20.37 14.88
N VAL E 93 -1.01 21.04 14.54
CA VAL E 93 -1.76 20.65 13.35
C VAL E 93 -1.09 21.31 12.14
N TYR E 94 -0.79 20.51 11.13
CA TYR E 94 -0.15 20.99 9.92
C TYR E 94 -1.18 21.07 8.80
N TYR E 95 -1.23 22.20 8.13
CA TYR E 95 -2.15 22.43 7.04
C TYR E 95 -1.39 22.64 5.74
N CYS E 96 -1.86 22.03 4.65
CA CYS E 96 -1.41 22.53 3.35
C CYS E 96 -2.38 23.60 2.87
N ALA E 97 -1.87 24.52 2.05
CA ALA E 97 -2.71 25.61 1.57
C ALA E 97 -2.19 26.10 0.22
N LYS E 98 -3.10 26.69 -0.54
CA LYS E 98 -2.80 27.33 -1.80
C LYS E 98 -3.23 28.78 -1.66
N PHE E 99 -2.26 29.68 -1.57
CA PHE E 99 -2.54 31.11 -1.44
C PHE E 99 -2.30 31.78 -2.78
N SER E 100 -3.31 32.49 -3.27
CA SER E 100 -3.16 33.10 -4.58
C SER E 100 -2.11 34.20 -4.57
N GLY E 101 -1.97 34.91 -3.46
CA GLY E 101 -1.00 35.99 -3.38
C GLY E 101 -1.50 37.31 -3.97
N ARG E 110 -8.62 33.82 -4.18
CA ARG E 110 -9.02 32.43 -4.38
C ARG E 110 -8.10 31.46 -3.61
N ASP E 111 -8.10 31.55 -2.27
CA ASP E 111 -7.21 30.72 -1.49
C ASP E 111 -7.93 29.48 -1.01
N TYR E 112 -7.17 28.42 -0.77
CA TYR E 112 -7.73 27.17 -0.32
C TYR E 112 -6.89 26.65 0.83
N TRP E 113 -7.55 26.07 1.81
CA TRP E 113 -6.92 25.45 2.96
C TRP E 113 -7.27 23.97 2.98
N GLY E 114 -6.31 23.13 3.40
CA GLY E 114 -6.62 21.76 3.72
C GLY E 114 -7.34 21.66 5.07
N GLN E 115 -7.57 20.42 5.49
CA GLN E 115 -8.25 20.10 6.74
C GLN E 115 -7.30 19.94 7.92
N GLY E 116 -6.01 19.78 7.69
CA GLY E 116 -5.11 19.68 8.80
C GLY E 116 -4.82 18.24 9.16
N THR E 117 -3.59 17.98 9.62
CA THR E 117 -3.20 16.67 10.17
C THR E 117 -2.31 16.89 11.39
N LEU E 118 -2.60 16.14 12.45
CA LEU E 118 -1.94 16.37 13.73
C LEU E 118 -0.61 15.62 13.79
N VAL E 119 0.44 16.34 14.14
CA VAL E 119 1.77 15.76 14.40
C VAL E 119 2.09 15.99 15.87
N THR E 120 2.34 14.90 16.61
CA THR E 120 2.69 14.96 18.02
C THR E 120 4.10 14.44 18.21
N VAL E 121 4.97 15.27 18.78
CA VAL E 121 6.35 14.87 19.04
C VAL E 121 6.47 14.78 20.55
N SER E 122 6.69 13.57 21.04
CA SER E 122 6.63 13.32 22.48
C SER E 122 7.48 12.11 22.80
N SER E 123 8.06 12.09 23.99
CA SER E 123 8.75 10.88 24.43
C SER E 123 7.78 9.83 24.97
N ALA E 124 6.51 10.17 25.17
CA ALA E 124 5.55 9.18 25.60
C ALA E 124 5.15 8.28 24.44
N SER E 125 4.91 7.02 24.74
CA SER E 125 4.54 6.03 23.75
C SER E 125 3.02 6.01 23.56
N THR E 126 2.60 5.46 22.43
CA THR E 126 1.17 5.36 22.13
C THR E 126 0.48 4.37 23.07
N LYS E 127 -0.79 4.65 23.36
CA LYS E 127 -1.63 3.68 24.04
C LYS E 127 -3.02 3.72 23.42
N GLY E 128 -3.55 2.56 23.04
CA GLY E 128 -4.90 2.49 22.51
C GLY E 128 -5.93 2.52 23.62
N PRO E 129 -7.14 2.96 23.28
CA PRO E 129 -8.19 3.09 24.30
C PRO E 129 -8.83 1.75 24.60
N SER E 130 -9.39 1.65 25.81
CA SER E 130 -10.38 0.63 26.11
C SER E 130 -11.75 1.26 25.86
N VAL E 131 -12.64 0.52 25.22
CA VAL E 131 -13.97 1.04 24.86
C VAL E 131 -15.01 0.26 25.65
N PHE E 132 -15.86 0.99 26.37
CA PHE E 132 -16.91 0.38 27.17
C PHE E 132 -18.26 0.94 26.77
N PRO E 133 -19.29 0.09 26.72
CA PRO E 133 -20.64 0.58 26.45
C PRO E 133 -21.21 1.30 27.66
N LEU E 134 -22.02 2.32 27.40
CA LEU E 134 -22.77 3.04 28.43
C LEU E 134 -24.23 2.70 28.14
N ALA E 135 -24.76 1.68 28.84
CA ALA E 135 -26.11 1.18 28.59
C ALA E 135 -27.21 2.20 28.85
N PRO E 136 -28.30 2.20 28.05
CA PRO E 136 -29.36 3.23 27.98
C PRO E 136 -29.82 3.74 29.35
N SER E 137 -30.50 2.85 30.07
CA SER E 137 -30.84 2.92 31.52
C SER E 137 -32.33 3.13 31.70
N GLY E 144 -39.91 9.96 26.55
CA GLY E 144 -39.89 9.20 25.31
C GLY E 144 -38.54 8.72 24.81
N THR E 145 -37.45 9.36 25.24
CA THR E 145 -36.13 9.08 24.70
C THR E 145 -35.19 8.49 25.76
N ALA E 146 -34.15 7.82 25.28
CA ALA E 146 -33.16 7.17 26.14
C ALA E 146 -31.77 7.53 25.66
N ALA E 147 -30.86 7.74 26.60
CA ALA E 147 -29.47 8.08 26.27
C ALA E 147 -28.61 6.84 26.44
N LEU E 148 -27.78 6.54 25.44
CA LEU E 148 -26.80 5.46 25.52
C LEU E 148 -25.49 5.93 24.90
N GLY E 149 -24.40 5.26 25.21
CA GLY E 149 -23.16 5.82 24.71
C GLY E 149 -22.02 4.85 24.75
N CYS E 150 -20.82 5.39 24.52
CA CYS E 150 -19.58 4.62 24.58
C CYS E 150 -18.55 5.48 25.29
N LEU E 151 -17.82 4.84 26.18
CA LEU E 151 -16.72 5.43 26.93
C LEU E 151 -15.41 5.01 26.26
N VAL E 152 -14.59 5.97 25.86
CA VAL E 152 -13.32 5.70 25.17
C VAL E 152 -12.20 6.08 26.13
N LYS E 153 -11.66 5.09 26.83
CA LYS E 153 -10.87 5.31 28.05
C LYS E 153 -9.38 5.13 27.82
N ASP E 154 -8.59 6.12 28.26
CA ASP E 154 -7.15 6.01 28.47
C ASP E 154 -6.39 5.78 27.16
N TYR E 155 -6.32 6.81 26.32
CA TYR E 155 -5.56 6.68 25.08
C TYR E 155 -4.56 7.82 24.92
N PHE E 156 -3.57 7.62 24.03
CA PHE E 156 -2.62 8.69 23.74
C PHE E 156 -1.98 8.39 22.41
N PRO E 157 -1.81 9.38 21.53
CA PRO E 157 -2.24 10.78 21.56
C PRO E 157 -3.62 10.94 20.96
N GLU E 158 -4.10 12.17 20.91
CA GLU E 158 -5.24 12.48 20.05
C GLU E 158 -4.85 12.16 18.58
N PRO E 159 -5.82 11.96 17.67
CA PRO E 159 -7.26 12.01 17.91
C PRO E 159 -7.88 10.62 17.91
N VAL E 160 -9.15 10.59 18.29
CA VAL E 160 -10.00 9.43 18.18
C VAL E 160 -11.23 9.87 17.39
N THR E 161 -11.72 9.00 16.52
CA THR E 161 -13.01 9.22 15.87
C THR E 161 -14.04 8.22 16.38
N VAL E 162 -15.29 8.66 16.47
CA VAL E 162 -16.39 7.82 16.88
C VAL E 162 -17.52 7.99 15.87
N SER E 163 -18.02 6.90 15.36
CA SER E 163 -19.26 6.89 14.61
C SER E 163 -20.25 5.93 15.26
N TRP E 164 -21.48 5.99 14.80
CA TRP E 164 -22.50 5.09 15.29
C TRP E 164 -23.09 4.40 14.07
N ASN E 165 -23.21 3.08 14.17
CA ASN E 165 -23.73 2.25 13.08
C ASN E 165 -23.04 2.58 11.77
N SER E 166 -21.72 2.79 11.85
CA SER E 166 -20.83 3.03 10.71
C SER E 166 -21.24 4.24 9.90
N GLY E 167 -21.85 5.23 10.56
CA GLY E 167 -22.30 6.44 9.92
C GLY E 167 -23.78 6.48 9.61
N ALA E 168 -24.49 5.36 9.76
CA ALA E 168 -25.93 5.38 9.50
C ALA E 168 -26.69 6.17 10.55
N LEU E 169 -26.11 6.42 11.72
CA LEU E 169 -26.80 7.09 12.80
C LEU E 169 -26.04 8.37 13.14
N THR E 170 -26.67 9.52 12.89
CA THR E 170 -26.03 10.81 13.13
C THR E 170 -26.95 11.74 13.95
N SER E 171 -28.25 11.57 13.80
CA SER E 171 -29.21 12.37 14.54
C SER E 171 -29.13 12.02 16.02
N GLY E 172 -29.05 13.04 16.88
CA GLY E 172 -29.00 12.83 18.32
C GLY E 172 -27.63 12.39 18.84
N VAL E 173 -26.62 12.33 17.99
CA VAL E 173 -25.27 11.93 18.40
C VAL E 173 -24.55 13.14 18.96
N HIS E 174 -23.88 12.97 20.10
CA HIS E 174 -22.99 13.99 20.64
C HIS E 174 -21.71 13.33 21.12
N THR E 175 -20.60 13.52 20.40
CA THR E 175 -19.29 13.05 20.85
C THR E 175 -18.57 14.18 21.57
N PHE E 176 -18.23 13.96 22.83
CA PHE E 176 -17.71 15.03 23.68
C PHE E 176 -16.20 15.22 23.49
N PRO E 177 -15.72 16.44 23.67
CA PRO E 177 -14.27 16.67 23.72
C PRO E 177 -13.63 15.83 24.81
N ALA E 178 -12.43 15.37 24.52
CA ALA E 178 -11.71 14.52 25.45
C ALA E 178 -11.22 15.31 26.66
N VAL E 179 -11.13 14.62 27.79
CA VAL E 179 -10.40 15.12 28.94
C VAL E 179 -8.96 14.63 28.86
N LEU E 180 -8.01 15.51 29.20
CA LEU E 180 -6.62 15.11 29.36
C LEU E 180 -6.38 14.88 30.85
N GLN E 181 -6.19 13.62 31.23
CA GLN E 181 -6.08 13.27 32.64
C GLN E 181 -4.68 13.51 33.18
N SER E 182 -4.56 13.47 34.51
CA SER E 182 -3.27 13.70 35.17
C SER E 182 -2.24 12.67 34.74
N SER E 183 -2.69 11.47 34.37
CA SER E 183 -1.84 10.40 33.87
C SER E 183 -1.18 10.75 32.55
N GLY E 184 -1.61 11.81 31.87
CA GLY E 184 -1.17 12.07 30.51
C GLY E 184 -1.95 11.36 29.44
N LEU E 185 -2.97 10.58 29.81
CA LEU E 185 -3.83 9.88 28.88
C LEU E 185 -5.16 10.63 28.73
N TYR E 186 -5.76 10.50 27.56
CA TYR E 186 -7.07 11.07 27.25
C TYR E 186 -8.19 10.07 27.47
N SER E 187 -9.39 10.59 27.75
CA SER E 187 -10.60 9.79 27.67
C SER E 187 -11.67 10.67 27.06
N LEU E 188 -12.57 10.05 26.30
CA LEU E 188 -13.73 10.79 25.80
C LEU E 188 -14.93 9.87 25.80
N SER E 189 -16.12 10.46 25.63
CA SER E 189 -17.36 9.70 25.54
C SER E 189 -18.19 10.20 24.36
N SER E 190 -19.01 9.32 23.82
CA SER E 190 -19.98 9.68 22.79
C SER E 190 -21.33 9.20 23.24
N VAL E 191 -22.35 10.06 23.18
CA VAL E 191 -23.67 9.66 23.64
C VAL E 191 -24.65 9.92 22.49
N VAL E 192 -25.65 9.06 22.35
CA VAL E 192 -26.70 9.27 21.36
C VAL E 192 -28.05 9.13 22.08
N THR E 193 -28.97 10.01 21.74
CA THR E 193 -30.32 9.94 22.30
C THR E 193 -31.22 9.31 21.24
N VAL E 194 -31.94 8.27 21.64
CA VAL E 194 -32.79 7.48 20.74
C VAL E 194 -34.15 7.30 21.39
N PRO E 195 -35.17 6.89 20.63
CA PRO E 195 -36.47 6.59 21.23
C PRO E 195 -36.38 5.35 22.12
N SER E 196 -36.96 5.45 23.32
CA SER E 196 -37.03 4.31 24.23
C SER E 196 -37.63 3.08 23.55
N SER E 197 -38.73 3.28 22.83
CA SER E 197 -39.40 2.17 22.17
C SER E 197 -38.53 1.47 21.14
N SER E 198 -37.46 2.12 20.67
CA SER E 198 -36.56 1.52 19.71
C SER E 198 -35.52 0.59 20.33
N LEU E 199 -35.38 0.57 21.65
CA LEU E 199 -34.32 -0.22 22.25
C LEU E 199 -34.48 -1.68 21.89
N GLY E 200 -35.45 -2.37 22.46
CA GLY E 200 -35.74 -3.76 22.10
C GLY E 200 -35.35 -4.26 20.72
N THR E 201 -35.51 -3.43 19.68
CA THR E 201 -35.39 -3.88 18.30
C THR E 201 -34.18 -3.32 17.56
N GLN E 202 -33.87 -2.02 17.73
CA GLN E 202 -32.75 -1.41 17.01
C GLN E 202 -31.41 -1.65 17.71
N THR E 203 -30.42 -2.11 16.94
CA THR E 203 -29.06 -2.33 17.43
C THR E 203 -28.25 -1.05 17.28
N TYR E 204 -27.47 -0.73 18.31
CA TYR E 204 -26.63 0.46 18.35
C TYR E 204 -25.18 0.04 18.58
N ILE E 205 -24.30 0.39 17.65
CA ILE E 205 -22.88 0.04 17.74
C ILE E 205 -22.07 1.31 17.61
N CYS E 206 -21.16 1.56 18.56
CA CYS E 206 -20.22 2.65 18.37
C CYS E 206 -18.93 2.13 17.72
N ASN E 207 -18.47 2.85 16.69
CA ASN E 207 -17.24 2.52 15.95
C ASN E 207 -16.15 3.49 16.35
N VAL E 208 -15.15 2.99 17.07
CA VAL E 208 -14.09 3.83 17.62
C VAL E 208 -12.81 3.53 16.85
N ASN E 209 -12.15 4.57 16.35
CA ASN E 209 -10.87 4.40 15.66
C ASN E 209 -9.82 5.28 16.30
N HIS E 210 -8.70 4.66 16.71
CA HIS E 210 -7.53 5.37 17.21
C HIS E 210 -6.38 4.94 16.31
N LYS E 211 -6.17 5.69 15.23
CA LYS E 211 -5.14 5.30 14.26
C LYS E 211 -3.72 5.22 14.81
N PRO E 212 -3.25 6.10 15.71
CA PRO E 212 -1.87 5.95 16.20
C PRO E 212 -1.55 4.59 16.81
N SER E 213 -2.54 3.91 17.38
CA SER E 213 -2.30 2.60 18.00
C SER E 213 -2.91 1.44 17.21
N ASN E 214 -3.37 1.69 15.99
CA ASN E 214 -4.03 0.66 15.18
C ASN E 214 -5.22 0.03 15.90
N THR E 215 -5.95 0.82 16.71
CA THR E 215 -7.08 0.32 17.46
C THR E 215 -8.36 0.69 16.72
N LYS E 216 -9.14 -0.31 16.34
CA LYS E 216 -10.48 -0.08 15.79
C LYS E 216 -11.41 -1.03 16.49
N VAL E 217 -12.38 -0.50 17.23
CA VAL E 217 -13.28 -1.30 18.06
C VAL E 217 -14.70 -0.97 17.67
N ASP E 218 -15.52 -1.99 17.49
CA ASP E 218 -16.95 -1.82 17.27
C ASP E 218 -17.64 -2.40 18.50
N LYS E 219 -18.32 -1.53 19.25
CA LYS E 219 -18.91 -1.92 20.53
C LYS E 219 -20.43 -1.80 20.47
N LYS E 220 -21.10 -2.94 20.68
CA LYS E 220 -22.56 -2.95 20.71
C LYS E 220 -23.04 -2.51 22.08
N VAL E 221 -24.01 -1.62 22.11
CA VAL E 221 -24.51 -1.04 23.35
C VAL E 221 -25.97 -1.49 23.48
N GLU E 222 -26.22 -2.36 24.45
CA GLU E 222 -27.46 -3.05 24.78
C GLU E 222 -28.05 -2.51 26.07
N PRO E 223 -29.36 -2.57 26.25
CA PRO E 223 -29.90 -2.42 27.61
C PRO E 223 -29.43 -3.61 28.45
N LYS E 224 -29.39 -3.43 29.77
CA LYS E 224 -29.07 -4.57 30.62
C LYS E 224 -30.34 -5.22 31.19
N GLN F 1 11.45 44.53 11.35
CA GLN F 1 10.95 43.46 10.49
C GLN F 1 9.44 43.63 10.17
N LEU F 2 8.96 42.84 9.22
CA LEU F 2 7.53 42.85 8.87
C LEU F 2 6.73 42.19 9.98
N VAL F 3 5.81 42.94 10.58
CA VAL F 3 5.03 42.44 11.72
C VAL F 3 3.58 42.80 11.50
N LEU F 4 2.67 41.88 11.84
CA LEU F 4 1.24 42.18 11.89
C LEU F 4 0.81 42.12 13.33
N THR F 5 0.17 43.19 13.78
CA THR F 5 -0.25 43.28 15.17
C THR F 5 -1.76 43.22 15.21
N GLN F 6 -2.27 42.33 16.04
CA GLN F 6 -3.69 42.19 16.25
C GLN F 6 -3.94 42.14 17.74
N SER F 7 -5.01 42.79 18.18
CA SER F 7 -5.42 42.65 19.56
C SER F 7 -5.92 41.22 19.79
N PRO F 8 -5.55 40.60 20.90
CA PRO F 8 -5.92 39.19 21.08
C PRO F 8 -7.41 38.93 21.27
N SER F 9 -8.24 39.87 21.75
CA SER F 9 -9.63 39.50 21.97
C SER F 9 -10.55 40.67 21.68
N ALA F 10 -11.78 40.36 21.25
CA ALA F 10 -12.82 41.36 20.99
C ALA F 10 -14.17 40.70 21.18
N SER F 11 -15.20 41.51 21.47
CA SER F 11 -16.56 40.99 21.52
C SER F 11 -17.55 42.02 20.97
N ALA F 12 -18.70 41.51 20.57
CA ALA F 12 -19.83 42.33 20.12
C ALA F 12 -21.06 41.45 20.18
N SER F 13 -22.26 42.10 20.11
CA SER F 13 -23.51 41.41 20.33
C SER F 13 -24.14 40.88 19.05
N LEU F 14 -24.90 39.81 19.23
CA LEU F 14 -25.68 39.22 18.15
C LEU F 14 -26.47 40.27 17.40
N GLY F 15 -26.37 40.21 16.08
CA GLY F 15 -27.11 41.12 15.22
C GLY F 15 -26.50 42.49 15.04
N ALA F 16 -25.48 42.85 15.83
CA ALA F 16 -24.77 44.12 15.72
C ALA F 16 -23.61 43.99 14.74
N SER F 17 -22.75 45.03 14.66
CA SER F 17 -21.56 45.07 13.82
C SER F 17 -20.29 45.13 14.67
N VAL F 18 -19.19 44.66 14.10
CA VAL F 18 -17.88 44.73 14.77
C VAL F 18 -16.83 44.98 13.71
N ARG F 19 -15.77 45.69 14.09
CA ARG F 19 -14.64 45.94 13.23
C ARG F 19 -13.38 45.46 13.93
N LEU F 20 -12.63 44.58 13.26
CA LEU F 20 -11.37 44.07 13.77
C LEU F 20 -10.21 44.79 13.09
N THR F 21 -9.15 45.04 13.84
CA THR F 21 -8.03 45.80 13.29
C THR F 21 -6.78 44.94 13.22
N CYS F 22 -6.11 45.00 12.07
CA CYS F 22 -4.77 44.43 11.86
C CYS F 22 -3.81 45.56 11.50
N THR F 23 -2.73 45.73 12.27
CA THR F 23 -1.81 46.84 12.02
C THR F 23 -0.49 46.34 11.45
N LEU F 24 -0.16 46.85 10.25
CA LEU F 24 1.14 46.66 9.63
C LEU F 24 2.19 47.43 10.39
N SER F 25 3.37 46.84 10.51
CA SER F 25 4.46 47.65 11.00
C SER F 25 4.66 48.79 10.01
N SER F 26 4.88 49.96 10.56
CA SER F 26 5.15 51.11 9.72
C SER F 26 6.52 50.92 9.06
N GLY F 27 6.60 51.29 7.77
CA GLY F 27 7.62 50.77 6.85
C GLY F 27 7.07 49.70 5.93
N HIS F 28 5.90 49.15 6.26
CA HIS F 28 5.19 48.18 5.43
C HIS F 28 3.72 48.57 5.35
N SER F 29 3.41 49.83 5.63
CA SER F 29 2.04 50.32 5.77
C SER F 29 1.27 50.33 4.48
N SER F 30 1.88 49.93 3.36
CA SER F 30 1.18 49.90 2.08
C SER F 30 0.93 48.48 1.58
N TYR F 31 1.14 47.48 2.44
CA TYR F 31 1.07 46.10 2.00
C TYR F 31 -0.38 45.62 1.97
N VAL F 32 -0.64 44.67 1.05
CA VAL F 32 -1.90 43.95 1.04
C VAL F 32 -1.90 42.94 2.19
N ILE F 33 -3.07 42.72 2.80
CA ILE F 33 -3.25 41.66 3.78
C ILE F 33 -4.46 40.85 3.37
N ALA F 34 -4.52 39.60 3.83
CA ALA F 34 -5.70 38.77 3.69
C ALA F 34 -6.22 38.35 5.06
N TRP F 35 -7.55 38.21 5.14
CA TRP F 35 -8.22 37.75 6.36
C TRP F 35 -8.62 36.29 6.20
N HIS F 36 -8.36 35.49 7.25
CA HIS F 36 -8.75 34.09 7.32
C HIS F 36 -9.55 33.87 8.60
N GLN F 37 -10.63 33.09 8.51
CA GLN F 37 -11.46 32.76 9.66
C GLN F 37 -11.18 31.34 10.14
N GLN F 38 -11.11 31.14 11.45
CA GLN F 38 -10.98 29.79 12.00
C GLN F 38 -11.91 29.62 13.18
N GLN F 39 -12.99 28.86 12.98
CA GLN F 39 -13.86 28.49 14.10
C GLN F 39 -13.17 27.44 14.97
N SER F 40 -13.63 27.35 16.23
CA SER F 40 -13.07 26.42 17.22
C SER F 40 -13.01 25.00 16.69
N GLU F 41 -11.84 24.38 16.80
CA GLU F 41 -11.60 22.99 16.43
C GLU F 41 -11.79 22.72 14.95
N LYS F 42 -11.68 23.73 14.10
CA LYS F 42 -11.83 23.54 12.67
C LYS F 42 -10.61 24.15 12.01
N GLY F 43 -10.41 23.82 10.72
CA GLY F 43 -9.40 24.44 9.91
C GLY F 43 -9.82 25.83 9.45
N PRO F 44 -8.86 26.62 8.96
CA PRO F 44 -9.19 27.98 8.51
C PRO F 44 -9.98 27.99 7.22
N ARG F 45 -10.64 29.12 7.00
CA ARG F 45 -11.35 29.46 5.75
C ARG F 45 -10.90 30.84 5.28
N TYR F 46 -10.51 30.98 4.00
CA TYR F 46 -10.11 32.30 3.52
C TYR F 46 -11.34 33.21 3.37
N LEU F 47 -11.23 34.46 3.86
CA LEU F 47 -12.32 35.46 3.71
C LEU F 47 -12.07 36.45 2.57
N MET F 48 -10.96 37.20 2.59
CA MET F 48 -10.78 38.33 1.66
C MET F 48 -9.35 38.88 1.71
N LYS F 49 -9.00 39.68 0.69
CA LYS F 49 -7.80 40.50 0.66
C LYS F 49 -8.23 41.97 0.82
N VAL F 50 -7.38 42.77 1.48
CA VAL F 50 -7.65 44.18 1.71
C VAL F 50 -6.39 44.95 1.32
N ASN F 51 -6.51 45.89 0.41
CA ASN F 51 -5.35 46.64 -0.05
C ASN F 51 -5.23 47.96 0.69
N SER F 52 -4.08 48.61 0.47
CA SER F 52 -3.79 49.88 1.12
C SER F 52 -4.69 51.01 0.66
N ASP F 53 -5.62 50.73 -0.26
CA ASP F 53 -6.58 51.72 -0.72
C ASP F 53 -7.93 51.56 -0.05
N GLY F 54 -8.15 50.43 0.61
CA GLY F 54 -9.41 50.11 1.23
C GLY F 54 -10.32 49.21 0.43
N SER F 55 -10.08 49.07 -0.88
CA SER F 55 -10.86 48.11 -1.65
C SER F 55 -10.56 46.69 -1.18
N HIS F 56 -11.46 45.77 -1.52
CA HIS F 56 -11.32 44.40 -1.08
C HIS F 56 -12.03 43.49 -2.07
N SER F 57 -11.52 42.26 -2.20
CA SER F 57 -12.07 41.26 -3.10
C SER F 57 -12.63 40.10 -2.27
N LYS F 58 -13.93 39.92 -2.36
CA LYS F 58 -14.66 38.92 -1.59
C LYS F 58 -14.10 37.53 -1.91
N GLY F 59 -14.07 36.63 -0.92
CA GLY F 59 -13.80 35.23 -1.21
C GLY F 59 -15.06 34.52 -1.66
N ASP F 60 -14.88 33.44 -2.40
CA ASP F 60 -16.02 32.68 -2.90
C ASP F 60 -16.83 32.12 -1.73
N GLY F 61 -18.13 32.46 -1.70
CA GLY F 61 -19.05 31.92 -0.72
C GLY F 61 -19.10 32.64 0.62
N ILE F 62 -18.33 33.71 0.79
CA ILE F 62 -18.31 34.46 2.05
C ILE F 62 -19.55 35.34 2.10
N PRO F 63 -20.31 35.34 3.20
CA PRO F 63 -21.58 36.06 3.23
C PRO F 63 -21.39 37.57 3.05
N ASP F 64 -22.46 38.22 2.60
CA ASP F 64 -22.37 39.65 2.31
C ASP F 64 -22.10 40.49 3.55
N ARG F 65 -22.35 39.96 4.75
CA ARG F 65 -22.13 40.77 5.93
C ARG F 65 -20.65 40.99 6.28
N PHE F 66 -19.68 40.34 5.59
CA PHE F 66 -18.26 40.57 5.81
C PHE F 66 -17.74 41.61 4.82
N SER F 67 -16.96 42.59 5.29
CA SER F 67 -16.30 43.51 4.38
C SER F 67 -14.97 43.99 4.96
N GLY F 68 -14.16 44.64 4.12
CA GLY F 68 -12.86 45.12 4.54
C GLY F 68 -12.59 46.54 4.11
N SER F 69 -11.65 47.19 4.82
CA SER F 69 -11.27 48.57 4.55
C SER F 69 -9.91 48.85 5.20
N SER F 70 -9.39 50.05 4.98
CA SER F 70 -8.08 50.36 5.54
C SER F 70 -7.93 51.86 5.80
N SER F 71 -6.94 52.19 6.65
CA SER F 71 -6.56 53.58 6.89
C SER F 71 -5.12 53.59 7.35
N GLY F 72 -4.23 54.13 6.51
CA GLY F 72 -2.81 54.13 6.83
C GLY F 72 -2.28 52.71 6.92
N ALA F 73 -1.57 52.42 8.02
CA ALA F 73 -1.05 51.10 8.28
C ALA F 73 -2.09 50.14 8.85
N GLU F 74 -3.33 50.59 8.99
CA GLU F 74 -4.37 49.75 9.58
C GLU F 74 -5.22 49.11 8.50
N ARG F 75 -5.54 47.83 8.72
CA ARG F 75 -6.42 47.05 7.85
C ARG F 75 -7.54 46.51 8.72
N TYR F 76 -8.77 46.57 8.22
CA TYR F 76 -9.96 46.31 9.02
C TYR F 76 -10.81 45.19 8.45
N LEU F 77 -11.43 44.42 9.34
CA LEU F 77 -12.50 43.50 8.94
C LEU F 77 -13.76 43.90 9.68
N THR F 78 -14.83 44.17 8.93
CA THR F 78 -16.12 44.56 9.50
C THR F 78 -17.16 43.49 9.21
N ILE F 79 -17.84 43.02 10.26
CA ILE F 79 -18.89 42.02 10.13
C ILE F 79 -20.18 42.66 10.59
N SER F 80 -21.17 42.70 9.72
CA SER F 80 -22.45 43.26 10.09
C SER F 80 -23.40 42.11 10.40
N SER F 81 -24.51 42.41 11.06
CA SER F 81 -25.49 41.40 11.50
C SER F 81 -24.83 40.14 12.06
N LEU F 82 -24.06 40.34 13.12
CA LEU F 82 -23.28 39.26 13.72
C LEU F 82 -24.11 38.04 14.07
N GLN F 83 -23.58 36.86 13.76
CA GLN F 83 -24.24 35.60 14.03
C GLN F 83 -23.36 34.78 14.98
N SER F 84 -23.97 33.78 15.61
CA SER F 84 -23.26 32.97 16.58
C SER F 84 -22.08 32.27 15.94
N GLU F 85 -22.25 31.85 14.69
CA GLU F 85 -21.19 31.14 13.95
C GLU F 85 -19.99 32.03 13.64
N ASP F 86 -20.12 33.35 13.80
CA ASP F 86 -19.01 34.27 13.53
C ASP F 86 -17.98 34.28 14.65
N GLU F 87 -18.30 33.64 15.79
CA GLU F 87 -17.38 33.47 16.91
C GLU F 87 -16.26 32.56 16.43
N ALA F 88 -15.05 33.12 16.38
CA ALA F 88 -13.93 32.48 15.67
C ALA F 88 -12.67 33.28 15.93
N ASP F 89 -11.53 32.69 15.55
CA ASP F 89 -10.31 33.45 15.47
C ASP F 89 -10.16 33.97 14.05
N TYR F 90 -9.69 35.20 13.94
CA TYR F 90 -9.53 35.86 12.65
C TYR F 90 -8.07 36.24 12.52
N TYR F 91 -7.42 35.73 11.49
CA TYR F 91 -6.01 35.99 11.28
C TYR F 91 -5.83 36.89 10.09
N CYS F 92 -4.99 37.91 10.25
CA CYS F 92 -4.53 38.59 9.06
C CYS F 92 -3.22 37.95 8.63
N GLN F 93 -2.90 38.15 7.37
CA GLN F 93 -1.75 37.47 6.78
C GLN F 93 -1.22 38.37 5.67
N THR F 94 0.10 38.42 5.50
CA THR F 94 0.67 39.20 4.40
C THR F 94 1.93 38.49 3.90
N TRP F 95 2.69 39.18 3.04
CA TRP F 95 3.82 38.60 2.30
C TRP F 95 5.05 39.46 2.48
N GLY F 96 6.22 38.81 2.53
CA GLY F 96 7.41 39.60 2.27
C GLY F 96 8.63 38.86 1.76
N ALA F 97 8.83 38.88 0.44
CA ALA F 97 9.98 38.25 -0.22
C ALA F 97 9.96 36.72 -0.06
N GLY F 98 8.96 36.14 -0.71
CA GLY F 98 8.77 34.71 -0.68
C GLY F 98 8.28 34.15 0.64
N ILE F 99 8.19 34.98 1.76
CA ILE F 99 7.84 34.38 3.05
C ILE F 99 6.40 34.83 3.28
N LEU F 100 5.65 34.07 4.07
CA LEU F 100 4.35 34.52 4.56
C LEU F 100 4.44 34.97 6.01
N VAL F 101 3.62 35.95 6.43
CA VAL F 101 3.61 36.38 7.83
C VAL F 101 2.17 36.43 8.27
N PHE F 102 1.90 35.96 9.49
CA PHE F 102 0.57 36.00 10.09
C PHE F 102 0.54 36.93 11.31
N GLY F 103 -0.62 37.63 11.50
CA GLY F 103 -0.91 38.22 12.79
C GLY F 103 -1.15 37.16 13.83
N GLY F 104 -1.16 37.59 15.08
CA GLY F 104 -1.29 36.63 16.17
C GLY F 104 -2.69 36.10 16.36
N GLY F 105 -3.63 36.65 15.62
CA GLY F 105 -5.03 36.29 15.71
C GLY F 105 -5.83 37.16 16.67
N THR F 106 -7.08 37.44 16.32
CA THR F 106 -8.03 38.06 17.24
C THR F 106 -9.17 37.09 17.46
N LYS F 107 -9.43 36.76 18.71
CA LYS F 107 -10.54 35.89 19.08
C LYS F 107 -11.78 36.77 19.24
N LEU F 108 -12.77 36.60 18.35
CA LEU F 108 -14.03 37.36 18.43
C LEU F 108 -15.02 36.52 19.21
N THR F 109 -15.58 37.09 20.29
CA THR F 109 -16.62 36.42 21.07
C THR F 109 -17.92 37.13 20.71
N VAL F 110 -18.96 36.35 20.40
CA VAL F 110 -20.28 36.89 20.06
C VAL F 110 -21.19 36.66 21.25
N LEU F 111 -21.60 37.76 21.85
CA LEU F 111 -22.41 37.76 23.05
C LEU F 111 -23.88 37.83 22.74
N SER F 112 -24.66 37.46 23.76
CA SER F 112 -26.10 37.61 23.96
C SER F 112 -26.99 36.48 23.44
N GLN F 113 -26.45 35.28 23.29
CA GLN F 113 -27.33 34.16 23.12
C GLN F 113 -28.02 33.93 24.47
N PRO F 114 -29.18 33.30 24.46
CA PRO F 114 -29.92 33.13 25.72
C PRO F 114 -29.22 32.20 26.68
N LYS F 115 -29.38 32.50 27.96
CA LYS F 115 -28.97 31.56 29.00
C LYS F 115 -29.67 30.23 28.80
N ALA F 116 -28.92 29.14 28.99
CA ALA F 116 -29.46 27.79 28.86
C ALA F 116 -28.93 26.91 29.97
N ALA F 117 -29.82 26.19 30.67
CA ALA F 117 -29.40 25.34 31.77
C ALA F 117 -28.82 24.04 31.21
N PRO F 118 -27.87 23.43 31.91
CA PRO F 118 -27.25 22.21 31.40
C PRO F 118 -28.18 21.00 31.47
N SER F 119 -28.07 20.14 30.46
CA SER F 119 -28.61 18.80 30.53
C SER F 119 -27.51 17.88 31.04
N VAL F 120 -27.82 17.06 32.04
CA VAL F 120 -26.82 16.22 32.70
C VAL F 120 -27.23 14.75 32.59
N THR F 121 -26.31 13.91 32.16
CA THR F 121 -26.53 12.47 32.16
C THR F 121 -25.36 11.82 32.89
N LEU F 122 -25.66 10.93 33.82
CA LEU F 122 -24.64 10.23 34.59
C LEU F 122 -24.73 8.74 34.31
N PHE F 123 -23.59 8.14 33.91
CA PHE F 123 -23.54 6.71 33.69
C PHE F 123 -22.68 6.05 34.75
N PRO F 124 -23.11 4.89 35.25
CA PRO F 124 -22.31 4.11 36.19
C PRO F 124 -21.26 3.31 35.45
N PRO F 125 -20.34 2.65 36.16
CA PRO F 125 -19.40 1.75 35.48
C PRO F 125 -20.14 0.64 34.74
N SER F 126 -19.62 0.27 33.57
CA SER F 126 -20.21 -0.82 32.82
C SER F 126 -19.80 -2.15 33.44
N SER F 127 -20.62 -3.19 33.19
CA SER F 127 -20.25 -4.54 33.61
C SER F 127 -18.89 -4.91 33.04
N GLU F 128 -18.64 -4.53 31.79
CA GLU F 128 -17.38 -4.88 31.13
C GLU F 128 -16.18 -4.25 31.84
N GLU F 129 -16.28 -2.98 32.21
CA GLU F 129 -15.16 -2.34 32.90
C GLU F 129 -14.98 -2.95 34.28
N LEU F 130 -16.08 -3.24 34.98
CA LEU F 130 -15.99 -3.85 36.29
C LEU F 130 -15.31 -5.22 36.21
N GLN F 131 -15.57 -5.96 35.13
CA GLN F 131 -14.95 -7.28 34.95
C GLN F 131 -13.45 -7.15 34.78
N ALA F 132 -12.99 -6.03 34.23
CA ALA F 132 -11.59 -5.70 34.07
C ALA F 132 -11.00 -5.02 35.31
N ASN F 133 -11.69 -5.07 36.44
CA ASN F 133 -11.20 -4.55 37.73
C ASN F 133 -10.98 -3.04 37.74
N LYS F 134 -11.81 -2.32 37.01
CA LYS F 134 -11.80 -0.86 36.98
C LYS F 134 -13.24 -0.38 37.06
N ALA F 135 -13.39 0.92 37.30
CA ALA F 135 -14.71 1.54 37.40
C ALA F 135 -14.57 3.03 37.08
N THR F 136 -15.40 3.53 36.17
CA THR F 136 -15.41 4.94 35.83
C THR F 136 -16.85 5.42 35.81
N LEU F 137 -17.17 6.45 36.59
CA LEU F 137 -18.43 7.16 36.49
C LEU F 137 -18.26 8.28 35.47
N VAL F 138 -19.26 8.46 34.60
CA VAL F 138 -19.18 9.37 33.47
C VAL F 138 -20.33 10.36 33.56
N CYS F 139 -20.00 11.63 33.79
CA CYS F 139 -20.99 12.70 33.94
C CYS F 139 -20.89 13.61 32.72
N LEU F 140 -21.93 13.61 31.90
CA LEU F 140 -21.96 14.33 30.65
C LEU F 140 -22.85 15.54 30.77
N ILE F 141 -22.34 16.70 30.35
CA ILE F 141 -23.00 17.98 30.62
C ILE F 141 -23.11 18.72 29.29
N SER F 142 -24.32 19.02 28.85
CA SER F 142 -24.42 19.63 27.53
C SER F 142 -25.48 20.73 27.49
N ASP F 143 -25.44 21.46 26.38
CA ASP F 143 -26.49 22.43 26.03
C ASP F 143 -26.60 23.61 27.01
N PHE F 144 -25.50 24.03 27.63
CA PHE F 144 -25.59 25.15 28.56
C PHE F 144 -24.93 26.40 28.01
N TYR F 145 -25.38 27.55 28.50
CA TYR F 145 -24.81 28.83 28.18
C TYR F 145 -25.17 29.77 29.32
N PRO F 146 -24.23 30.57 29.82
CA PRO F 146 -22.83 30.70 29.40
C PRO F 146 -21.97 29.48 29.74
N GLY F 147 -20.74 29.48 29.24
CA GLY F 147 -19.86 28.33 29.33
C GLY F 147 -19.01 28.25 30.57
N ALA F 148 -19.62 28.18 31.74
CA ALA F 148 -18.89 27.93 32.97
C ALA F 148 -19.78 27.12 33.88
N VAL F 149 -19.21 26.05 34.42
CA VAL F 149 -19.91 25.17 35.34
C VAL F 149 -18.93 24.74 36.42
N THR F 150 -19.46 24.35 37.57
CA THR F 150 -18.67 23.64 38.56
C THR F 150 -19.30 22.27 38.79
N VAL F 151 -18.45 21.26 38.93
CA VAL F 151 -18.91 19.88 39.06
C VAL F 151 -18.46 19.39 40.43
N ALA F 152 -19.38 18.79 41.16
CA ALA F 152 -19.04 18.22 42.45
C ALA F 152 -19.50 16.78 42.47
N TRP F 153 -18.65 15.91 42.97
CA TRP F 153 -18.97 14.49 43.09
C TRP F 153 -19.17 14.14 44.56
N LYS F 154 -20.13 13.26 44.83
CA LYS F 154 -20.41 12.76 46.18
C LYS F 154 -20.41 11.24 46.15
N ALA F 155 -19.75 10.63 47.13
CA ALA F 155 -19.97 9.23 47.45
C ALA F 155 -20.98 9.22 48.59
N ASP F 156 -22.16 8.67 48.33
CA ASP F 156 -23.33 8.93 49.15
C ASP F 156 -23.48 10.44 49.25
N SER F 157 -23.21 11.02 50.42
CA SER F 157 -23.25 12.47 50.56
C SER F 157 -21.89 13.08 50.86
N SER F 158 -20.71 12.21 50.81
CA SER F 158 -19.42 12.81 51.14
C SER F 158 -18.76 13.37 49.88
N PRO F 159 -18.17 14.57 49.93
CA PRO F 159 -17.51 15.10 48.72
C PRO F 159 -16.31 14.23 48.31
N VAL F 160 -16.18 13.99 47.01
CA VAL F 160 -15.02 13.30 46.44
C VAL F 160 -14.32 14.23 45.46
N LYS F 161 -13.02 14.48 45.68
CA LYS F 161 -12.17 15.21 44.73
C LYS F 161 -11.12 14.35 44.07
N ALA F 162 -10.67 13.29 44.74
CA ALA F 162 -9.65 12.41 44.20
C ALA F 162 -10.21 11.60 43.03
N GLY F 163 -9.42 11.46 41.98
CA GLY F 163 -9.88 10.64 40.88
C GLY F 163 -10.86 11.33 39.97
N VAL F 164 -11.03 12.64 40.11
CA VAL F 164 -11.94 13.44 39.28
C VAL F 164 -11.14 14.14 38.20
N GLU F 165 -11.58 14.01 36.95
CA GLU F 165 -11.00 14.74 35.83
C GLU F 165 -12.13 15.39 35.07
N THR F 166 -12.05 16.71 34.89
CA THR F 166 -13.15 17.45 34.31
C THR F 166 -12.63 18.32 33.17
N THR F 167 -13.35 18.34 32.05
CA THR F 167 -12.90 19.14 30.92
C THR F 167 -13.23 20.61 31.15
N THR F 168 -12.49 21.48 30.46
CA THR F 168 -12.99 22.85 30.39
C THR F 168 -14.11 22.93 29.36
N PRO F 169 -15.16 23.69 29.62
CA PRO F 169 -16.28 23.71 28.65
C PRO F 169 -15.87 24.27 27.31
N SER F 170 -16.42 23.68 26.25
CA SER F 170 -16.18 24.18 24.91
C SER F 170 -17.46 24.17 24.10
N LYS F 171 -17.56 25.09 23.15
CA LYS F 171 -18.80 25.22 22.39
C LYS F 171 -18.89 24.08 21.38
N GLN F 172 -20.08 23.52 21.24
CA GLN F 172 -20.34 22.46 20.29
C GLN F 172 -21.07 23.03 19.06
N SER F 173 -21.43 22.14 18.14
CA SER F 173 -21.92 22.59 16.83
C SER F 173 -23.22 23.35 16.93
N ASN F 174 -23.99 23.16 18.01
CA ASN F 174 -25.23 23.89 18.21
C ASN F 174 -25.03 25.20 18.98
N ASN F 175 -23.79 25.66 19.13
CA ASN F 175 -23.43 26.95 19.74
C ASN F 175 -23.68 26.98 21.25
N LYS F 176 -23.97 25.86 21.89
CA LYS F 176 -23.97 25.81 23.34
C LYS F 176 -22.76 25.01 23.84
N TYR F 177 -22.55 25.03 25.14
CA TYR F 177 -21.33 24.46 25.66
C TYR F 177 -21.58 23.06 26.16
N ALA F 178 -20.52 22.25 26.16
CA ALA F 178 -20.56 20.91 26.72
C ALA F 178 -19.33 20.70 27.56
N ALA F 179 -19.44 19.84 28.57
CA ALA F 179 -18.32 19.46 29.42
C ALA F 179 -18.54 18.03 29.87
N SER F 180 -17.47 17.41 30.35
CA SER F 180 -17.64 16.08 30.88
C SER F 180 -16.77 15.93 32.11
N SER F 181 -17.20 15.08 33.04
CA SER F 181 -16.39 14.84 34.21
C SER F 181 -16.36 13.35 34.48
N TYR F 182 -15.18 12.86 34.85
CA TYR F 182 -14.95 11.44 35.05
C TYR F 182 -14.47 11.21 36.47
N LEU F 183 -15.07 10.26 37.16
CA LEU F 183 -14.59 9.84 38.47
C LEU F 183 -14.13 8.39 38.34
N SER F 184 -12.85 8.14 38.57
CA SER F 184 -12.30 6.79 38.52
C SER F 184 -12.26 6.19 39.92
N LEU F 185 -12.77 4.97 40.05
CA LEU F 185 -12.86 4.27 41.32
C LEU F 185 -12.37 2.85 41.14
N THR F 186 -12.02 2.21 42.25
CA THR F 186 -11.87 0.77 42.22
C THR F 186 -13.24 0.13 42.32
N PRO F 187 -13.39 -1.11 41.85
CA PRO F 187 -14.68 -1.79 42.02
C PRO F 187 -15.13 -1.82 43.48
N GLU F 188 -14.18 -1.94 44.40
CA GLU F 188 -14.50 -1.94 45.82
C GLU F 188 -15.11 -0.61 46.22
N GLN F 189 -14.44 0.49 45.84
CA GLN F 189 -14.94 1.83 46.16
C GLN F 189 -16.34 2.02 45.60
N TRP F 190 -16.58 1.56 44.37
CA TRP F 190 -17.90 1.66 43.76
C TRP F 190 -18.95 0.91 44.58
N LYS F 191 -18.63 -0.32 44.98
CA LYS F 191 -19.60 -1.17 45.65
C LYS F 191 -19.76 -0.85 47.13
N SER F 192 -18.88 -0.04 47.71
CA SER F 192 -18.91 0.18 49.15
C SER F 192 -19.83 1.33 49.56
N HIS F 193 -20.45 2.00 48.59
CA HIS F 193 -21.41 3.07 48.86
C HIS F 193 -22.77 2.74 48.25
N ARG F 194 -23.82 3.36 48.81
CA ARG F 194 -25.17 3.16 48.28
C ARG F 194 -25.39 3.92 46.98
N SER F 195 -24.78 5.08 46.83
CA SER F 195 -24.96 5.83 45.58
C SER F 195 -23.78 6.76 45.38
N TYR F 196 -23.63 7.22 44.15
CA TYR F 196 -22.74 8.32 43.81
C TYR F 196 -23.55 9.35 43.04
N SER F 197 -23.16 10.62 43.17
CA SER F 197 -23.86 11.71 42.51
C SER F 197 -22.91 12.67 41.83
N CYS F 198 -23.38 13.21 40.70
CA CYS F 198 -22.72 14.28 39.97
C CYS F 198 -23.60 15.51 40.09
N GLN F 199 -23.07 16.57 40.71
CA GLN F 199 -23.82 17.81 40.93
C GLN F 199 -23.20 18.92 40.11
N VAL F 200 -23.95 19.42 39.12
CA VAL F 200 -23.48 20.45 38.20
C VAL F 200 -24.08 21.78 38.58
N THR F 201 -23.24 22.75 38.92
CA THR F 201 -23.71 24.11 39.23
C THR F 201 -23.45 25.03 38.05
N HIS F 202 -24.51 25.75 37.63
CA HIS F 202 -24.46 26.65 36.48
C HIS F 202 -25.26 27.90 36.83
N GLU F 203 -24.60 29.05 36.81
CA GLU F 203 -25.28 30.33 37.06
C GLU F 203 -26.08 30.28 38.34
N GLY F 204 -25.48 29.68 39.37
CA GLY F 204 -26.07 29.62 40.70
C GLY F 204 -27.10 28.54 40.93
N SER F 205 -27.42 27.73 39.92
CA SER F 205 -28.43 26.69 40.02
C SER F 205 -27.78 25.32 39.83
N THR F 206 -28.18 24.34 40.64
CA THR F 206 -27.54 23.04 40.64
C THR F 206 -28.46 21.96 40.06
N VAL F 207 -27.92 21.17 39.12
CA VAL F 207 -28.58 19.99 38.62
C VAL F 207 -27.83 18.78 39.17
N GLU F 208 -28.57 17.76 39.57
CA GLU F 208 -27.94 16.59 40.19
C GLU F 208 -28.44 15.32 39.53
N LYS F 209 -27.52 14.39 39.28
CA LYS F 209 -27.90 13.05 38.86
C LYS F 209 -27.18 12.07 39.78
N THR F 210 -27.81 10.91 40.01
CA THR F 210 -27.32 9.89 40.93
C THR F 210 -27.37 8.51 40.28
N VAL F 211 -26.41 7.65 40.62
CA VAL F 211 -26.41 6.26 40.18
C VAL F 211 -26.02 5.37 41.36
N ALA F 212 -26.41 4.10 41.29
CA ALA F 212 -26.18 3.16 42.39
C ALA F 212 -25.75 1.80 41.86
N PRO F 213 -24.86 1.10 42.57
CA PRO F 213 -24.37 -0.23 42.18
C PRO F 213 -25.45 -1.31 42.03
N GLU G 1 24.98 -7.60 4.20
CA GLU G 1 24.99 -6.78 5.42
C GLU G 1 24.32 -5.42 5.14
N VAL G 2 25.07 -4.48 4.57
CA VAL G 2 24.48 -3.26 4.05
C VAL G 2 23.69 -3.57 2.79
N GLN G 3 22.46 -3.06 2.70
CA GLN G 3 21.73 -3.12 1.46
C GLN G 3 21.11 -1.78 1.17
N LEU G 4 21.14 -1.44 -0.12
CA LEU G 4 20.51 -0.26 -0.68
C LEU G 4 19.64 -0.75 -1.80
N LEU G 5 18.34 -0.50 -1.73
CA LEU G 5 17.38 -1.03 -2.69
C LEU G 5 16.52 0.09 -3.26
N GLU G 6 16.72 0.39 -4.55
CA GLU G 6 15.92 1.42 -5.23
C GLU G 6 14.56 0.90 -5.64
N SER G 7 13.57 1.79 -5.68
CA SER G 7 12.29 1.47 -6.28
C SER G 7 11.74 2.74 -6.93
N GLY G 8 10.71 2.59 -7.77
CA GLY G 8 10.03 3.72 -8.35
C GLY G 8 10.36 4.03 -9.80
N GLY G 9 11.31 3.30 -10.39
CA GLY G 9 11.62 3.51 -11.78
C GLY G 9 10.47 3.15 -12.69
N GLY G 10 10.50 3.72 -13.90
CA GLY G 10 9.49 3.40 -14.88
C GLY G 10 9.51 4.38 -16.03
N LEU G 11 8.43 4.36 -16.79
CA LEU G 11 8.29 5.17 -17.99
C LEU G 11 7.48 6.43 -17.68
N VAL G 12 7.95 7.57 -18.16
CA VAL G 12 7.29 8.84 -17.88
C VAL G 12 7.28 9.69 -19.13
N GLN G 13 6.21 10.45 -19.33
CA GLN G 13 6.18 11.35 -20.47
C GLN G 13 7.15 12.53 -20.30
N PRO G 14 7.67 13.07 -21.39
CA PRO G 14 8.49 14.28 -21.28
C PRO G 14 7.66 15.38 -20.63
N GLY G 15 8.30 16.09 -19.71
CA GLY G 15 7.62 17.09 -18.92
C GLY G 15 7.01 16.57 -17.65
N GLY G 16 6.95 15.23 -17.50
CA GLY G 16 6.35 14.61 -16.35
C GLY G 16 7.25 14.52 -15.13
N SER G 17 6.72 13.86 -14.10
CA SER G 17 7.35 13.77 -12.79
C SER G 17 7.44 12.32 -12.34
N LEU G 18 8.42 12.03 -11.51
CA LEU G 18 8.63 10.70 -10.97
C LEU G 18 9.44 10.81 -9.70
N ARG G 19 9.11 9.98 -8.70
CA ARG G 19 9.90 9.98 -7.47
C ARG G 19 10.53 8.60 -7.27
N LEU G 20 11.86 8.57 -7.09
CA LEU G 20 12.55 7.35 -6.71
C LEU G 20 12.74 7.28 -5.21
N SER G 21 12.78 6.04 -4.69
CA SER G 21 13.05 5.77 -3.30
C SER G 21 14.19 4.78 -3.21
N CYS G 22 14.92 4.84 -2.10
CA CYS G 22 16.02 3.91 -1.84
C CYS G 22 15.92 3.51 -0.38
N ALA G 23 15.62 2.25 -0.11
CA ALA G 23 15.53 1.75 1.24
C ALA G 23 16.91 1.26 1.69
N ALA G 24 17.44 1.86 2.74
CA ALA G 24 18.75 1.49 3.28
C ALA G 24 18.62 0.62 4.53
N SER G 25 19.54 -0.34 4.68
CA SER G 25 19.54 -1.15 5.90
C SER G 25 20.95 -1.60 6.19
N GLY G 26 21.20 -1.96 7.45
CA GLY G 26 22.48 -2.51 7.84
C GLY G 26 23.50 -1.50 8.35
N PHE G 27 23.10 -0.25 8.52
CA PHE G 27 24.02 0.77 9.02
C PHE G 27 23.17 1.91 9.54
N THR G 28 23.76 2.73 10.41
CA THR G 28 23.04 3.87 10.97
C THR G 28 22.94 4.95 9.88
N PHE G 29 21.78 4.97 9.24
CA PHE G 29 21.56 5.77 8.03
C PHE G 29 21.88 7.24 8.23
N SER G 30 21.37 7.84 9.32
CA SER G 30 21.46 9.28 9.55
C SER G 30 22.90 9.74 9.78
N THR G 31 23.83 8.82 10.02
CA THR G 31 25.24 9.18 10.17
C THR G 31 25.89 9.55 8.83
N TYR G 32 25.32 9.13 7.70
CA TYR G 32 26.03 9.20 6.42
C TYR G 32 25.34 10.10 5.41
N ALA G 33 26.13 10.90 4.71
CA ALA G 33 25.65 11.53 3.47
C ALA G 33 25.32 10.45 2.45
N MET G 34 24.22 10.68 1.72
CA MET G 34 23.73 9.73 0.74
C MET G 34 23.72 10.39 -0.61
N SER G 35 23.83 9.58 -1.67
CA SER G 35 23.97 10.12 -3.02
C SER G 35 23.07 9.41 -4.03
N TRP G 36 22.76 10.13 -5.11
CA TRP G 36 22.17 9.58 -6.31
C TRP G 36 23.16 9.76 -7.46
N VAL G 37 23.32 8.70 -8.25
CA VAL G 37 24.20 8.64 -9.42
C VAL G 37 23.39 8.04 -10.56
N ARG G 38 23.59 8.50 -11.80
CA ARG G 38 22.85 7.87 -12.88
C ARG G 38 23.79 7.52 -14.03
N GLN G 39 23.28 6.69 -14.92
CA GLN G 39 24.07 6.28 -16.08
C GLN G 39 23.17 6.18 -17.31
N ALA G 40 23.35 7.09 -18.24
CA ALA G 40 22.64 7.03 -19.49
C ALA G 40 23.20 5.91 -20.35
N PRO G 41 22.43 5.38 -21.29
CA PRO G 41 22.92 4.27 -22.11
C PRO G 41 24.24 4.61 -22.80
N GLY G 42 25.21 3.72 -22.64
CA GLY G 42 26.52 3.85 -23.23
C GLY G 42 27.39 4.97 -22.67
N LYS G 43 26.99 5.63 -21.58
CA LYS G 43 27.77 6.72 -21.05
C LYS G 43 28.36 6.35 -19.70
N GLY G 44 29.08 7.29 -19.10
CA GLY G 44 29.73 7.06 -17.83
C GLY G 44 28.81 7.35 -16.65
N LEU G 45 29.31 7.07 -15.46
CA LEU G 45 28.61 7.40 -14.24
C LEU G 45 28.57 8.92 -14.04
N GLU G 46 27.38 9.45 -13.70
CA GLU G 46 27.19 10.89 -13.57
C GLU G 46 26.58 11.15 -12.20
N TRP G 47 27.26 11.95 -11.38
CA TRP G 47 26.69 12.30 -10.08
C TRP G 47 25.47 13.17 -10.30
N VAL G 48 24.39 12.88 -9.57
CA VAL G 48 23.14 13.63 -9.66
C VAL G 48 22.98 14.55 -8.46
N SER G 49 23.10 14.00 -7.24
CA SER G 49 22.82 14.79 -6.03
C SER G 49 23.39 14.08 -4.82
N GLY G 50 23.67 14.88 -3.78
CA GLY G 50 24.03 14.32 -2.49
C GLY G 50 23.32 15.09 -1.38
N ILE G 51 23.06 14.39 -0.28
CA ILE G 51 22.37 15.00 0.86
C ILE G 51 23.09 14.60 2.15
N SER G 52 23.28 15.55 3.05
CA SER G 52 23.97 15.29 4.31
C SER G 52 23.16 14.35 5.20
N GLY G 53 23.86 13.75 6.17
CA GLY G 53 23.22 12.80 7.06
C GLY G 53 21.91 13.32 7.65
N SER G 54 21.93 14.54 8.15
CA SER G 54 20.74 15.13 8.78
C SER G 54 19.74 15.71 7.80
N GLY G 55 20.10 15.84 6.53
CA GLY G 55 19.28 16.42 5.50
C GLY G 55 19.44 17.92 5.37
N GLY G 56 20.26 18.53 6.22
CA GLY G 56 20.38 19.97 6.24
C GLY G 56 21.13 20.60 5.09
N SER G 57 21.95 19.83 4.38
CA SER G 57 22.72 20.33 3.24
C SER G 57 22.53 19.39 2.07
N THR G 58 22.21 19.94 0.90
CA THR G 58 21.92 19.16 -0.30
C THR G 58 22.60 19.84 -1.48
N TYR G 59 23.17 19.02 -2.36
CA TYR G 59 23.91 19.52 -3.52
C TYR G 59 23.43 18.80 -4.77
N TYR G 60 23.53 19.49 -5.90
CA TYR G 60 23.01 18.98 -7.17
C TYR G 60 23.98 19.24 -8.32
N ALA G 61 23.99 18.30 -9.26
CA ALA G 61 24.65 18.56 -10.55
C ALA G 61 23.93 19.68 -11.28
N ASP G 62 24.69 20.47 -12.05
CA ASP G 62 24.04 21.56 -12.77
C ASP G 62 22.96 21.05 -13.72
N SER G 63 23.13 19.83 -14.24
CA SER G 63 22.23 19.27 -15.23
C SER G 63 20.83 19.02 -14.67
N VAL G 64 20.67 18.99 -13.34
CA VAL G 64 19.35 18.71 -12.75
C VAL G 64 18.88 19.80 -11.80
N LYS G 65 19.66 20.87 -11.63
CA LYS G 65 19.31 21.93 -10.70
C LYS G 65 17.95 22.51 -11.05
N GLY G 66 17.10 22.68 -10.03
CA GLY G 66 15.80 23.30 -10.19
C GLY G 66 14.70 22.34 -10.61
N ARG G 67 15.05 21.13 -11.03
CA ARG G 67 14.09 20.13 -11.45
C ARG G 67 14.05 18.90 -10.54
N PHE G 68 15.19 18.55 -9.92
CA PHE G 68 15.29 17.39 -9.04
C PHE G 68 15.46 17.86 -7.61
N THR G 69 14.83 17.15 -6.68
CA THR G 69 14.90 17.47 -5.26
C THR G 69 15.13 16.22 -4.47
N THR G 70 16.24 16.19 -3.73
CA THR G 70 16.59 15.05 -2.89
C THR G 70 16.10 15.31 -1.49
N SER G 71 15.62 14.25 -0.83
CA SER G 71 15.23 14.34 0.57
C SER G 71 15.49 12.99 1.21
N ARG G 72 15.35 12.92 2.54
CA ARG G 72 15.55 11.65 3.23
C ARG G 72 14.67 11.58 4.46
N ASP G 73 14.32 10.37 4.85
CA ASP G 73 13.53 10.13 6.06
C ASP G 73 14.39 9.27 6.97
N ASN G 74 14.88 9.87 8.04
CA ASN G 74 15.87 9.20 8.90
C ASN G 74 15.25 8.31 9.96
N SER G 75 13.94 8.12 9.92
CA SER G 75 13.29 7.07 10.70
C SER G 75 12.97 5.86 9.85
N LYS G 76 12.52 6.09 8.61
CA LYS G 76 12.27 5.01 7.67
C LYS G 76 13.54 4.54 6.97
N ASN G 77 14.66 5.23 7.20
CA ASN G 77 15.95 4.94 6.56
C ASN G 77 15.77 4.90 5.07
N THR G 78 15.14 5.95 4.53
CA THR G 78 14.85 6.01 3.12
C THR G 78 15.36 7.31 2.51
N LEU G 79 15.97 7.19 1.34
CA LEU G 79 16.40 8.31 0.51
C LEU G 79 15.46 8.49 -0.67
N TYR G 80 15.16 9.73 -1.02
CA TYR G 80 14.27 10.02 -2.13
C TYR G 80 14.93 10.93 -3.16
N LEU G 81 14.51 10.76 -4.41
CA LEU G 81 14.84 11.69 -5.51
C LEU G 81 13.52 12.06 -6.21
N GLN G 82 13.08 13.30 -6.04
CA GLN G 82 11.86 13.77 -6.69
C GLN G 82 12.23 14.48 -7.99
N MET G 83 11.75 13.95 -9.12
CA MET G 83 12.05 14.54 -10.42
C MET G 83 10.81 15.22 -10.98
N ASN G 84 10.97 16.44 -11.42
CA ASN G 84 9.91 17.16 -12.10
C ASN G 84 10.48 17.67 -13.42
N SER G 85 9.56 18.02 -14.35
CA SER G 85 9.96 18.56 -15.65
C SER G 85 11.00 17.66 -16.33
N LEU G 86 10.72 16.36 -16.38
CA LEU G 86 11.70 15.41 -16.90
C LEU G 86 11.89 15.60 -18.40
N ARG G 87 13.10 15.29 -18.87
CA ARG G 87 13.49 15.45 -20.26
C ARG G 87 13.98 14.11 -20.77
N ALA G 88 13.91 13.93 -22.09
CA ALA G 88 14.39 12.69 -22.71
C ALA G 88 15.78 12.33 -22.24
N GLU G 89 16.65 13.32 -22.10
CA GLU G 89 18.04 13.04 -21.73
C GLU G 89 18.24 12.72 -20.26
N ASP G 90 17.18 12.79 -19.43
CA ASP G 90 17.27 12.20 -18.10
C ASP G 90 17.07 10.69 -18.09
N THR G 91 16.80 10.07 -19.25
CA THR G 91 16.68 8.62 -19.32
C THR G 91 18.00 7.98 -18.89
N ALA G 92 17.94 7.08 -17.92
CA ALA G 92 19.17 6.53 -17.34
C ALA G 92 18.78 5.46 -16.33
N VAL G 93 19.75 4.61 -15.99
CA VAL G 93 19.65 3.84 -14.75
C VAL G 93 20.08 4.72 -13.60
N TYR G 94 19.25 4.81 -12.55
CA TYR G 94 19.54 5.63 -11.38
C TYR G 94 19.94 4.73 -10.23
N TYR G 95 21.03 5.09 -9.57
CA TYR G 95 21.57 4.35 -8.43
C TYR G 95 21.57 5.18 -7.18
N CYS G 96 21.16 4.54 -6.09
CA CYS G 96 21.37 5.02 -4.76
C CYS G 96 22.77 4.57 -4.34
N ALA G 97 23.48 5.42 -3.59
CA ALA G 97 24.81 5.03 -3.11
C ALA G 97 25.21 5.76 -1.84
N LYS G 98 26.12 5.12 -1.10
CA LYS G 98 26.69 5.70 0.11
C LYS G 98 28.20 5.77 -0.07
N PHE G 99 28.74 6.98 -0.21
CA PHE G 99 30.19 7.19 -0.36
C PHE G 99 30.75 7.77 0.92
N SER G 100 31.66 7.05 1.56
CA SER G 100 32.21 7.53 2.82
C SER G 100 33.11 8.73 2.62
N GLY G 101 34.12 8.61 1.78
CA GLY G 101 35.11 9.69 1.75
C GLY G 101 35.70 10.03 3.12
N LYS G 102 36.51 11.08 3.13
CA LYS G 102 37.09 11.58 4.36
C LYS G 102 37.67 12.98 4.17
N CYS G 109 35.55 4.33 5.60
CA CYS G 109 35.32 2.90 5.41
C CYS G 109 34.70 2.61 4.03
N ARG G 110 33.86 1.59 3.92
CA ARG G 110 33.46 1.07 2.63
C ARG G 110 32.37 1.91 1.99
N ASP G 111 32.34 1.90 0.67
CA ASP G 111 31.26 2.51 -0.10
C ASP G 111 30.29 1.42 -0.52
N TYR G 112 29.03 1.82 -0.76
CA TYR G 112 27.99 0.87 -1.15
C TYR G 112 27.15 1.43 -2.30
N TRP G 113 26.71 0.54 -3.17
CA TRP G 113 25.88 0.85 -4.32
C TRP G 113 24.58 0.08 -4.23
N GLY G 114 23.48 0.70 -4.64
CA GLY G 114 22.27 -0.04 -4.94
C GLY G 114 22.40 -0.78 -6.26
N GLN G 115 21.28 -1.39 -6.67
CA GLN G 115 21.27 -2.18 -7.88
C GLN G 115 20.79 -1.40 -9.09
N GLY G 116 20.28 -0.18 -8.89
CA GLY G 116 19.84 0.62 -10.02
C GLY G 116 18.38 0.41 -10.36
N THR G 117 17.74 1.47 -10.85
CA THR G 117 16.39 1.38 -11.38
C THR G 117 16.32 2.21 -12.65
N LEU G 118 15.65 1.68 -13.68
CA LEU G 118 15.60 2.33 -14.97
C LEU G 118 14.51 3.39 -15.00
N VAL G 119 14.89 4.61 -15.40
CA VAL G 119 13.92 5.68 -15.68
C VAL G 119 13.95 5.98 -17.18
N THR G 120 12.80 5.85 -17.85
CA THR G 120 12.73 6.13 -19.29
C THR G 120 11.84 7.32 -19.49
N VAL G 121 12.35 8.38 -20.11
CA VAL G 121 11.54 9.55 -20.40
C VAL G 121 11.30 9.53 -21.90
N SER G 122 10.05 9.29 -22.29
CA SER G 122 9.74 9.04 -23.70
C SER G 122 8.29 9.37 -23.95
N SER G 123 8.01 9.83 -25.18
CA SER G 123 6.62 9.97 -25.60
C SER G 123 6.00 8.66 -26.07
N ALA G 124 6.76 7.57 -26.18
CA ALA G 124 6.20 6.29 -26.56
C ALA G 124 5.38 5.68 -25.43
N SER G 125 4.34 4.96 -25.80
CA SER G 125 3.44 4.38 -24.81
C SER G 125 3.89 2.97 -24.41
N THR G 126 3.47 2.56 -23.22
CA THR G 126 3.79 1.21 -22.76
C THR G 126 3.04 0.16 -23.56
N LYS G 127 3.68 -1.00 -23.77
CA LYS G 127 3.01 -2.15 -24.36
C LYS G 127 3.53 -3.39 -23.67
N GLY G 128 2.61 -4.21 -23.19
CA GLY G 128 3.01 -5.47 -22.58
C GLY G 128 3.25 -6.53 -23.64
N PRO G 129 4.02 -7.54 -23.27
CA PRO G 129 4.37 -8.59 -24.23
C PRO G 129 3.26 -9.62 -24.39
N SER G 130 3.30 -10.28 -25.54
CA SER G 130 2.64 -11.56 -25.74
C SER G 130 3.65 -12.65 -25.48
N VAL G 131 3.21 -13.73 -24.83
CA VAL G 131 4.13 -14.81 -24.45
C VAL G 131 3.72 -16.08 -25.18
N PHE G 132 4.69 -16.69 -25.89
CA PHE G 132 4.38 -17.91 -26.63
C PHE G 132 5.33 -19.01 -26.18
N PRO G 133 4.84 -20.26 -26.03
CA PRO G 133 5.72 -21.35 -25.63
C PRO G 133 6.62 -21.78 -26.78
N LEU G 134 7.84 -22.19 -26.45
CA LEU G 134 8.79 -22.74 -27.41
C LEU G 134 8.94 -24.22 -27.02
N ALA G 135 8.15 -25.07 -27.66
CA ALA G 135 8.15 -26.52 -27.41
C ALA G 135 9.49 -27.19 -27.79
N PRO G 136 9.78 -28.34 -27.22
CA PRO G 136 9.13 -29.27 -26.31
C PRO G 136 9.80 -29.35 -24.93
N GLY G 144 20.82 -36.44 -24.71
CA GLY G 144 20.23 -36.79 -23.42
C GLY G 144 19.31 -35.69 -22.91
N THR G 145 19.53 -34.51 -23.46
CA THR G 145 18.89 -33.25 -23.09
C THR G 145 18.05 -32.60 -24.18
N ALA G 146 17.11 -31.75 -23.73
CA ALA G 146 16.17 -31.04 -24.59
C ALA G 146 16.04 -29.58 -24.16
N ALA G 147 15.89 -28.71 -25.15
CA ALA G 147 15.72 -27.27 -24.95
C ALA G 147 14.24 -26.90 -25.15
N LEU G 148 13.70 -26.14 -24.21
CA LEU G 148 12.37 -25.58 -24.35
C LEU G 148 12.42 -24.15 -23.85
N GLY G 149 11.43 -23.35 -24.23
CA GLY G 149 11.56 -21.95 -23.84
C GLY G 149 10.28 -21.16 -23.97
N CYS G 150 10.42 -19.84 -23.84
CA CYS G 150 9.28 -18.94 -23.99
C CYS G 150 9.74 -17.74 -24.77
N LEU G 151 8.93 -17.33 -25.73
CA LEU G 151 9.16 -16.17 -26.56
C LEU G 151 8.32 -15.01 -26.00
N VAL G 152 8.98 -13.91 -25.66
CA VAL G 152 8.36 -12.74 -25.02
C VAL G 152 8.36 -11.62 -26.06
N LYS G 153 7.22 -11.42 -26.72
CA LYS G 153 7.15 -10.66 -27.96
C LYS G 153 6.56 -9.26 -27.79
N ASP G 154 7.25 -8.25 -28.31
CA ASP G 154 6.71 -6.90 -28.58
C ASP G 154 6.30 -6.16 -27.31
N TYR G 155 7.31 -5.73 -26.54
CA TYR G 155 7.00 -4.96 -25.35
C TYR G 155 7.82 -3.67 -25.28
N PHE G 156 7.38 -2.75 -24.43
CA PHE G 156 8.11 -1.51 -24.21
C PHE G 156 7.66 -0.91 -22.90
N PRO G 157 8.59 -0.38 -22.08
CA PRO G 157 10.04 -0.36 -22.14
C PRO G 157 10.62 -1.61 -21.49
N GLU G 158 11.93 -1.70 -21.44
CA GLU G 158 12.59 -2.65 -20.56
C GLU G 158 12.20 -2.29 -19.13
N PRO G 159 12.32 -3.23 -18.21
CA PRO G 159 12.76 -4.61 -18.33
C PRO G 159 11.63 -5.63 -18.22
N VAL G 160 11.96 -6.88 -18.53
CA VAL G 160 11.10 -8.03 -18.33
C VAL G 160 11.88 -9.03 -17.49
N THR G 161 11.19 -9.69 -16.57
CA THR G 161 11.81 -10.82 -15.88
C THR G 161 11.10 -12.12 -16.27
N VAL G 162 11.86 -13.21 -16.27
CA VAL G 162 11.35 -14.53 -16.59
C VAL G 162 11.88 -15.47 -15.51
N SER G 163 10.99 -16.22 -14.90
CA SER G 163 11.37 -17.34 -14.05
C SER G 163 10.71 -18.59 -14.62
N TRP G 164 11.10 -19.74 -14.06
CA TRP G 164 10.58 -21.02 -14.48
C TRP G 164 10.05 -21.76 -13.26
N ASN G 165 8.82 -22.26 -13.37
CA ASN G 165 8.14 -22.95 -12.28
C ASN G 165 8.20 -22.13 -11.00
N SER G 166 8.00 -20.83 -11.16
CA SER G 166 7.92 -19.87 -10.05
C SER G 166 9.17 -19.90 -9.19
N GLY G 167 10.33 -20.18 -9.80
CA GLY G 167 11.60 -20.21 -9.10
C GLY G 167 12.13 -21.59 -8.76
N ALA G 168 11.34 -22.65 -8.96
CA ALA G 168 11.82 -24.00 -8.69
C ALA G 168 12.89 -24.46 -9.67
N LEU G 169 12.96 -23.84 -10.85
CA LEU G 169 13.86 -24.26 -11.90
C LEU G 169 14.77 -23.08 -12.21
N THR G 170 16.06 -23.25 -11.96
CA THR G 170 17.05 -22.21 -12.19
C THR G 170 18.23 -22.77 -12.98
N SER G 171 18.55 -24.04 -12.75
CA SER G 171 19.66 -24.67 -13.45
C SER G 171 19.32 -24.87 -14.92
N GLY G 172 20.26 -24.52 -15.80
CA GLY G 172 20.05 -24.64 -17.23
C GLY G 172 19.21 -23.56 -17.85
N VAL G 173 18.82 -22.55 -17.09
CA VAL G 173 18.01 -21.46 -17.65
C VAL G 173 18.95 -20.46 -18.31
N HIS G 174 18.59 -20.01 -19.51
CA HIS G 174 19.30 -18.90 -20.14
C HIS G 174 18.28 -17.93 -20.70
N THR G 175 18.13 -16.78 -20.06
CA THR G 175 17.26 -15.74 -20.60
C THR G 175 18.11 -14.78 -21.40
N PHE G 176 17.79 -14.63 -22.67
CA PHE G 176 18.65 -13.87 -23.57
C PHE G 176 18.36 -12.37 -23.50
N PRO G 177 19.38 -11.53 -23.73
CA PRO G 177 19.13 -10.08 -23.89
C PRO G 177 18.12 -9.80 -25.00
N ALA G 178 17.30 -8.79 -24.79
CA ALA G 178 16.27 -8.45 -25.75
C ALA G 178 16.83 -7.87 -27.04
N VAL G 179 16.11 -8.10 -28.15
CA VAL G 179 16.30 -7.37 -29.39
C VAL G 179 15.41 -6.13 -29.34
N LEU G 180 15.94 -5.00 -29.79
CA LEU G 180 15.13 -3.79 -30.00
C LEU G 180 14.81 -3.71 -31.49
N GLN G 181 13.55 -3.92 -31.81
CA GLN G 181 13.14 -4.02 -33.20
C GLN G 181 12.95 -2.64 -33.82
N SER G 182 12.85 -2.62 -35.15
CA SER G 182 12.67 -1.37 -35.87
C SER G 182 11.39 -0.66 -35.45
N SER G 183 10.40 -1.41 -35.01
CA SER G 183 9.16 -0.88 -34.46
C SER G 183 9.38 -0.07 -33.20
N GLY G 184 10.54 -0.17 -32.56
CA GLY G 184 10.71 0.41 -31.24
C GLY G 184 10.25 -0.47 -30.10
N LEU G 185 9.79 -1.67 -30.39
CA LEU G 185 9.41 -2.63 -29.36
C LEU G 185 10.51 -3.66 -29.19
N TYR G 186 10.63 -4.17 -27.97
CA TYR G 186 11.56 -5.23 -27.63
C TYR G 186 10.90 -6.61 -27.75
N SER G 187 11.73 -7.64 -27.99
CA SER G 187 11.37 -9.04 -27.79
C SER G 187 12.56 -9.77 -27.18
N LEU G 188 12.28 -10.79 -26.37
CA LEU G 188 13.36 -11.64 -25.87
C LEU G 188 12.88 -13.08 -25.78
N SER G 189 13.82 -14.00 -25.55
CA SER G 189 13.49 -15.40 -25.34
C SER G 189 14.23 -15.92 -24.11
N SER G 190 13.60 -16.87 -23.42
CA SER G 190 14.23 -17.57 -22.30
C SER G 190 14.18 -19.07 -22.59
N VAL G 191 15.30 -19.75 -22.48
CA VAL G 191 15.34 -21.15 -22.85
C VAL G 191 15.90 -21.92 -21.66
N VAL G 192 15.39 -23.12 -21.42
CA VAL G 192 15.89 -23.97 -20.35
C VAL G 192 16.21 -25.33 -20.95
N THR G 193 17.34 -25.90 -20.51
CA THR G 193 17.80 -27.22 -20.93
C THR G 193 17.48 -28.22 -19.83
N VAL G 194 16.73 -29.27 -20.19
CA VAL G 194 16.24 -30.24 -19.22
C VAL G 194 16.50 -31.66 -19.74
N PRO G 195 16.40 -32.69 -18.90
CA PRO G 195 16.50 -34.06 -19.40
C PRO G 195 15.32 -34.38 -20.31
N SER G 196 15.62 -34.98 -21.47
CA SER G 196 14.55 -35.48 -22.34
C SER G 196 13.64 -36.46 -21.62
N SER G 197 14.21 -37.23 -20.68
CA SER G 197 13.42 -38.21 -19.95
C SER G 197 12.43 -37.53 -19.01
N SER G 198 12.64 -36.25 -18.70
CA SER G 198 11.67 -35.60 -17.83
C SER G 198 10.43 -35.12 -18.57
N LEU G 199 10.42 -35.09 -19.91
CA LEU G 199 9.20 -34.53 -20.48
C LEU G 199 8.05 -35.50 -20.26
N GLY G 200 6.84 -35.06 -20.59
CA GLY G 200 5.70 -35.91 -20.40
C GLY G 200 5.26 -35.94 -18.95
N THR G 201 6.22 -35.87 -18.02
CA THR G 201 5.93 -35.96 -16.60
C THR G 201 6.14 -34.65 -15.84
N GLN G 202 7.24 -33.94 -16.11
CA GLN G 202 7.53 -32.67 -15.44
C GLN G 202 6.82 -31.53 -16.16
N THR G 203 6.12 -30.69 -15.42
CA THR G 203 5.41 -29.56 -15.98
C THR G 203 6.41 -28.39 -16.01
N TYR G 204 6.45 -27.67 -17.12
CA TYR G 204 7.33 -26.50 -17.25
C TYR G 204 6.49 -25.27 -17.57
N ILE G 205 6.56 -24.27 -16.71
CA ILE G 205 5.82 -23.02 -16.85
C ILE G 205 6.80 -21.86 -16.78
N CYS G 206 6.77 -20.97 -17.78
CA CYS G 206 7.54 -19.75 -17.67
C CYS G 206 6.66 -18.64 -17.09
N ASN G 207 7.19 -17.94 -16.10
CA ASN G 207 6.50 -16.84 -15.44
C ASN G 207 7.13 -15.53 -15.93
N VAL G 208 6.38 -14.76 -16.71
CA VAL G 208 6.90 -13.55 -17.35
C VAL G 208 6.27 -12.34 -16.65
N ASN G 209 7.10 -11.40 -16.20
CA ASN G 209 6.59 -10.16 -15.59
C ASN G 209 7.12 -8.94 -16.32
N HIS G 210 6.20 -8.07 -16.78
CA HIS G 210 6.56 -6.80 -17.36
C HIS G 210 5.87 -5.75 -16.50
N LYS G 211 6.57 -5.29 -15.47
CA LYS G 211 5.94 -4.36 -14.53
C LYS G 211 5.46 -3.06 -15.14
N PRO G 212 6.11 -2.43 -16.13
CA PRO G 212 5.56 -1.16 -16.65
C PRO G 212 4.15 -1.27 -17.17
N SER G 213 3.73 -2.44 -17.66
CA SER G 213 2.39 -2.61 -18.20
C SER G 213 1.50 -3.46 -17.31
N ASN G 214 1.93 -3.71 -16.07
CA ASN G 214 1.17 -4.56 -15.13
C ASN G 214 0.87 -5.92 -15.72
N THR G 215 1.83 -6.46 -16.49
CA THR G 215 1.64 -7.76 -17.15
C THR G 215 2.37 -8.84 -16.36
N LYS G 216 1.65 -9.87 -15.95
CA LYS G 216 2.26 -11.05 -15.36
C LYS G 216 1.56 -12.22 -16.04
N VAL G 217 2.33 -13.00 -16.79
CA VAL G 217 1.81 -14.08 -17.62
C VAL G 217 2.52 -15.37 -17.22
N ASP G 218 1.75 -16.44 -17.02
CA ASP G 218 2.29 -17.78 -16.77
C ASP G 218 1.95 -18.67 -17.94
N LYS G 219 2.97 -19.18 -18.64
CA LYS G 219 2.73 -19.98 -19.84
C LYS G 219 3.30 -21.38 -19.68
N LYS G 220 2.44 -22.39 -19.81
CA LYS G 220 2.91 -23.77 -19.79
C LYS G 220 3.50 -24.17 -21.13
N VAL G 221 4.65 -24.84 -21.10
CA VAL G 221 5.39 -25.24 -22.30
C VAL G 221 5.34 -26.76 -22.40
N GLU G 222 4.61 -27.27 -23.39
CA GLU G 222 4.35 -28.68 -23.58
C GLU G 222 5.14 -29.25 -24.74
N PRO G 223 5.49 -30.53 -24.69
CA PRO G 223 6.07 -31.19 -25.86
C PRO G 223 5.12 -31.18 -27.05
N LYS G 224 5.71 -31.02 -28.24
CA LYS G 224 5.03 -31.06 -29.53
C LYS G 224 6.02 -30.61 -30.61
N GLN H 1 38.20 23.84 -9.34
CA GLN H 1 37.48 22.70 -8.78
C GLN H 1 38.21 21.38 -9.06
N LEU H 2 37.97 20.37 -8.22
CA LEU H 2 38.66 19.11 -8.36
C LEU H 2 38.19 18.35 -9.59
N VAL H 3 39.15 17.88 -10.39
CA VAL H 3 38.87 17.08 -11.58
C VAL H 3 39.68 15.80 -11.46
N LEU H 4 39.07 14.68 -11.83
CA LEU H 4 39.77 13.38 -11.86
C LEU H 4 39.93 12.98 -13.31
N THR H 5 41.17 12.74 -13.73
CA THR H 5 41.43 12.40 -15.12
C THR H 5 41.85 10.95 -15.22
N GLN H 6 41.17 10.21 -16.09
CA GLN H 6 41.51 8.82 -16.35
C GLN H 6 41.60 8.65 -17.87
N SER H 7 42.59 7.88 -18.31
CA SER H 7 42.63 7.51 -19.71
C SER H 7 41.48 6.55 -20.02
N PRO H 8 40.80 6.71 -21.15
CA PRO H 8 39.58 5.94 -21.39
C PRO H 8 39.80 4.47 -21.68
N SER H 9 41.00 4.04 -22.09
CA SER H 9 41.19 2.66 -22.47
C SER H 9 42.51 2.13 -21.93
N ALA H 10 42.52 0.82 -21.64
CA ALA H 10 43.74 0.10 -21.27
C ALA H 10 43.59 -1.35 -21.71
N SER H 11 44.72 -2.03 -21.96
CA SER H 11 44.58 -3.44 -22.29
C SER H 11 45.77 -4.18 -21.74
N ALA H 12 45.55 -5.47 -21.46
CA ALA H 12 46.61 -6.36 -21.02
C ALA H 12 46.16 -7.80 -21.25
N SER H 13 47.13 -8.71 -21.19
CA SER H 13 46.84 -10.11 -21.52
C SER H 13 46.31 -10.89 -20.34
N LEU H 14 45.52 -11.90 -20.65
CA LEU H 14 45.09 -12.89 -19.67
C LEU H 14 46.27 -13.40 -18.85
N GLY H 15 46.10 -13.41 -17.52
CA GLY H 15 47.13 -13.83 -16.59
C GLY H 15 48.17 -12.78 -16.26
N ALA H 16 48.23 -11.67 -17.02
CA ALA H 16 49.25 -10.65 -16.79
C ALA H 16 48.76 -9.63 -15.74
N SER H 17 49.54 -8.58 -15.55
CA SER H 17 49.19 -7.49 -14.63
C SER H 17 48.99 -6.19 -15.39
N VAL H 18 48.15 -5.31 -14.83
CA VAL H 18 47.96 -3.99 -15.43
C VAL H 18 47.76 -3.00 -14.28
N ARG H 19 48.22 -1.77 -14.50
CA ARG H 19 47.99 -0.71 -13.53
C ARG H 19 47.22 0.42 -14.21
N LEU H 20 46.08 0.82 -13.60
CA LEU H 20 45.29 1.94 -14.07
C LEU H 20 45.61 3.19 -13.24
N THR H 21 45.56 4.37 -13.88
CA THR H 21 45.92 5.64 -13.24
C THR H 21 44.73 6.61 -13.20
N CYS H 22 44.56 7.24 -12.04
CA CYS H 22 43.62 8.34 -11.85
C CYS H 22 44.46 9.53 -11.38
N THR H 23 44.39 10.66 -12.06
CA THR H 23 45.17 11.83 -11.68
C THR H 23 44.28 12.90 -11.07
N LEU H 24 44.60 13.32 -9.84
CA LEU H 24 43.92 14.46 -9.21
C LEU H 24 44.43 15.76 -9.82
N SER H 25 43.51 16.68 -10.10
CA SER H 25 43.89 18.01 -10.57
C SER H 25 44.69 18.75 -9.49
N SER H 26 45.46 19.73 -9.94
CA SER H 26 46.33 20.52 -9.06
C SER H 26 45.56 21.13 -7.90
N GLY H 27 46.19 21.11 -6.72
CA GLY H 27 45.58 21.61 -5.51
C GLY H 27 44.95 20.56 -4.64
N HIS H 28 44.87 19.32 -5.12
CA HIS H 28 44.17 18.28 -4.38
C HIS H 28 45.00 17.01 -4.27
N SER H 29 46.33 17.11 -4.45
CA SER H 29 47.15 15.90 -4.51
C SER H 29 47.24 15.18 -3.21
N SER H 30 46.36 15.41 -2.23
CA SER H 30 46.39 14.67 -0.99
C SER H 30 45.05 14.03 -0.70
N TYR H 31 44.14 14.02 -1.67
CA TYR H 31 42.78 13.52 -1.46
C TYR H 31 42.73 12.01 -1.55
N VAL H 32 41.78 11.44 -0.84
CA VAL H 32 41.43 10.03 -1.01
C VAL H 32 40.60 9.87 -2.27
N ILE H 33 40.77 8.76 -2.97
CA ILE H 33 39.87 8.40 -4.05
C ILE H 33 39.37 7.00 -3.75
N ALA H 34 38.26 6.65 -4.37
CA ALA H 34 37.76 5.30 -4.34
C ALA H 34 37.74 4.78 -5.77
N TRP H 35 37.99 3.49 -5.91
CA TRP H 35 37.84 2.81 -7.17
C TRP H 35 36.56 2.00 -7.17
N HIS H 36 35.82 2.08 -8.27
CA HIS H 36 34.61 1.30 -8.49
C HIS H 36 34.71 0.57 -9.81
N GLN H 37 34.29 -0.69 -9.81
CA GLN H 37 34.31 -1.51 -11.02
C GLN H 37 32.91 -1.63 -11.59
N GLN H 38 32.78 -1.61 -12.90
CA GLN H 38 31.50 -1.92 -13.51
C GLN H 38 31.69 -2.87 -14.68
N GLN H 39 31.29 -4.13 -14.47
CA GLN H 39 31.26 -5.12 -15.52
C GLN H 39 30.11 -4.86 -16.49
N SER H 40 30.23 -5.46 -17.67
CA SER H 40 29.23 -5.32 -18.72
C SER H 40 27.83 -5.59 -18.21
N GLU H 41 26.91 -4.66 -18.47
CA GLU H 41 25.49 -4.74 -18.11
C GLU H 41 25.23 -5.01 -16.63
N LYS H 42 26.18 -4.70 -15.75
CA LYS H 42 25.98 -4.86 -14.32
C LYS H 42 26.03 -3.48 -13.67
N GLY H 43 25.58 -3.41 -12.41
CA GLY H 43 25.76 -2.19 -11.64
C GLY H 43 27.19 -2.09 -11.10
N PRO H 44 27.60 -0.89 -10.64
CA PRO H 44 28.97 -0.72 -10.09
C PRO H 44 29.17 -1.50 -8.80
N ARG H 45 30.46 -1.83 -8.55
CA ARG H 45 30.89 -2.47 -7.31
C ARG H 45 32.05 -1.65 -6.76
N TYR H 46 31.97 -1.30 -5.49
CA TYR H 46 33.06 -0.59 -4.84
C TYR H 46 34.23 -1.53 -4.64
N LEU H 47 35.43 -1.08 -5.01
CA LEU H 47 36.62 -1.91 -4.79
C LEU H 47 37.40 -1.53 -3.55
N MET H 48 37.86 -0.30 -3.46
CA MET H 48 38.78 0.06 -2.40
C MET H 48 38.94 1.57 -2.39
N LYS H 49 39.48 2.09 -1.29
CA LYS H 49 39.93 3.48 -1.26
C LYS H 49 41.45 3.54 -1.31
N VAL H 50 41.95 4.66 -1.82
CA VAL H 50 43.39 4.88 -1.89
C VAL H 50 43.71 6.28 -1.40
N ASN H 51 44.48 6.38 -0.35
CA ASN H 51 44.85 7.72 0.03
C ASN H 51 46.27 8.04 -0.39
N SER H 52 46.63 9.29 -0.07
CA SER H 52 47.87 9.98 -0.34
C SER H 52 49.08 9.29 0.25
N ASP H 53 48.93 8.42 1.24
CA ASP H 53 50.10 7.77 1.80
C ASP H 53 50.34 6.42 1.15
N GLY H 54 49.44 6.02 0.26
CA GLY H 54 49.53 4.76 -0.44
C GLY H 54 48.74 3.63 0.15
N SER H 55 48.38 3.71 1.43
CA SER H 55 47.58 2.64 2.01
C SER H 55 46.22 2.56 1.30
N HIS H 56 45.54 1.44 1.49
CA HIS H 56 44.27 1.26 0.83
C HIS H 56 43.43 0.25 1.60
N SER H 57 42.11 0.46 1.63
CA SER H 57 41.16 -0.45 2.27
C SER H 57 40.19 -1.03 1.24
N LYS H 58 39.57 -2.19 1.53
CA LYS H 58 38.82 -2.94 0.52
C LYS H 58 37.39 -3.29 0.90
N GLY H 59 36.54 -3.40 -0.11
CA GLY H 59 35.19 -3.88 0.10
C GLY H 59 35.16 -5.39 0.28
N ASP H 60 33.98 -5.89 0.67
CA ASP H 60 33.88 -7.29 1.05
C ASP H 60 34.02 -8.18 -0.18
N GLY H 61 34.90 -9.19 -0.08
CA GLY H 61 34.99 -10.15 -1.15
C GLY H 61 35.87 -9.73 -2.30
N ILE H 62 36.51 -8.57 -2.22
CA ILE H 62 37.35 -8.11 -3.33
C ILE H 62 38.63 -8.95 -3.35
N PRO H 63 39.01 -9.51 -4.49
CA PRO H 63 40.12 -10.47 -4.51
C PRO H 63 41.46 -9.85 -4.16
N ASP H 64 42.37 -10.73 -3.69
CA ASP H 64 43.70 -10.29 -3.30
C ASP H 64 44.50 -9.74 -4.48
N ARG H 65 44.15 -10.10 -5.71
CA ARG H 65 44.89 -9.61 -6.87
C ARG H 65 44.59 -8.16 -7.21
N PHE H 66 43.61 -7.52 -6.54
CA PHE H 66 43.39 -6.08 -6.67
C PHE H 66 44.11 -5.33 -5.56
N SER H 67 44.87 -4.30 -5.93
CA SER H 67 45.49 -3.48 -4.90
C SER H 67 45.57 -2.05 -5.39
N GLY H 68 45.88 -1.14 -4.46
CA GLY H 68 45.93 0.27 -4.77
C GLY H 68 47.23 0.86 -4.23
N SER H 69 47.59 1.99 -4.81
CA SER H 69 48.80 2.70 -4.42
C SER H 69 48.71 4.14 -4.92
N SER H 70 49.69 4.95 -4.51
CA SER H 70 49.65 6.34 -4.88
C SER H 70 51.07 6.87 -5.03
N SER H 71 51.17 7.97 -5.79
CA SER H 71 52.43 8.68 -6.00
C SER H 71 52.08 10.11 -6.41
N GLY H 72 52.38 11.07 -5.54
CA GLY H 72 52.02 12.45 -5.88
C GLY H 72 50.51 12.59 -6.05
N ALA H 73 50.11 13.19 -7.16
CA ALA H 73 48.71 13.39 -7.53
C ALA H 73 48.12 12.17 -8.22
N GLU H 74 48.88 11.10 -8.38
CA GLU H 74 48.41 9.91 -9.08
C GLU H 74 47.93 8.86 -8.09
N ARG H 75 46.82 8.21 -8.43
CA ARG H 75 46.24 7.13 -7.68
C ARG H 75 46.11 5.93 -8.62
N TYR H 76 46.44 4.76 -8.13
CA TYR H 76 46.57 3.59 -8.99
C TYR H 76 45.72 2.44 -8.49
N LEU H 77 45.24 1.66 -9.44
CA LEU H 77 44.64 0.36 -9.20
C LEU H 77 45.47 -0.63 -9.99
N THR H 78 46.03 -1.62 -9.30
CA THR H 78 46.82 -2.66 -9.94
C THR H 78 46.08 -3.97 -9.83
N ILE H 79 45.91 -4.66 -10.95
CA ILE H 79 45.27 -5.96 -11.00
C ILE H 79 46.29 -6.93 -11.53
N SER H 80 46.61 -7.94 -10.73
CA SER H 80 47.51 -8.99 -11.15
C SER H 80 46.72 -10.24 -11.50
N SER H 81 47.37 -11.18 -12.18
CA SER H 81 46.75 -12.42 -12.64
C SER H 81 45.39 -12.19 -13.28
N LEU H 82 45.39 -11.39 -14.33
CA LEU H 82 44.13 -10.96 -14.97
C LEU H 82 43.29 -12.15 -15.40
N GLN H 83 41.98 -12.07 -15.11
CA GLN H 83 40.99 -13.06 -15.50
C GLN H 83 39.98 -12.37 -16.40
N SER H 84 39.19 -13.16 -17.15
CA SER H 84 38.28 -12.54 -18.12
C SER H 84 37.27 -11.61 -17.45
N GLU H 85 36.83 -11.96 -16.26
CA GLU H 85 35.83 -11.13 -15.59
C GLU H 85 36.38 -9.77 -15.17
N ASP H 86 37.71 -9.57 -15.19
CA ASP H 86 38.26 -8.25 -14.88
C ASP H 86 38.10 -7.28 -16.05
N GLU H 87 37.71 -7.77 -17.22
CA GLU H 87 37.38 -6.88 -18.34
C GLU H 87 36.15 -6.09 -17.94
N ALA H 88 36.30 -4.77 -17.78
CA ALA H 88 35.27 -3.96 -17.13
C ALA H 88 35.65 -2.50 -17.25
N ASP H 89 34.72 -1.62 -16.90
CA ASP H 89 35.05 -0.21 -16.71
C ASP H 89 35.43 0.03 -15.26
N TYR H 90 36.42 0.91 -15.05
CA TYR H 90 36.90 1.24 -13.71
C TYR H 90 36.82 2.75 -13.56
N TYR H 91 36.09 3.21 -12.55
CA TYR H 91 35.93 4.63 -12.28
C TYR H 91 36.63 5.01 -10.99
N CYS H 92 37.32 6.14 -10.99
CA CYS H 92 37.74 6.72 -9.71
C CYS H 92 36.76 7.81 -9.34
N GLN H 93 36.74 8.08 -8.03
CA GLN H 93 35.70 8.92 -7.46
C GLN H 93 36.18 9.53 -6.16
N THR H 94 35.81 10.79 -5.90
CA THR H 94 36.14 11.38 -4.61
C THR H 94 35.07 12.39 -4.29
N TRP H 95 35.33 13.16 -3.24
CA TRP H 95 34.45 14.23 -2.75
C TRP H 95 35.22 15.54 -2.75
N GLY H 96 34.59 16.62 -3.22
CA GLY H 96 35.25 17.91 -3.30
C GLY H 96 34.26 19.01 -2.98
N ALA H 97 34.32 19.53 -1.76
CA ALA H 97 33.51 20.69 -1.36
C ALA H 97 32.02 20.41 -1.51
N GLY H 98 31.57 19.41 -0.75
CA GLY H 98 30.20 18.93 -0.73
C GLY H 98 29.75 18.18 -1.95
N ILE H 99 30.54 18.18 -3.02
CA ILE H 99 30.19 17.67 -4.35
C ILE H 99 30.93 16.36 -4.59
N LEU H 100 30.27 15.40 -5.24
CA LEU H 100 30.96 14.18 -5.64
C LEU H 100 31.55 14.39 -7.02
N VAL H 101 32.73 13.79 -7.28
CA VAL H 101 33.39 13.90 -8.58
C VAL H 101 33.75 12.49 -9.06
N PHE H 102 33.43 12.20 -10.32
CA PHE H 102 33.81 10.96 -10.99
C PHE H 102 34.83 11.25 -12.07
N GLY H 103 35.80 10.34 -12.19
CA GLY H 103 36.57 10.25 -13.42
C GLY H 103 35.69 9.75 -14.55
N GLY H 104 36.21 9.85 -15.77
CA GLY H 104 35.47 9.42 -16.96
C GLY H 104 35.42 7.94 -17.20
N GLY H 105 36.18 7.16 -16.42
CA GLY H 105 36.23 5.72 -16.57
C GLY H 105 37.34 5.25 -17.50
N THR H 106 37.94 4.11 -17.13
CA THR H 106 38.88 3.40 -18.01
C THR H 106 38.30 2.04 -18.33
N LYS H 107 38.15 1.74 -19.61
CA LYS H 107 37.71 0.41 -20.04
C LYS H 107 38.94 -0.46 -20.18
N LEU H 108 39.00 -1.54 -19.39
CA LEU H 108 40.10 -2.49 -19.49
C LEU H 108 39.68 -3.64 -20.37
N THR H 109 40.46 -3.92 -21.40
CA THR H 109 40.27 -5.06 -22.27
C THR H 109 41.30 -6.12 -21.89
N VAL H 110 40.86 -7.36 -21.74
CA VAL H 110 41.75 -8.47 -21.40
C VAL H 110 41.97 -9.29 -22.67
N LEU H 111 43.19 -9.25 -23.18
CA LEU H 111 43.53 -9.87 -24.45
C LEU H 111 43.82 -11.36 -24.26
N SER H 112 43.73 -12.10 -25.36
CA SER H 112 44.22 -13.48 -25.40
C SER H 112 43.28 -14.45 -24.68
N GLN H 113 41.97 -14.14 -24.64
CA GLN H 113 41.03 -15.13 -24.12
C GLN H 113 40.79 -16.25 -25.14
N PRO H 114 40.42 -17.44 -24.70
CA PRO H 114 40.29 -18.57 -25.65
C PRO H 114 39.08 -18.44 -26.55
N LYS H 115 39.28 -18.80 -27.83
CA LYS H 115 38.20 -18.92 -28.80
C LYS H 115 37.19 -19.96 -28.36
N ALA H 116 35.90 -19.67 -28.57
CA ALA H 116 34.80 -20.57 -28.25
C ALA H 116 33.77 -20.52 -29.37
N ALA H 117 33.35 -21.71 -29.87
CA ALA H 117 32.40 -21.78 -30.98
C ALA H 117 30.97 -21.61 -30.49
N PRO H 118 30.10 -21.03 -31.31
CA PRO H 118 28.71 -20.81 -30.87
C PRO H 118 27.89 -22.10 -30.84
N SER H 119 27.05 -22.22 -29.81
CA SER H 119 25.94 -23.15 -29.76
C SER H 119 24.69 -22.47 -30.32
N VAL H 120 23.96 -23.17 -31.20
CA VAL H 120 22.80 -22.59 -31.86
C VAL H 120 21.56 -23.45 -31.59
N THR H 121 20.46 -22.80 -31.21
CA THR H 121 19.17 -23.48 -31.08
C THR H 121 18.17 -22.69 -31.89
N LEU H 122 17.40 -23.38 -32.74
CA LEU H 122 16.40 -22.74 -33.58
C LEU H 122 15.03 -23.30 -33.26
N PHE H 123 14.07 -22.39 -32.96
CA PHE H 123 12.69 -22.77 -32.71
C PHE H 123 11.79 -22.29 -33.84
N PRO H 124 10.84 -23.11 -34.26
CA PRO H 124 9.83 -22.67 -35.23
C PRO H 124 8.75 -21.84 -34.54
N PRO H 125 7.83 -21.26 -35.30
CA PRO H 125 6.68 -20.58 -34.68
C PRO H 125 5.85 -21.54 -33.83
N SER H 126 5.32 -21.03 -32.72
CA SER H 126 4.44 -21.85 -31.91
C SER H 126 3.08 -21.99 -32.59
N SER H 127 2.34 -23.04 -32.20
CA SER H 127 0.94 -23.17 -32.60
C SER H 127 0.13 -21.93 -32.21
N GLU H 128 0.36 -21.42 -30.99
CA GLU H 128 -0.41 -20.29 -30.49
C GLU H 128 -0.16 -19.04 -31.33
N GLU H 129 1.10 -18.80 -31.69
CA GLU H 129 1.39 -17.62 -32.49
C GLU H 129 0.79 -17.73 -33.88
N LEU H 130 0.87 -18.91 -34.49
CA LEU H 130 0.25 -19.08 -35.80
C LEU H 130 -1.26 -18.87 -35.69
N GLN H 131 -1.86 -19.30 -34.57
CA GLN H 131 -3.29 -19.10 -34.38
C GLN H 131 -3.65 -17.62 -34.32
N ALA H 132 -2.73 -16.80 -33.83
CA ALA H 132 -2.86 -15.35 -33.84
C ALA H 132 -2.46 -14.74 -35.17
N ASN H 133 -2.26 -15.54 -36.21
CA ASN H 133 -1.93 -15.03 -37.55
C ASN H 133 -0.55 -14.38 -37.61
N LYS H 134 0.41 -14.90 -36.85
CA LYS H 134 1.77 -14.39 -36.86
C LYS H 134 2.73 -15.57 -36.87
N ALA H 135 4.00 -15.28 -37.14
CA ALA H 135 5.00 -16.35 -37.11
C ALA H 135 6.37 -15.75 -36.87
N THR H 136 7.06 -16.27 -35.86
CA THR H 136 8.42 -15.83 -35.56
C THR H 136 9.30 -17.06 -35.42
N LEU H 137 10.39 -17.07 -36.18
CA LEU H 137 11.46 -18.03 -35.97
C LEU H 137 12.51 -17.43 -35.05
N VAL H 138 13.00 -18.24 -34.10
CA VAL H 138 13.81 -17.78 -32.99
C VAL H 138 15.13 -18.56 -33.02
N CYS H 139 16.22 -17.87 -33.30
CA CYS H 139 17.56 -18.48 -33.39
C CYS H 139 18.40 -17.97 -32.23
N LEU H 140 18.74 -18.85 -31.29
CA LEU H 140 19.45 -18.48 -30.06
C LEU H 140 20.89 -18.94 -30.17
N ILE H 141 21.83 -18.03 -29.91
CA ILE H 141 23.25 -18.26 -30.17
C ILE H 141 24.01 -18.00 -28.87
N SER H 142 24.73 -19.00 -28.38
CA SER H 142 25.33 -18.79 -27.05
C SER H 142 26.75 -19.33 -27.00
N ASP H 143 27.47 -18.92 -25.95
CA ASP H 143 28.75 -19.49 -25.56
C ASP H 143 29.85 -19.28 -26.59
N PHE H 144 29.86 -18.16 -27.32
CA PHE H 144 30.92 -17.94 -28.29
C PHE H 144 31.91 -16.84 -27.86
N TYR H 145 33.14 -16.96 -28.36
CA TYR H 145 34.16 -15.94 -28.11
C TYR H 145 35.17 -15.98 -29.26
N PRO H 146 35.54 -14.81 -29.83
CA PRO H 146 35.17 -13.42 -29.55
C PRO H 146 33.71 -13.11 -29.82
N GLY H 147 33.29 -11.93 -29.34
CA GLY H 147 31.89 -11.55 -29.34
C GLY H 147 31.43 -10.90 -30.63
N ALA H 148 31.54 -11.63 -31.74
CA ALA H 148 31.07 -11.17 -33.04
C ALA H 148 30.63 -12.38 -33.86
N VAL H 149 29.44 -12.26 -34.46
CA VAL H 149 28.87 -13.27 -35.35
C VAL H 149 28.14 -12.55 -36.47
N THR H 150 27.94 -13.27 -37.57
CA THR H 150 26.97 -12.85 -38.59
C THR H 150 25.91 -13.94 -38.71
N VAL H 151 24.67 -13.52 -38.90
CA VAL H 151 23.55 -14.45 -39.00
C VAL H 151 22.91 -14.29 -40.38
N ALA H 152 22.65 -15.42 -41.04
CA ALA H 152 21.96 -15.39 -42.33
C ALA H 152 20.80 -16.37 -42.29
N TRP H 153 19.67 -15.96 -42.84
CA TRP H 153 18.49 -16.81 -42.86
C TRP H 153 18.21 -17.30 -44.27
N LYS H 154 17.56 -18.45 -44.35
CA LYS H 154 17.22 -19.07 -45.64
C LYS H 154 15.83 -19.67 -45.57
N ALA H 155 15.03 -19.38 -46.60
CA ALA H 155 13.79 -20.09 -46.88
C ALA H 155 14.10 -21.16 -47.91
N ASP H 156 13.95 -22.43 -47.51
CA ASP H 156 14.57 -23.54 -48.22
C ASP H 156 16.05 -23.19 -48.34
N SER H 157 16.57 -22.91 -49.52
CA SER H 157 17.94 -22.38 -49.58
C SER H 157 18.03 -21.04 -50.30
N SER H 158 16.92 -20.24 -50.31
CA SER H 158 16.95 -18.86 -50.82
C SER H 158 17.22 -17.90 -49.66
N PRO H 159 18.03 -16.87 -49.86
CA PRO H 159 18.28 -15.92 -48.77
C PRO H 159 17.00 -15.17 -48.44
N VAL H 160 16.79 -14.94 -47.14
CA VAL H 160 15.72 -14.09 -46.62
C VAL H 160 16.38 -12.91 -45.89
N LYS H 161 16.11 -11.69 -46.34
CA LYS H 161 16.61 -10.53 -45.62
C LYS H 161 15.53 -9.75 -44.87
N ALA H 162 14.31 -9.71 -45.41
CA ALA H 162 13.23 -8.97 -44.80
C ALA H 162 12.77 -9.67 -43.53
N GLY H 163 12.42 -8.88 -42.52
CA GLY H 163 11.84 -9.44 -41.31
C GLY H 163 12.85 -9.99 -40.33
N VAL H 164 14.13 -9.67 -40.51
CA VAL H 164 15.22 -10.16 -39.65
C VAL H 164 15.60 -9.07 -38.65
N GLU H 165 15.62 -9.42 -37.37
CA GLU H 165 16.15 -8.55 -36.32
C GLU H 165 17.14 -9.36 -35.50
N THR H 166 18.36 -8.85 -35.37
CA THR H 166 19.45 -9.56 -34.71
C THR H 166 20.11 -8.66 -33.68
N THR H 167 20.41 -9.22 -32.49
CA THR H 167 21.03 -8.42 -31.43
C THR H 167 22.51 -8.23 -31.65
N THR H 168 23.06 -7.18 -31.01
CA THR H 168 24.51 -7.16 -30.86
C THR H 168 24.89 -8.14 -29.76
N PRO H 169 26.04 -8.79 -29.87
CA PRO H 169 26.44 -9.77 -28.86
C PRO H 169 26.64 -9.09 -27.52
N SER H 170 26.27 -9.80 -26.47
CA SER H 170 26.47 -9.30 -25.12
C SER H 170 27.09 -10.39 -24.28
N LYS H 171 27.89 -9.98 -23.30
CA LYS H 171 28.65 -10.93 -22.52
C LYS H 171 27.74 -11.69 -21.56
N GLN H 172 27.92 -13.01 -21.50
CA GLN H 172 27.24 -13.88 -20.55
C GLN H 172 28.00 -13.94 -19.22
N SER H 173 27.34 -14.50 -18.19
CA SER H 173 27.99 -14.59 -16.89
C SER H 173 29.23 -15.48 -16.92
N ASN H 174 29.34 -16.38 -17.90
CA ASN H 174 30.54 -17.21 -18.05
C ASN H 174 31.59 -16.58 -18.96
N ASN H 175 31.42 -15.30 -19.31
CA ASN H 175 32.37 -14.47 -20.05
C ASN H 175 32.49 -14.86 -21.52
N LYS H 176 31.60 -15.73 -22.01
CA LYS H 176 31.40 -15.91 -23.43
C LYS H 176 30.20 -15.05 -23.83
N TYR H 177 29.88 -15.03 -25.11
CA TYR H 177 28.87 -14.11 -25.61
C TYR H 177 27.61 -14.83 -26.06
N ALA H 178 26.52 -14.07 -26.08
CA ALA H 178 25.21 -14.53 -26.54
C ALA H 178 24.63 -13.53 -27.54
N ALA H 179 23.83 -14.04 -28.47
CA ALA H 179 23.14 -13.20 -29.41
C ALA H 179 21.89 -13.94 -29.85
N SER H 180 20.93 -13.20 -30.40
CA SER H 180 19.74 -13.88 -30.90
C SER H 180 19.31 -13.19 -32.17
N SER H 181 18.61 -13.95 -33.01
CA SER H 181 18.09 -13.42 -34.26
C SER H 181 16.67 -13.93 -34.42
N TYR H 182 15.79 -13.02 -34.86
CA TYR H 182 14.36 -13.26 -35.00
C TYR H 182 13.96 -13.03 -36.45
N LEU H 183 13.27 -14.01 -37.04
CA LEU H 183 12.77 -13.87 -38.40
C LEU H 183 11.25 -13.91 -38.33
N SER H 184 10.62 -12.80 -38.76
CA SER H 184 9.17 -12.65 -38.79
C SER H 184 8.65 -13.02 -40.16
N LEU H 185 7.63 -13.89 -40.18
CA LEU H 185 7.00 -14.39 -41.40
C LEU H 185 5.49 -14.34 -41.25
N THR H 186 4.79 -14.44 -42.39
CA THR H 186 3.38 -14.77 -42.31
C THR H 186 3.20 -16.27 -42.09
N PRO H 187 2.07 -16.69 -41.48
CA PRO H 187 1.80 -18.13 -41.41
C PRO H 187 1.82 -18.81 -42.76
N GLU H 188 1.39 -18.08 -43.81
CA GLU H 188 1.42 -18.61 -45.17
C GLU H 188 2.85 -18.89 -45.63
N GLN H 189 3.76 -17.93 -45.42
CA GLN H 189 5.16 -18.14 -45.77
C GLN H 189 5.77 -19.32 -44.99
N TRP H 190 5.50 -19.41 -43.69
CA TRP H 190 6.00 -20.54 -42.92
C TRP H 190 5.55 -21.86 -43.53
N LYS H 191 4.27 -21.94 -43.89
CA LYS H 191 3.71 -23.20 -44.36
C LYS H 191 4.06 -23.51 -45.81
N SER H 192 4.56 -22.53 -46.57
CA SER H 192 4.78 -22.68 -48.00
C SER H 192 6.19 -23.16 -48.37
N HIS H 193 7.10 -23.32 -47.42
CA HIS H 193 8.44 -23.80 -47.72
C HIS H 193 8.67 -25.13 -47.03
N ARG H 194 9.61 -25.91 -47.57
CA ARG H 194 9.93 -27.19 -46.96
C ARG H 194 10.71 -27.02 -45.66
N SER H 195 11.56 -25.99 -45.59
CA SER H 195 12.27 -25.71 -44.35
C SER H 195 12.75 -24.28 -44.31
N TYR H 196 13.15 -23.83 -43.10
CA TYR H 196 13.90 -22.60 -42.90
C TYR H 196 15.13 -22.92 -42.06
N SER H 197 16.21 -22.17 -42.28
CA SER H 197 17.45 -22.33 -41.51
C SER H 197 18.07 -20.98 -41.13
N CYS H 198 18.87 -21.00 -40.05
CA CYS H 198 19.46 -19.81 -39.43
C CYS H 198 20.93 -19.49 -39.75
N GLN H 199 21.80 -20.47 -39.94
CA GLN H 199 23.23 -20.27 -40.24
C GLN H 199 23.96 -19.13 -39.49
N VAL H 200 24.79 -19.49 -38.51
CA VAL H 200 25.57 -18.51 -37.75
C VAL H 200 27.05 -18.62 -38.13
N THR H 201 27.66 -17.53 -38.60
CA THR H 201 29.09 -17.52 -38.91
C THR H 201 29.91 -16.87 -37.80
N HIS H 202 30.93 -17.56 -37.32
CA HIS H 202 31.79 -17.10 -36.24
C HIS H 202 33.22 -17.41 -36.61
N GLU H 203 34.07 -16.37 -36.72
CA GLU H 203 35.49 -16.57 -36.95
C GLU H 203 35.71 -17.49 -38.15
N GLY H 204 34.97 -17.24 -39.22
CA GLY H 204 35.12 -17.95 -40.48
C GLY H 204 34.44 -19.30 -40.59
N SER H 205 33.78 -19.79 -39.54
CA SER H 205 33.12 -21.10 -39.55
C SER H 205 31.62 -20.95 -39.30
N THR H 206 30.81 -21.73 -40.03
CA THR H 206 29.36 -21.60 -40.01
C THR H 206 28.70 -22.78 -39.33
N VAL H 207 27.79 -22.49 -38.39
CA VAL H 207 26.92 -23.47 -37.76
C VAL H 207 25.52 -23.20 -38.28
N GLU H 208 24.76 -24.26 -38.60
CA GLU H 208 23.46 -24.12 -39.24
C GLU H 208 22.42 -24.96 -38.51
N LYS H 209 21.21 -24.41 -38.32
CA LYS H 209 20.10 -25.19 -37.79
C LYS H 209 18.91 -24.99 -38.71
N THR H 210 18.05 -26.01 -38.77
CA THR H 210 16.92 -26.02 -39.70
C THR H 210 15.66 -26.47 -38.96
N VAL H 211 14.52 -25.91 -39.34
CA VAL H 211 13.22 -26.36 -38.84
C VAL H 211 12.27 -26.49 -40.03
N ALA H 212 11.25 -27.33 -39.87
CA ALA H 212 10.38 -27.56 -40.99
C ALA H 212 8.94 -27.58 -40.49
N PRO H 213 8.06 -26.98 -41.25
CA PRO H 213 6.66 -26.94 -40.90
C PRO H 213 6.07 -28.30 -40.78
N THR H 214 6.61 -29.26 -41.49
CA THR H 214 6.03 -30.58 -41.49
C THR H 214 6.43 -31.50 -40.42
N GLU H 215 7.03 -31.02 -39.34
CA GLU H 215 7.34 -31.95 -38.27
C GLU H 215 7.44 -31.54 -36.81
#